data_7NDT
#
_entry.id   7NDT
#
_cell.length_a   117.614
_cell.length_b   76.577
_cell.length_c   130.341
_cell.angle_alpha   90.000
_cell.angle_beta   107.639
_cell.angle_gamma   90.000
#
_symmetry.space_group_name_H-M   'P 1 21 1'
#
loop_
_entity.id
_entity.type
_entity.pdbx_description
1 polymer 'HLA class I histocompatibility antigen, alpha chain E'
2 polymer Beta-2-microglobulin
3 polymer 'UL40(15-23 H4C)'
4 polymer 'T cell receptor alpha variable 26-1,T cell receptor alpha joining 37,T cell receptor alpha chain constant'
5 polymer 'T cell receptor beta variable 14,T cell receptor beta joining 2-3,T cell receptor beta constant 2'
6 water water
#
loop_
_entity_poly.entity_id
_entity_poly.type
_entity_poly.pdbx_seq_one_letter_code
_entity_poly.pdbx_strand_id
1 'polypeptide(L)'
;MGSHSLKYFHTSVSRPGRGEPRFISVGYVDDTQFVRFDNDAASPRMVPRAPWMEQEGSEYWDRETRSARDTAQIFRVNLR
TLRGYYNQSEAGSHTLQWMHGCELGPDGRFLRGYEQCAYDGKDYLTLNEDLRSWTAVDTAAQISEQKSNDASEAEHQRAY
LEDTCVEWLHKYLEKGKETLLHLEPPKTHVTHHPISDHEATLRCWALGFYPAEITLTWQQDGEGHTQDTELVETRPAGDG
TFQKWAAVVVPSGEEQRYTCHVQHEGLPEPVTLRWKP
;
AAA,FFF
2 'polypeptide(L)'
;MIQRTPKIQVYSRHPAENGKSNFLNCYVSGFHPSDIEVDLLKNGERIEKVEHSDLSFSKDWSFYLLYYTEFTPTEKDEYA
CRVNHVTLSQPKIVKWDRDM
;
BBB,GGG
3 'polypeptide(L)' VMAPRTLI(QM8) CCC,HHH
4 'polypeptide(L)'
;MAAKTTQPPSMDVAEGRAANLPCNHSTISGNEYVYWYRQIHSQGPQYIIHGLKNNETNEMASLIITEDRKSSTLILPHAT
LRDTAVYYCIVVRSSNTGKLIFGQGTTLQVKPDIQNPDPAVYQLRDSKSSDKSVCLFTDFDSQTNVSQSKDSDVYITDKC
VLDMRSMDFKSNSAVAWSNKSDFACANAFNNSIIPEDT
;
DDD,III
5 'polypeptide(L)'
;MEAGVTQFPSHSVIEKGQTVTLRCDPISGHDNLYWYRRVMGKEIKFLLHFVKESKQDESGMPNNRFLAERTGGTYSTLKV
QPAELEDSGVYFCASSQDRDTQYFGPGTRLTVLEDLKNVFPPEVAVFEPSEAEISHTQKATLVCLATGFYPDHVELSWWV
NGKEVHSGVCTDPQPLKEQPALNDSRYALSSRLRVSATFWQNPRNHFRCQVQFYGLSENDEWTQDRAKPVTQIVSAEAWG
RAD
;
EEE,JJJ
#
# COMPACT_ATOMS: atom_id res chain seq x y z
N SER A 3 -27.45 -2.09 50.14
CA SER A 3 -27.53 -1.49 48.77
C SER A 3 -27.02 -0.05 48.78
N HIS A 4 -25.82 0.17 48.20
CA HIS A 4 -25.12 1.48 48.09
C HIS A 4 -24.75 1.72 46.63
N SER A 5 -24.40 2.96 46.26
CA SER A 5 -24.12 3.41 44.88
C SER A 5 -22.93 4.38 44.85
N LEU A 6 -22.14 4.39 43.76
CA LEU A 6 -21.14 5.45 43.45
C LEU A 6 -21.41 5.97 42.04
N LYS A 7 -22.31 6.96 41.94
CA LYS A 7 -22.70 7.62 40.66
C LYS A 7 -21.93 8.94 40.53
N TYR A 8 -21.54 9.29 39.30
CA TYR A 8 -21.08 10.65 38.91
C TYR A 8 -22.01 11.19 37.83
N PHE A 9 -22.13 12.52 37.72
CA PHE A 9 -22.99 13.22 36.74
C PHE A 9 -22.21 14.36 36.07
N HIS A 10 -21.76 14.12 34.84
CA HIS A 10 -20.98 15.06 34.01
C HIS A 10 -21.94 15.81 33.06
N THR A 11 -21.83 17.14 33.00
CA THR A 11 -22.57 18.04 32.08
C THR A 11 -21.57 18.89 31.30
N SER A 12 -21.69 18.92 29.98
CA SER A 12 -20.95 19.86 29.08
C SER A 12 -21.98 20.68 28.30
N VAL A 13 -21.79 22.01 28.24
CA VAL A 13 -22.72 22.96 27.56
C VAL A 13 -21.90 23.91 26.68
N SER A 14 -22.11 23.85 25.36
CA SER A 14 -21.46 24.76 24.36
C SER A 14 -22.01 26.18 24.54
N ARG A 15 -21.17 27.19 24.31
CA ARG A 15 -21.50 28.63 24.47
C ARG A 15 -20.89 29.40 23.30
N PRO A 16 -21.52 29.33 22.10
CA PRO A 16 -20.96 29.92 20.87
C PRO A 16 -20.48 31.37 21.03
N GLY A 17 -21.25 32.20 21.75
CA GLY A 17 -20.84 33.56 22.16
C GLY A 17 -19.46 33.55 22.81
N ARG A 18 -19.35 32.96 24.00
CA ARG A 18 -18.10 32.89 24.82
C ARG A 18 -17.12 31.91 24.15
N GLY A 19 -16.37 31.14 24.95
CA GLY A 19 -15.31 30.23 24.47
C GLY A 19 -15.68 28.78 24.73
N GLU A 20 -14.67 27.97 25.09
CA GLU A 20 -14.80 26.51 25.30
C GLU A 20 -16.08 26.23 26.07
N PRO A 21 -16.75 25.09 25.79
CA PRO A 21 -17.94 24.69 26.54
C PRO A 21 -17.70 24.68 28.06
N ARG A 22 -18.75 25.03 28.80
CA ARG A 22 -18.80 24.88 30.28
C ARG A 22 -18.94 23.39 30.61
N PHE A 23 -18.05 22.83 31.45
CA PHE A 23 -18.03 21.41 31.86
C PHE A 23 -18.05 21.30 33.39
N ILE A 24 -18.97 20.47 33.94
CA ILE A 24 -19.16 20.25 35.40
C ILE A 24 -19.27 18.75 35.66
N SER A 25 -18.58 18.26 36.70
CA SER A 25 -18.69 16.87 37.23
C SER A 25 -19.18 16.95 38.69
N VAL A 26 -20.06 16.03 39.11
CA VAL A 26 -20.44 15.85 40.54
C VAL A 26 -20.41 14.36 40.86
N GLY A 27 -19.88 13.98 42.02
CA GLY A 27 -19.83 12.58 42.50
C GLY A 27 -20.71 12.40 43.72
N TYR A 28 -21.44 11.29 43.77
CA TYR A 28 -22.38 10.93 44.87
C TYR A 28 -22.10 9.50 45.36
N VAL A 29 -21.86 9.34 46.65
CA VAL A 29 -21.96 8.03 47.37
C VAL A 29 -23.37 7.98 47.95
N ASP A 30 -24.25 7.17 47.36
CA ASP A 30 -25.70 7.10 47.70
C ASP A 30 -26.29 8.48 47.43
N ASP A 31 -26.80 9.16 48.47
CA ASP A 31 -27.52 10.45 48.35
C ASP A 31 -26.61 11.60 48.78
N THR A 32 -25.33 11.32 49.06
CA THR A 32 -24.33 12.29 49.57
C THR A 32 -23.36 12.67 48.44
N GLN A 33 -23.33 13.94 48.02
CA GLN A 33 -22.26 14.47 47.14
C GLN A 33 -20.96 14.55 47.94
N PHE A 34 -19.83 14.24 47.31
CA PHE A 34 -18.50 14.17 47.98
C PHE A 34 -17.40 14.89 47.19
N VAL A 35 -17.53 15.05 45.86
CA VAL A 35 -16.54 15.81 45.02
C VAL A 35 -17.28 16.53 43.89
N ARG A 36 -16.60 17.49 43.26
CA ARG A 36 -17.08 18.17 42.04
C ARG A 36 -15.92 18.85 41.30
N PHE A 37 -16.05 18.95 39.97
CA PHE A 37 -15.13 19.68 39.06
C PHE A 37 -15.94 20.70 38.26
N ASP A 38 -15.39 21.90 38.07
CA ASP A 38 -16.01 23.00 37.28
C ASP A 38 -14.88 23.81 36.63
N ASN A 39 -14.71 23.70 35.30
CA ASN A 39 -13.88 24.68 34.53
C ASN A 39 -14.62 26.01 34.66
N ASP A 40 -14.16 27.10 34.02
CA ASP A 40 -14.76 28.45 34.23
C ASP A 40 -14.87 28.73 35.73
N ALA A 41 -13.88 28.32 36.53
CA ALA A 41 -13.83 28.46 38.00
C ALA A 41 -12.37 28.64 38.46
N ALA A 42 -12.20 29.27 39.63
CA ALA A 42 -10.92 29.70 40.25
C ALA A 42 -9.91 28.53 40.23
N SER A 43 -10.35 27.37 40.72
CA SER A 43 -9.62 26.06 40.70
C SER A 43 -10.06 25.25 39.47
N PRO A 44 -9.26 25.18 38.37
CA PRO A 44 -9.63 24.35 37.23
C PRO A 44 -9.42 22.85 37.55
N ARG A 45 -9.94 22.41 38.71
CA ARG A 45 -9.50 21.18 39.43
C ARG A 45 -10.66 20.53 40.19
N MET A 46 -10.63 19.20 40.32
CA MET A 46 -11.54 18.41 41.19
C MET A 46 -11.21 18.75 42.64
N VAL A 47 -12.23 18.89 43.47
CA VAL A 47 -12.12 19.34 44.89
C VAL A 47 -13.13 18.59 45.74
N PRO A 48 -12.89 18.47 47.07
CA PRO A 48 -13.84 17.82 47.97
C PRO A 48 -15.13 18.62 48.14
N ARG A 49 -16.23 17.92 48.45
CA ARG A 49 -17.57 18.50 48.72
C ARG A 49 -18.23 17.77 49.90
N ALA A 50 -17.43 17.14 50.76
CA ALA A 50 -17.88 16.43 51.97
C ALA A 50 -16.73 16.37 52.97
N PRO A 51 -17.00 16.67 54.27
CA PRO A 51 -15.95 16.72 55.28
C PRO A 51 -14.91 15.59 55.18
N TRP A 52 -15.37 14.36 54.91
CA TRP A 52 -14.59 13.11 55.05
C TRP A 52 -13.66 12.88 53.84
N MET A 53 -13.77 13.71 52.81
CA MET A 53 -12.89 13.68 51.62
C MET A 53 -11.72 14.65 51.78
N GLU A 54 -11.67 15.43 52.85
CA GLU A 54 -10.74 16.59 52.99
C GLU A 54 -9.33 16.11 53.35
N GLN A 55 -9.11 14.80 53.53
CA GLN A 55 -7.80 14.25 53.96
C GLN A 55 -7.27 13.27 52.91
N GLU A 56 -7.89 13.21 51.73
CA GLU A 56 -7.34 12.51 50.54
C GLU A 56 -6.13 13.28 50.02
N GLY A 57 -5.05 12.58 49.69
CA GLY A 57 -3.74 13.16 49.34
C GLY A 57 -3.74 13.87 48.00
N SER A 58 -2.65 14.56 47.66
CA SER A 58 -2.47 15.30 46.39
C SER A 58 -2.61 14.36 45.18
N GLU A 59 -2.04 13.15 45.27
CA GLU A 59 -2.08 12.15 44.16
C GLU A 59 -3.53 11.90 43.75
N TYR A 60 -4.45 11.74 44.70
CA TYR A 60 -5.90 11.51 44.44
C TYR A 60 -6.45 12.67 43.61
N TRP A 61 -6.27 13.90 44.10
CA TRP A 61 -6.87 15.12 43.50
C TRP A 61 -6.21 15.44 42.17
N ASP A 62 -4.89 15.20 42.05
CA ASP A 62 -4.12 15.46 40.81
C ASP A 62 -4.60 14.49 39.71
N ARG A 63 -4.87 13.23 40.06
CA ARG A 63 -5.41 12.21 39.14
C ARG A 63 -6.83 12.58 38.73
N GLU A 64 -7.72 12.74 39.70
CA GLU A 64 -9.17 12.97 39.47
C GLU A 64 -9.39 14.27 38.71
N THR A 65 -8.46 15.22 38.81
CA THR A 65 -8.45 16.47 38.01
C THR A 65 -8.14 16.13 36.54
N ARG A 66 -7.06 15.38 36.31
CA ARG A 66 -6.64 14.92 34.96
C ARG A 66 -7.83 14.23 34.26
N SER A 67 -8.57 13.38 34.97
CA SER A 67 -9.76 12.67 34.44
C SER A 67 -10.80 13.69 33.96
N ALA A 68 -11.22 14.60 34.84
CA ALA A 68 -12.26 15.61 34.58
C ALA A 68 -11.83 16.51 33.40
N ARG A 69 -10.62 17.08 33.45
CA ARG A 69 -10.08 17.97 32.41
C ARG A 69 -10.08 17.24 31.06
N ASP A 70 -9.55 16.01 31.02
CA ASP A 70 -9.48 15.16 29.81
C ASP A 70 -10.90 14.92 29.29
N THR A 71 -11.83 14.54 30.17
CA THR A 71 -13.26 14.28 29.83
C THR A 71 -13.86 15.54 29.20
N ALA A 72 -13.53 16.72 29.72
CA ALA A 72 -14.01 18.02 29.20
C ALA A 72 -13.48 18.24 27.77
N GLN A 73 -12.18 18.02 27.54
CA GLN A 73 -11.54 18.20 26.21
C GLN A 73 -12.22 17.29 25.18
N ILE A 74 -12.43 16.00 25.49
CA ILE A 74 -13.11 15.03 24.58
C ILE A 74 -14.51 15.55 24.27
N PHE A 75 -15.23 16.05 25.30
CA PHE A 75 -16.65 16.49 25.18
C PHE A 75 -16.72 17.75 24.32
N ARG A 76 -15.71 18.62 24.46
CA ARG A 76 -15.49 19.79 23.58
C ARG A 76 -15.62 19.34 22.13
N VAL A 77 -14.94 18.25 21.77
CA VAL A 77 -14.95 17.62 20.41
C VAL A 77 -16.34 17.06 20.14
N ASN A 78 -16.90 16.32 21.10
CA ASN A 78 -18.20 15.60 20.95
C ASN A 78 -19.32 16.59 20.62
N LEU A 79 -19.35 17.75 21.28
CA LEU A 79 -20.34 18.83 21.04
C LEU A 79 -20.32 19.23 19.57
N ARG A 80 -19.11 19.41 19.01
CA ARG A 80 -18.88 19.85 17.62
C ARG A 80 -19.17 18.69 16.66
N THR A 81 -18.78 17.46 17.04
CA THR A 81 -19.07 16.21 16.28
C THR A 81 -20.59 16.08 16.08
N LEU A 82 -21.35 16.01 17.16
CA LEU A 82 -22.82 15.81 17.17
C LEU A 82 -23.54 16.97 16.45
N ARG A 83 -22.96 18.17 16.48
CA ARG A 83 -23.47 19.34 15.72
C ARG A 83 -23.45 18.99 14.23
N GLY A 84 -22.31 18.46 13.75
CA GLY A 84 -22.13 17.99 12.37
C GLY A 84 -23.13 16.90 12.03
N TYR A 85 -23.25 15.89 12.89
CA TYR A 85 -24.15 14.72 12.73
C TYR A 85 -25.57 15.21 12.47
N TYR A 86 -26.09 16.07 13.34
CA TYR A 86 -27.50 16.53 13.34
C TYR A 86 -27.67 17.76 12.43
N ASN A 87 -26.56 18.27 11.88
CA ASN A 87 -26.58 19.34 10.85
C ASN A 87 -27.12 20.64 11.48
N GLN A 88 -26.63 20.97 12.68
CA GLN A 88 -27.06 22.15 13.47
C GLN A 88 -26.03 23.27 13.28
N SER A 89 -26.48 24.53 13.43
CA SER A 89 -25.65 25.74 13.23
C SER A 89 -24.76 25.97 14.46
N GLU A 90 -23.62 26.64 14.26
CA GLU A 90 -22.63 27.02 15.30
C GLU A 90 -23.28 27.93 16.33
N ALA A 91 -24.24 28.76 15.89
CA ALA A 91 -24.88 29.83 16.69
C ALA A 91 -25.65 29.23 17.87
N GLY A 92 -26.35 28.11 17.65
CA GLY A 92 -27.13 27.40 18.68
C GLY A 92 -26.24 26.76 19.73
N SER A 93 -26.61 26.87 21.01
CA SER A 93 -25.92 26.20 22.15
C SER A 93 -26.61 24.86 22.47
N HIS A 94 -25.83 23.81 22.68
CA HIS A 94 -26.30 22.43 22.94
C HIS A 94 -25.67 21.87 24.22
N THR A 95 -26.31 20.86 24.79
CA THR A 95 -25.94 20.17 26.06
C THR A 95 -25.50 18.74 25.74
N LEU A 96 -24.48 18.25 26.45
CA LEU A 96 -24.05 16.83 26.42
C LEU A 96 -23.86 16.37 27.85
N GLN A 97 -24.63 15.35 28.27
CA GLN A 97 -24.61 14.80 29.65
C GLN A 97 -24.11 13.35 29.61
N TRP A 98 -23.23 13.01 30.56
CA TRP A 98 -22.66 11.65 30.76
C TRP A 98 -22.85 11.28 32.24
N MET A 99 -23.53 10.18 32.51
CA MET A 99 -23.60 9.60 33.89
C MET A 99 -22.99 8.19 33.86
N HIS A 100 -22.52 7.72 35.01
CA HIS A 100 -22.06 6.33 35.23
C HIS A 100 -22.16 6.01 36.72
N GLY A 101 -22.67 4.82 37.05
CA GLY A 101 -22.86 4.38 38.44
C GLY A 101 -22.75 2.88 38.58
N CYS A 102 -22.13 2.42 39.67
CA CYS A 102 -22.11 1.00 40.12
C CYS A 102 -22.98 0.89 41.38
N GLU A 103 -23.47 -0.32 41.67
CA GLU A 103 -24.31 -0.63 42.84
C GLU A 103 -23.75 -1.85 43.56
N LEU A 104 -23.68 -1.78 44.91
CA LEU A 104 -23.33 -2.92 45.78
C LEU A 104 -24.62 -3.57 46.27
N GLY A 105 -24.61 -4.90 46.41
CA GLY A 105 -25.72 -5.65 47.02
C GLY A 105 -25.66 -5.59 48.54
N PRO A 106 -26.62 -6.21 49.25
CA PRO A 106 -26.48 -6.47 50.68
C PRO A 106 -25.15 -7.18 50.95
N ASP A 107 -24.85 -8.24 50.20
CA ASP A 107 -23.66 -9.12 50.37
C ASP A 107 -22.35 -8.33 50.30
N GLY A 108 -22.37 -7.13 49.72
CA GLY A 108 -21.21 -6.23 49.61
C GLY A 108 -20.51 -6.37 48.26
N ARG A 109 -21.06 -7.21 47.38
CA ARG A 109 -20.52 -7.51 46.02
C ARG A 109 -21.28 -6.67 44.99
N PHE A 110 -20.69 -6.50 43.81
CA PHE A 110 -21.23 -5.76 42.64
C PHE A 110 -22.62 -6.30 42.28
N LEU A 111 -23.64 -5.46 42.37
CA LEU A 111 -25.04 -5.78 42.00
C LEU A 111 -25.23 -5.48 40.52
N ARG A 112 -24.95 -4.25 40.09
CA ARG A 112 -25.19 -3.76 38.71
C ARG A 112 -24.39 -2.49 38.46
N GLY A 113 -24.14 -2.17 37.18
CA GLY A 113 -23.47 -0.94 36.73
C GLY A 113 -24.13 -0.42 35.48
N TYR A 114 -24.14 0.90 35.28
CA TYR A 114 -24.82 1.56 34.14
C TYR A 114 -24.06 2.84 33.75
N GLU A 115 -24.15 3.15 32.46
CA GLU A 115 -23.45 4.29 31.81
C GLU A 115 -24.28 4.72 30.59
N GLN A 116 -24.64 6.00 30.54
CA GLN A 116 -25.38 6.61 29.40
C GLN A 116 -24.83 8.01 29.15
N CYS A 117 -24.91 8.49 27.91
CA CYS A 117 -24.74 9.91 27.55
C CYS A 117 -25.94 10.37 26.73
N ALA A 118 -26.41 11.60 26.96
CA ALA A 118 -27.59 12.19 26.29
C ALA A 118 -27.22 13.55 25.67
N TYR A 119 -27.58 13.73 24.40
CA TYR A 119 -27.45 15.01 23.64
C TYR A 119 -28.78 15.77 23.75
N ASP A 120 -28.73 16.97 24.32
CA ASP A 120 -29.87 17.92 24.44
C ASP A 120 -31.00 17.24 25.24
N GLY A 121 -30.66 16.60 26.36
CA GLY A 121 -31.61 16.11 27.38
C GLY A 121 -32.44 14.92 26.91
N LYS A 122 -32.02 14.27 25.83
CA LYS A 122 -32.67 13.05 25.27
C LYS A 122 -31.59 11.98 25.11
N ASP A 123 -31.87 10.76 25.54
CA ASP A 123 -30.98 9.59 25.40
C ASP A 123 -30.33 9.65 24.01
N TYR A 124 -29.02 9.39 23.94
CA TYR A 124 -28.23 9.27 22.67
C TYR A 124 -27.71 7.83 22.55
N LEU A 125 -26.82 7.46 23.47
CA LEU A 125 -26.12 6.14 23.49
C LEU A 125 -26.13 5.58 24.92
N THR A 126 -26.53 4.31 25.07
CA THR A 126 -26.77 3.65 26.38
C THR A 126 -25.99 2.32 26.43
N LEU A 127 -25.19 2.12 27.48
CA LEU A 127 -24.56 0.82 27.81
C LEU A 127 -25.64 -0.09 28.41
N ASN A 128 -25.86 -1.26 27.81
CA ASN A 128 -26.96 -2.19 28.17
C ASN A 128 -26.61 -2.90 29.47
N GLU A 129 -27.57 -3.65 30.03
CA GLU A 129 -27.44 -4.35 31.33
C GLU A 129 -26.19 -5.23 31.31
N ASP A 130 -26.01 -6.02 30.25
CA ASP A 130 -24.93 -7.03 30.09
C ASP A 130 -23.54 -6.36 30.05
N LEU A 131 -23.47 -5.03 29.95
CA LEU A 131 -22.24 -4.21 30.02
C LEU A 131 -21.29 -4.54 28.87
N ARG A 132 -21.78 -5.06 27.74
CA ARG A 132 -20.92 -5.46 26.59
C ARG A 132 -21.45 -4.91 25.26
N SER A 133 -22.69 -4.41 25.21
CA SER A 133 -23.32 -3.87 23.99
C SER A 133 -23.99 -2.53 24.31
N TRP A 134 -24.03 -1.62 23.32
CA TRP A 134 -24.62 -0.26 23.42
C TRP A 134 -25.97 -0.23 22.71
N THR A 135 -26.86 0.67 23.14
CA THR A 135 -28.17 0.97 22.50
C THR A 135 -28.12 2.40 21.96
N ALA A 136 -28.16 2.54 20.63
CA ALA A 136 -28.21 3.82 19.89
C ALA A 136 -29.66 4.24 19.72
N VAL A 137 -30.02 5.43 20.18
CA VAL A 137 -31.41 5.98 20.16
C VAL A 137 -31.79 6.33 18.72
N ASP A 138 -30.80 6.60 17.88
CA ASP A 138 -30.93 7.51 16.70
C ASP A 138 -29.97 7.08 15.59
N THR A 139 -30.28 7.45 14.35
CA THR A 139 -29.46 7.24 13.12
C THR A 139 -28.00 7.66 13.41
N ALA A 140 -27.81 8.82 14.04
CA ALA A 140 -26.50 9.45 14.32
C ALA A 140 -25.73 8.62 15.36
N ALA A 141 -26.40 8.25 16.46
CA ALA A 141 -25.84 7.47 17.59
C ALA A 141 -25.22 6.17 17.09
N GLN A 142 -25.70 5.63 15.97
CA GLN A 142 -25.18 4.38 15.35
C GLN A 142 -23.74 4.61 14.86
N ILE A 143 -23.46 5.77 14.27
CA ILE A 143 -22.10 6.15 13.78
C ILE A 143 -21.15 6.21 14.97
N SER A 144 -21.56 6.89 16.04
CA SER A 144 -20.86 6.92 17.35
C SER A 144 -20.68 5.48 17.83
N GLU A 145 -21.79 4.75 17.97
CA GLU A 145 -21.83 3.33 18.42
C GLU A 145 -20.82 2.50 17.62
N GLN A 146 -20.72 2.74 16.31
CA GLN A 146 -19.85 1.97 15.38
C GLN A 146 -18.40 2.05 15.88
N LYS A 147 -17.97 3.20 16.41
CA LYS A 147 -16.61 3.37 16.99
C LYS A 147 -16.54 2.69 18.36
N SER A 148 -17.55 2.93 19.21
CA SER A 148 -17.68 2.41 20.62
C SER A 148 -17.69 0.87 20.61
N ASN A 149 -18.50 0.26 19.74
CA ASN A 149 -18.50 -1.20 19.50
C ASN A 149 -17.09 -1.61 19.06
N ASP A 150 -16.68 -1.15 17.87
CA ASP A 150 -15.41 -1.54 17.21
C ASP A 150 -14.23 -1.29 18.17
N ALA A 151 -14.32 -0.24 18.99
CA ALA A 151 -13.32 0.11 20.02
C ALA A 151 -13.32 -0.95 21.15
N SER A 152 -14.50 -1.39 21.59
CA SER A 152 -14.74 -2.06 22.88
C SER A 152 -14.45 -1.03 23.98
N GLU A 153 -15.19 0.07 23.94
CA GLU A 153 -15.42 0.97 25.10
C GLU A 153 -16.10 0.14 26.20
N ALA A 154 -17.15 -0.61 25.80
CA ALA A 154 -17.84 -1.64 26.63
C ALA A 154 -16.84 -2.25 27.62
N GLU A 155 -15.74 -2.82 27.10
CA GLU A 155 -14.65 -3.41 27.90
C GLU A 155 -14.16 -2.41 28.95
N HIS A 156 -13.67 -1.25 28.52
CA HIS A 156 -13.08 -0.22 29.42
C HIS A 156 -14.09 0.21 30.48
N GLN A 157 -15.36 0.39 30.11
CA GLN A 157 -16.41 0.89 31.02
C GLN A 157 -16.84 -0.23 31.97
N ARG A 158 -16.94 -1.46 31.48
CA ARG A 158 -17.17 -2.67 32.32
C ARG A 158 -16.08 -2.74 33.39
N ALA A 159 -14.82 -2.55 33.00
CA ALA A 159 -13.62 -2.62 33.87
C ALA A 159 -13.75 -1.58 34.99
N TYR A 160 -14.20 -0.36 34.66
CA TYR A 160 -14.46 0.72 35.65
C TYR A 160 -15.61 0.30 36.57
N LEU A 161 -16.79 0.03 36.00
CA LEU A 161 -18.05 -0.24 36.75
C LEU A 161 -17.90 -1.46 37.68
N GLU A 162 -17.28 -2.54 37.21
CA GLU A 162 -17.21 -3.83 37.96
C GLU A 162 -16.06 -3.79 38.97
N ASP A 163 -14.86 -3.34 38.57
CA ASP A 163 -13.65 -3.35 39.45
C ASP A 163 -13.52 -2.02 40.20
N THR A 164 -13.12 -0.96 39.50
CA THR A 164 -12.66 0.34 40.07
C THR A 164 -13.78 1.00 40.87
N CYS A 165 -14.95 1.14 40.26
CA CYS A 165 -16.11 1.87 40.82
C CYS A 165 -16.45 1.28 42.19
N VAL A 166 -16.53 -0.06 42.29
CA VAL A 166 -16.95 -0.76 43.54
C VAL A 166 -15.81 -0.68 44.56
N GLU A 167 -14.56 -0.90 44.13
CA GLU A 167 -13.36 -0.78 45.00
C GLU A 167 -13.40 0.57 45.71
N TRP A 168 -13.71 1.64 44.97
CA TRP A 168 -13.65 3.03 45.50
C TRP A 168 -14.94 3.37 46.25
N LEU A 169 -16.10 2.84 45.83
CA LEU A 169 -17.36 2.95 46.61
C LEU A 169 -17.11 2.42 48.02
N HIS A 170 -16.53 1.21 48.13
CA HIS A 170 -16.14 0.55 49.40
C HIS A 170 -15.28 1.51 50.24
N LYS A 171 -14.21 2.05 49.64
CA LYS A 171 -13.23 2.92 50.33
C LYS A 171 -13.93 4.16 50.88
N TYR A 172 -14.85 4.76 50.11
CA TYR A 172 -15.60 5.98 50.50
C TYR A 172 -16.54 5.65 51.67
N LEU A 173 -17.27 4.54 51.58
CA LEU A 173 -18.20 4.10 52.65
C LEU A 173 -17.45 3.99 53.97
N GLU A 174 -16.20 3.52 53.95
CA GLU A 174 -15.34 3.40 55.17
C GLU A 174 -14.84 4.80 55.57
N LYS A 175 -14.34 5.59 54.62
CA LYS A 175 -13.78 6.96 54.85
C LYS A 175 -14.83 7.83 55.54
N GLY A 176 -16.08 7.77 55.08
CA GLY A 176 -17.19 8.61 55.60
C GLY A 176 -18.21 7.79 56.38
N LYS A 177 -17.78 6.69 57.00
CA LYS A 177 -18.66 5.71 57.70
C LYS A 177 -19.49 6.44 58.78
N GLU A 178 -18.89 7.37 59.54
CA GLU A 178 -19.58 8.13 60.62
C GLU A 178 -20.88 8.74 60.08
N THR A 179 -20.83 9.29 58.87
CA THR A 179 -21.93 10.09 58.26
C THR A 179 -22.74 9.21 57.29
N LEU A 180 -22.06 8.50 56.37
CA LEU A 180 -22.70 7.73 55.25
C LEU A 180 -23.50 6.54 55.80
N LEU A 181 -22.83 5.66 56.55
CA LEU A 181 -23.39 4.37 57.03
C LEU A 181 -24.31 4.59 58.23
N HIS A 182 -24.56 5.85 58.63
CA HIS A 182 -25.55 6.21 59.67
C HIS A 182 -26.93 6.41 59.02
N LEU A 183 -27.98 5.87 59.65
CA LEU A 183 -29.39 6.07 59.25
C LEU A 183 -30.02 7.08 60.20
N GLU A 184 -30.45 8.23 59.68
CA GLU A 184 -31.24 9.25 60.42
C GLU A 184 -32.70 9.07 60.04
N PRO A 185 -33.59 8.77 61.01
CA PRO A 185 -35.01 8.54 60.70
C PRO A 185 -35.74 9.86 60.56
N PRO A 186 -36.96 9.88 59.99
CA PRO A 186 -37.71 11.11 59.82
C PRO A 186 -38.41 11.57 61.12
N LYS A 187 -38.41 12.89 61.36
CA LYS A 187 -39.27 13.55 62.39
C LYS A 187 -40.62 13.86 61.73
N THR A 188 -41.68 13.18 62.16
CA THR A 188 -42.99 13.13 61.45
C THR A 188 -44.04 13.91 62.25
N HIS A 189 -44.80 14.76 61.57
CA HIS A 189 -45.98 15.51 62.11
C HIS A 189 -47.03 15.66 61.00
N VAL A 190 -48.22 16.19 61.34
CA VAL A 190 -49.41 16.27 60.45
C VAL A 190 -50.02 17.68 60.55
N THR A 191 -50.13 18.42 59.44
CA THR A 191 -50.75 19.77 59.40
C THR A 191 -52.19 19.66 58.87
N HIS A 192 -52.97 20.74 58.96
CA HIS A 192 -54.41 20.81 58.57
C HIS A 192 -54.71 22.22 58.04
N HIS A 193 -55.45 22.32 56.93
CA HIS A 193 -55.79 23.60 56.24
C HIS A 193 -57.20 23.49 55.66
N PRO A 194 -58.14 24.39 56.07
CA PRO A 194 -59.54 24.36 55.62
C PRO A 194 -59.92 24.01 54.16
N ILE A 195 -59.18 24.49 53.16
CA ILE A 195 -59.42 24.30 51.69
C ILE A 195 -60.90 24.51 51.34
N SER A 196 -61.63 25.34 52.11
CA SER A 196 -63.08 25.64 52.00
C SER A 196 -63.76 25.30 53.34
N ASP A 197 -65.07 25.07 53.33
CA ASP A 197 -65.89 24.79 54.53
C ASP A 197 -66.19 23.29 54.60
N HIS A 198 -66.72 22.71 53.53
CA HIS A 198 -67.14 21.28 53.43
C HIS A 198 -65.90 20.38 53.31
N GLU A 199 -64.84 20.84 52.65
CA GLU A 199 -63.58 20.07 52.44
C GLU A 199 -62.59 20.41 53.55
N ALA A 200 -61.44 19.73 53.58
CA ALA A 200 -60.28 19.98 54.48
C ALA A 200 -59.08 19.22 53.95
N THR A 201 -57.86 19.72 54.15
CA THR A 201 -56.58 19.07 53.75
C THR A 201 -55.94 18.43 54.98
N LEU A 202 -55.21 17.33 54.77
CA LEU A 202 -54.33 16.72 55.79
C LEU A 202 -52.97 16.44 55.14
N ARG A 203 -51.94 17.19 55.55
CA ARG A 203 -50.55 17.07 55.05
C ARG A 203 -49.72 16.33 56.11
N CYS A 204 -49.12 15.20 55.73
CA CYS A 204 -48.21 14.38 56.56
C CYS A 204 -46.76 14.74 56.21
N TRP A 205 -46.01 15.27 57.18
CA TRP A 205 -44.61 15.73 57.03
C TRP A 205 -43.64 14.65 57.53
N ALA A 206 -42.53 14.47 56.80
CA ALA A 206 -41.34 13.70 57.23
C ALA A 206 -40.10 14.56 57.00
N LEU A 207 -39.36 14.89 58.06
CA LEU A 207 -38.23 15.85 58.04
C LEU A 207 -36.96 15.20 58.58
N GLY A 208 -35.80 15.60 58.07
CA GLY A 208 -34.47 15.32 58.65
C GLY A 208 -34.04 13.86 58.54
N PHE A 209 -34.40 13.17 57.45
CA PHE A 209 -34.13 11.73 57.23
C PHE A 209 -33.07 11.55 56.13
N TYR A 210 -32.11 10.65 56.37
CA TYR A 210 -31.17 10.10 55.36
C TYR A 210 -31.17 8.57 55.50
N PRO A 211 -31.17 7.79 54.40
CA PRO A 211 -31.20 8.30 53.04
C PRO A 211 -32.58 8.83 52.59
N ALA A 212 -32.67 9.29 51.34
CA ALA A 212 -33.82 10.06 50.79
C ALA A 212 -34.97 9.11 50.38
N GLU A 213 -34.68 7.82 50.25
CA GLU A 213 -35.71 6.79 49.95
C GLU A 213 -36.66 6.73 51.16
N ILE A 214 -37.96 6.89 50.92
CA ILE A 214 -39.02 6.99 51.97
C ILE A 214 -40.38 6.70 51.30
N THR A 215 -41.34 6.19 52.06
CA THR A 215 -42.72 5.89 51.58
C THR A 215 -43.73 6.46 52.56
N LEU A 216 -44.29 7.64 52.22
CA LEU A 216 -45.45 8.28 52.87
C LEU A 216 -46.72 7.80 52.15
N THR A 217 -47.66 7.21 52.88
CA THR A 217 -48.97 6.72 52.35
C THR A 217 -50.08 7.13 53.33
N TRP A 218 -51.16 7.68 52.80
CA TRP A 218 -52.38 8.08 53.55
C TRP A 218 -53.44 6.99 53.36
N GLN A 219 -53.86 6.36 54.46
CA GLN A 219 -54.90 5.30 54.45
C GLN A 219 -56.08 5.74 55.32
N GLN A 220 -57.29 5.37 54.92
CA GLN A 220 -58.51 5.46 55.76
C GLN A 220 -59.07 4.04 55.95
N ASP A 221 -59.77 3.82 57.05
CA ASP A 221 -60.36 2.51 57.46
C ASP A 221 -61.38 2.09 56.39
N GLY A 222 -61.11 1.00 55.66
CA GLY A 222 -61.99 0.43 54.63
C GLY A 222 -61.98 1.25 53.34
N GLN A 227 -55.08 5.22 48.21
CA GLN A 227 -56.11 6.13 48.78
C GLN A 227 -55.72 7.59 48.42
N ASP A 228 -55.64 7.86 47.11
CA ASP A 228 -55.65 9.22 46.48
C ASP A 228 -54.88 10.24 47.33
N THR A 229 -53.55 10.23 47.22
CA THR A 229 -52.62 11.10 48.00
C THR A 229 -51.80 11.95 47.04
N GLU A 230 -51.63 13.26 47.34
CA GLU A 230 -50.67 14.16 46.65
C GLU A 230 -49.28 14.02 47.28
N LEU A 231 -48.26 13.76 46.46
CA LEU A 231 -46.84 13.62 46.87
C LEU A 231 -46.01 14.73 46.21
N VAL A 232 -44.92 15.16 46.83
CA VAL A 232 -43.99 16.19 46.29
C VAL A 232 -42.56 15.64 46.29
N GLU A 233 -41.85 15.84 45.17
CA GLU A 233 -40.42 15.48 44.99
C GLU A 233 -39.70 15.66 46.33
N THR A 234 -39.09 14.60 46.87
CA THR A 234 -38.37 14.69 48.17
C THR A 234 -37.32 15.77 47.93
N ARG A 235 -37.20 16.74 48.84
CA ARG A 235 -36.36 17.95 48.65
C ARG A 235 -35.19 17.91 49.64
N PRO A 236 -34.03 18.51 49.27
CA PRO A 236 -32.87 18.54 50.17
C PRO A 236 -33.03 19.62 51.25
N ALA A 237 -32.75 19.26 52.50
CA ALA A 237 -32.78 20.17 53.68
C ALA A 237 -31.65 21.20 53.56
N GLY A 238 -30.53 20.82 52.91
CA GLY A 238 -29.31 21.64 52.80
C GLY A 238 -28.40 21.41 54.00
N ASP A 239 -28.28 20.15 54.44
CA ASP A 239 -27.37 19.74 55.53
C ASP A 239 -27.24 18.21 55.52
N GLY A 240 -27.18 17.59 54.33
CA GLY A 240 -27.09 16.13 54.15
C GLY A 240 -28.48 15.48 54.15
N THR A 241 -29.39 15.95 54.99
CA THR A 241 -30.72 15.33 55.23
C THR A 241 -31.76 15.83 54.23
N PHE A 242 -32.92 15.19 54.20
CA PHE A 242 -34.02 15.42 53.22
C PHE A 242 -35.36 15.59 53.95
N GLN A 243 -36.35 16.11 53.22
CA GLN A 243 -37.72 16.35 53.72
C GLN A 243 -38.70 16.06 52.58
N LYS A 244 -39.87 15.52 52.92
CA LYS A 244 -40.94 15.15 51.97
C LYS A 244 -42.28 15.29 52.70
N TRP A 245 -43.35 15.59 51.96
CA TRP A 245 -44.73 15.55 52.50
C TRP A 245 -45.69 14.89 51.51
N ALA A 246 -46.69 14.19 52.03
CA ALA A 246 -47.86 13.66 51.32
C ALA A 246 -49.11 14.33 51.89
N ALA A 247 -50.11 14.61 51.05
CA ALA A 247 -51.37 15.28 51.41
C ALA A 247 -52.56 14.48 50.89
N VAL A 248 -53.74 14.69 51.48
CA VAL A 248 -55.03 14.04 51.09
C VAL A 248 -56.17 15.00 51.44
N VAL A 249 -57.15 15.15 50.54
CA VAL A 249 -58.36 16.00 50.78
C VAL A 249 -59.44 15.11 51.39
N VAL A 250 -59.94 15.49 52.57
CA VAL A 250 -60.85 14.67 53.43
C VAL A 250 -62.12 15.46 53.73
N PRO A 251 -63.22 14.80 54.15
CA PRO A 251 -64.40 15.52 54.63
C PRO A 251 -64.06 16.36 55.86
N SER A 252 -64.53 17.61 55.92
CA SER A 252 -64.27 18.55 57.03
C SER A 252 -64.88 17.96 58.30
N GLY A 253 -64.05 17.71 59.31
CA GLY A 253 -64.48 17.26 60.65
C GLY A 253 -64.36 15.76 60.82
N GLU A 254 -63.96 15.03 59.76
CA GLU A 254 -63.78 13.56 59.75
C GLU A 254 -62.29 13.24 59.53
N GLU A 255 -61.39 14.00 60.15
CA GLU A 255 -59.92 13.89 60.00
C GLU A 255 -59.44 12.57 60.64
N GLN A 256 -60.11 12.12 61.70
CA GLN A 256 -59.59 11.07 62.62
C GLN A 256 -59.71 9.68 61.98
N ARG A 257 -60.50 9.55 60.91
CA ARG A 257 -60.61 8.31 60.09
C ARG A 257 -59.28 8.07 59.34
N TYR A 258 -58.54 9.15 59.07
CA TYR A 258 -57.35 9.18 58.18
C TYR A 258 -56.07 9.13 59.00
N THR A 259 -55.22 8.14 58.72
CA THR A 259 -53.92 7.89 59.38
C THR A 259 -52.82 7.85 58.30
N CYS A 260 -51.67 8.48 58.59
CA CYS A 260 -50.46 8.54 57.71
C CYS A 260 -49.47 7.45 58.12
N HIS A 261 -48.96 6.69 57.14
CA HIS A 261 -47.97 5.59 57.33
C HIS A 261 -46.64 6.00 56.71
N VAL A 262 -45.63 6.20 57.57
CA VAL A 262 -44.24 6.62 57.21
C VAL A 262 -43.32 5.40 57.32
N GLN A 263 -42.79 4.93 56.18
CA GLN A 263 -41.79 3.83 56.11
C GLN A 263 -40.43 4.41 55.73
N HIS A 264 -39.44 4.25 56.61
CA HIS A 264 -38.03 4.66 56.39
C HIS A 264 -37.07 3.56 56.84
N GLU A 265 -35.95 3.43 56.15
CA GLU A 265 -34.88 2.43 56.43
C GLU A 265 -34.36 2.62 57.86
N GLY A 266 -34.38 3.86 58.36
CA GLY A 266 -33.80 4.26 59.66
C GLY A 266 -34.79 4.19 60.80
N LEU A 267 -36.01 3.70 60.57
CA LEU A 267 -37.04 3.51 61.64
C LEU A 267 -37.06 2.05 62.07
N PRO A 268 -37.13 1.75 63.38
CA PRO A 268 -37.31 0.38 63.85
C PRO A 268 -38.49 -0.29 63.14
N GLU A 269 -39.69 0.30 63.27
CA GLU A 269 -40.96 -0.17 62.65
C GLU A 269 -41.68 1.02 62.01
N PRO A 270 -42.25 0.85 60.80
CA PRO A 270 -43.05 1.90 60.16
C PRO A 270 -43.97 2.66 61.12
N VAL A 271 -43.86 3.99 61.12
CA VAL A 271 -44.56 4.92 62.07
C VAL A 271 -45.91 5.33 61.47
N THR A 272 -46.94 5.45 62.32
CA THR A 272 -48.32 5.82 61.95
C THR A 272 -48.71 7.12 62.66
N LEU A 273 -49.30 8.09 61.92
CA LEU A 273 -49.67 9.44 62.44
C LEU A 273 -51.16 9.69 62.25
N ARG A 274 -51.72 10.62 63.03
CA ARG A 274 -53.06 11.25 62.84
C ARG A 274 -52.94 12.74 63.14
N TRP A 275 -53.91 13.55 62.72
CA TRP A 275 -53.91 15.03 62.96
C TRP A 275 -54.12 15.31 64.45
N LYS A 276 -53.17 16.01 65.08
CA LYS A 276 -53.24 16.50 66.48
C LYS A 276 -54.43 17.45 66.61
N PRO A 277 -55.43 17.17 67.50
CA PRO A 277 -56.69 17.92 67.51
C PRO A 277 -56.53 19.43 67.29
N ILE B 2 -37.53 18.65 23.14
CA ILE B 2 -36.51 19.28 24.02
C ILE B 2 -37.22 20.24 24.99
N GLN B 3 -36.49 20.69 26.03
CA GLN B 3 -36.85 21.84 26.92
C GLN B 3 -37.99 21.49 27.87
N ARG B 4 -37.73 21.56 29.18
CA ARG B 4 -38.74 21.32 30.25
C ARG B 4 -38.66 22.44 31.29
N THR B 5 -39.82 22.91 31.75
CA THR B 5 -39.96 24.03 32.70
C THR B 5 -39.52 23.58 34.09
N PRO B 6 -38.90 24.46 34.91
CA PRO B 6 -38.48 24.09 36.26
C PRO B 6 -39.65 23.83 37.22
N LYS B 7 -39.35 23.22 38.37
CA LYS B 7 -40.30 23.06 39.51
C LYS B 7 -39.62 23.64 40.75
N ILE B 8 -40.32 24.55 41.44
CA ILE B 8 -39.74 25.43 42.50
C ILE B 8 -40.42 25.11 43.83
N GLN B 9 -39.69 24.47 44.76
CA GLN B 9 -40.09 24.35 46.18
C GLN B 9 -39.26 25.37 46.99
N VAL B 10 -39.92 26.18 47.82
CA VAL B 10 -39.27 27.19 48.72
C VAL B 10 -39.67 26.89 50.17
N TYR B 11 -38.68 26.73 51.05
CA TYR B 11 -38.83 26.18 52.42
C TYR B 11 -37.62 26.58 53.27
N SER B 12 -37.60 26.20 54.55
CA SER B 12 -36.48 26.44 55.50
C SER B 12 -35.86 25.10 55.93
N ARG B 13 -34.53 25.07 56.10
CA ARG B 13 -33.74 23.86 56.43
C ARG B 13 -34.30 23.21 57.70
N HIS B 14 -34.59 24.03 58.72
CA HIS B 14 -35.20 23.62 60.01
C HIS B 14 -36.56 24.29 60.17
N PRO B 15 -37.50 23.71 60.95
CA PRO B 15 -38.81 24.31 61.16
C PRO B 15 -38.72 25.78 61.61
N ALA B 16 -39.48 26.67 60.94
CA ALA B 16 -39.42 28.14 61.11
C ALA B 16 -39.76 28.55 62.55
N GLU B 17 -38.93 29.42 63.13
CA GLU B 17 -39.10 30.01 64.48
C GLU B 17 -38.78 31.51 64.40
N ASN B 18 -39.77 32.37 64.66
CA ASN B 18 -39.79 33.81 64.32
C ASN B 18 -38.63 34.60 64.94
N GLY B 19 -37.60 33.97 65.51
CA GLY B 19 -36.47 34.65 66.17
C GLY B 19 -35.12 33.98 65.92
N LYS B 20 -35.10 32.67 65.72
CA LYS B 20 -33.86 31.84 65.70
C LYS B 20 -33.31 31.77 64.26
N SER B 21 -31.98 31.81 64.13
CA SER B 21 -31.22 31.70 62.85
C SER B 21 -31.63 30.41 62.13
N ASN B 22 -31.63 30.44 60.79
CA ASN B 22 -32.14 29.35 59.92
C ASN B 22 -31.46 29.47 58.55
N PHE B 23 -31.92 28.68 57.57
CA PHE B 23 -31.52 28.75 56.14
C PHE B 23 -32.78 28.68 55.27
N LEU B 24 -32.97 29.67 54.40
CA LEU B 24 -34.04 29.68 53.36
C LEU B 24 -33.53 28.92 52.14
N ASN B 25 -34.28 27.92 51.70
CA ASN B 25 -33.95 27.03 50.54
C ASN B 25 -34.92 27.33 49.40
N CYS B 26 -34.41 27.51 48.19
CA CYS B 26 -35.18 27.46 46.92
C CYS B 26 -34.64 26.32 46.04
N TYR B 27 -35.35 25.19 45.99
CA TYR B 27 -34.94 23.97 45.27
C TYR B 27 -35.66 23.93 43.92
N VAL B 28 -34.91 24.21 42.86
CA VAL B 28 -35.37 24.18 41.44
C VAL B 28 -34.88 22.88 40.82
N SER B 29 -35.77 22.17 40.11
CA SER B 29 -35.57 20.78 39.63
C SER B 29 -36.37 20.53 38.35
N GLY B 30 -36.00 19.48 37.61
CA GLY B 30 -36.77 18.95 36.46
C GLY B 30 -36.71 19.85 35.25
N PHE B 31 -35.72 20.75 35.18
CA PHE B 31 -35.59 21.77 34.11
C PHE B 31 -34.52 21.37 33.08
N HIS B 32 -34.63 21.93 31.88
CA HIS B 32 -33.71 21.73 30.74
C HIS B 32 -33.90 22.83 29.70
N PRO B 33 -32.84 23.49 29.20
CA PRO B 33 -31.45 23.15 29.52
C PRO B 33 -30.99 23.72 30.88
N SER B 34 -29.68 23.71 31.13
CA SER B 34 -29.01 24.11 32.41
C SER B 34 -29.30 25.58 32.74
N ASP B 35 -28.94 26.50 31.84
CA ASP B 35 -28.95 27.97 32.08
C ASP B 35 -30.26 28.37 32.75
N ILE B 36 -30.20 28.65 34.06
CA ILE B 36 -31.34 29.14 34.90
C ILE B 36 -30.87 30.33 35.74
N GLU B 37 -31.79 31.22 36.11
CA GLU B 37 -31.58 32.36 37.04
C GLU B 37 -32.48 32.18 38.27
N VAL B 38 -31.90 32.23 39.48
CA VAL B 38 -32.64 32.00 40.76
C VAL B 38 -32.18 33.03 41.79
N ASP B 39 -33.13 33.77 42.38
CA ASP B 39 -32.89 34.74 43.48
C ASP B 39 -33.81 34.46 44.66
N LEU B 40 -33.30 34.68 45.87
CA LEU B 40 -34.08 34.66 47.14
C LEU B 40 -34.44 36.11 47.50
N LEU B 41 -35.74 36.40 47.58
CA LEU B 41 -36.28 37.77 47.79
C LEU B 41 -36.61 37.97 49.28
N LYS B 42 -36.47 39.21 49.77
CA LYS B 42 -36.98 39.63 51.10
C LYS B 42 -37.86 40.87 50.89
N ASN B 43 -39.18 40.67 50.79
CA ASN B 43 -40.18 41.75 50.56
C ASN B 43 -39.93 42.39 49.19
N GLY B 44 -39.92 41.59 48.12
CA GLY B 44 -39.20 41.92 46.87
C GLY B 44 -37.73 42.00 47.18
N GLU B 45 -36.94 42.79 46.45
CA GLU B 45 -35.50 43.02 46.72
C GLU B 45 -34.75 41.67 46.77
N ARG B 46 -33.74 41.49 45.92
CA ARG B 46 -32.90 40.25 45.89
C ARG B 46 -31.96 40.28 47.10
N ILE B 47 -31.73 39.13 47.72
CA ILE B 47 -30.69 38.91 48.78
C ILE B 47 -29.36 38.62 48.09
N GLU B 48 -28.27 39.31 48.51
CA GLU B 48 -26.88 38.95 48.14
C GLU B 48 -26.45 37.82 49.10
N LYS B 49 -25.35 37.13 48.79
CA LYS B 49 -24.79 36.01 49.60
C LYS B 49 -25.67 34.76 49.45
N VAL B 50 -26.24 34.53 48.26
CA VAL B 50 -27.15 33.38 47.96
C VAL B 50 -26.33 32.30 47.25
N GLU B 51 -25.81 31.34 48.03
CA GLU B 51 -25.04 30.16 47.54
C GLU B 51 -26.01 29.15 46.91
N HIS B 52 -25.47 28.19 46.14
CA HIS B 52 -26.25 27.20 45.35
C HIS B 52 -25.44 25.91 45.17
N SER B 53 -26.13 24.76 45.20
CA SER B 53 -25.53 23.42 44.98
C SER B 53 -24.79 23.40 43.64
N ASP B 54 -23.89 22.44 43.47
CA ASP B 54 -23.20 22.16 42.19
C ASP B 54 -24.22 21.53 41.24
N LEU B 55 -24.15 21.84 39.95
CA LEU B 55 -25.13 21.35 38.93
C LEU B 55 -25.11 19.82 38.90
N SER B 56 -26.28 19.20 39.04
CA SER B 56 -26.52 17.75 38.91
C SER B 56 -27.82 17.51 38.13
N PHE B 57 -28.10 16.27 37.75
CA PHE B 57 -29.34 15.88 37.02
C PHE B 57 -29.83 14.51 37.51
N SER B 58 -31.12 14.24 37.36
CA SER B 58 -31.77 12.96 37.73
C SER B 58 -31.76 12.01 36.53
N LYS B 59 -32.30 10.80 36.69
CA LYS B 59 -32.29 9.71 35.68
C LYS B 59 -32.79 10.22 34.33
N ASP B 60 -33.84 11.06 34.31
CA ASP B 60 -34.51 11.54 33.07
C ASP B 60 -33.76 12.73 32.45
N TRP B 61 -32.54 13.04 32.93
CA TRP B 61 -31.58 14.03 32.35
C TRP B 61 -31.92 15.46 32.77
N SER B 62 -33.04 15.66 33.48
CA SER B 62 -33.52 16.98 33.94
C SER B 62 -32.68 17.42 35.15
N PHE B 63 -32.23 18.68 35.16
CA PHE B 63 -31.29 19.25 36.16
C PHE B 63 -32.02 19.61 37.46
N TYR B 64 -31.25 19.79 38.54
CA TYR B 64 -31.74 20.32 39.84
C TYR B 64 -30.61 21.09 40.53
N LEU B 65 -30.95 22.24 41.11
CA LEU B 65 -30.06 23.08 41.94
C LEU B 65 -30.77 23.41 43.25
N LEU B 66 -30.00 23.49 44.35
CA LEU B 66 -30.45 24.07 45.64
C LEU B 66 -29.82 25.46 45.79
N TYR B 67 -30.65 26.49 45.84
CA TYR B 67 -30.28 27.87 46.24
C TYR B 67 -30.70 28.06 47.71
N TYR B 68 -29.83 28.69 48.51
CA TYR B 68 -29.99 28.81 49.99
C TYR B 68 -29.15 29.98 50.51
N THR B 69 -29.66 30.67 51.53
CA THR B 69 -28.97 31.73 52.30
C THR B 69 -29.36 31.63 53.78
N GLU B 70 -28.42 31.85 54.69
CA GLU B 70 -28.71 32.00 56.14
C GLU B 70 -29.70 33.15 56.32
N PHE B 71 -30.76 32.94 57.09
CA PHE B 71 -31.80 33.96 57.36
C PHE B 71 -32.46 33.70 58.72
N THR B 72 -33.04 34.76 59.29
CA THR B 72 -33.78 34.75 60.58
C THR B 72 -35.23 35.13 60.30
N PRO B 73 -36.19 34.17 60.27
CA PRO B 73 -37.59 34.49 59.94
C PRO B 73 -38.27 35.34 61.03
N THR B 74 -39.16 36.23 60.63
CA THR B 74 -39.90 37.20 61.51
C THR B 74 -41.37 37.26 61.10
N GLU B 75 -42.25 37.71 62.01
CA GLU B 75 -43.73 37.69 61.85
C GLU B 75 -44.16 38.43 60.58
N LYS B 76 -43.47 39.52 60.23
CA LYS B 76 -43.87 40.45 59.13
C LYS B 76 -43.07 40.18 57.86
N ASP B 77 -41.76 39.89 57.96
CA ASP B 77 -40.85 39.62 56.81
C ASP B 77 -41.45 38.56 55.88
N GLU B 78 -41.61 38.90 54.60
CA GLU B 78 -42.03 37.97 53.51
C GLU B 78 -40.79 37.59 52.69
N TYR B 79 -40.62 36.28 52.43
CA TYR B 79 -39.53 35.71 51.59
C TYR B 79 -40.15 34.94 50.42
N ALA B 80 -39.56 35.09 49.23
CA ALA B 80 -39.99 34.44 47.98
C ALA B 80 -38.76 34.01 47.16
N CYS B 81 -38.99 33.28 46.06
CA CYS B 81 -37.92 32.81 45.14
C CYS B 81 -38.28 33.19 43.70
N ARG B 82 -37.42 33.98 43.05
CA ARG B 82 -37.61 34.50 41.68
C ARG B 82 -36.77 33.67 40.72
N VAL B 83 -37.41 32.74 40.00
CA VAL B 83 -36.77 31.84 39.00
C VAL B 83 -37.13 32.33 37.59
N ASN B 84 -36.12 32.54 36.75
CA ASN B 84 -36.28 32.79 35.29
C ASN B 84 -35.58 31.65 34.54
N HIS B 85 -36.16 31.24 33.42
CA HIS B 85 -35.68 30.10 32.58
C HIS B 85 -35.97 30.40 31.11
N VAL B 86 -35.35 29.65 30.21
CA VAL B 86 -35.53 29.74 28.74
C VAL B 86 -36.97 29.30 28.40
N THR B 87 -37.67 28.64 29.33
CA THR B 87 -39.06 28.14 29.17
C THR B 87 -40.07 29.14 29.74
N LEU B 88 -39.65 29.98 30.70
CA LEU B 88 -40.52 30.98 31.38
C LEU B 88 -40.59 32.27 30.58
N SER B 89 -41.76 32.56 29.99
CA SER B 89 -42.07 33.78 29.20
C SER B 89 -41.80 35.05 30.03
N GLN B 90 -42.00 34.98 31.35
CA GLN B 90 -41.59 36.04 32.31
C GLN B 90 -41.21 35.38 33.63
N PRO B 91 -40.40 36.04 34.49
CA PRO B 91 -39.87 35.40 35.68
C PRO B 91 -41.03 34.88 36.56
N LYS B 92 -40.90 33.64 37.05
CA LYS B 92 -41.86 32.97 37.97
C LYS B 92 -41.39 33.21 39.40
N ILE B 93 -42.26 33.77 40.24
CA ILE B 93 -42.02 34.08 41.67
C ILE B 93 -42.82 33.09 42.50
N VAL B 94 -42.25 32.54 43.57
CA VAL B 94 -42.96 31.55 44.44
C VAL B 94 -42.69 31.90 45.91
N LYS B 95 -43.77 32.18 46.65
CA LYS B 95 -43.77 32.75 48.02
C LYS B 95 -43.49 31.62 49.01
N TRP B 96 -42.60 31.85 49.99
CA TRP B 96 -42.39 30.96 51.15
C TRP B 96 -43.62 30.96 52.04
N ASP B 97 -44.29 29.81 52.18
CA ASP B 97 -45.47 29.61 53.07
C ASP B 97 -45.05 28.52 54.06
N ARG B 98 -44.92 28.86 55.35
CA ARG B 98 -44.16 28.04 56.33
C ARG B 98 -44.94 26.76 56.71
N ASP B 99 -46.11 26.51 56.09
CA ASP B 99 -47.03 25.38 56.41
C ASP B 99 -46.97 24.31 55.30
N MET B 100 -46.21 24.57 54.23
CA MET B 100 -46.23 23.80 52.95
C MET B 100 -44.82 23.78 52.31
N VAL C 1 -14.23 7.72 42.72
CA VAL C 1 -13.32 8.01 41.57
C VAL C 1 -14.13 7.87 40.27
N MET C 2 -14.12 8.90 39.42
CA MET C 2 -14.93 8.97 38.17
C MET C 2 -14.30 8.08 37.10
N ALA C 3 -15.04 7.83 36.01
CA ALA C 3 -14.61 6.96 34.89
C ALA C 3 -13.42 7.60 34.20
N PRO C 4 -12.26 6.90 34.16
CA PRO C 4 -11.00 7.51 33.71
C PRO C 4 -10.92 7.65 32.19
N ARG C 5 -11.77 6.92 31.47
CA ARG C 5 -11.87 6.95 29.99
C ARG C 5 -13.34 7.16 29.62
N THR C 6 -13.59 8.04 28.65
CA THR C 6 -14.95 8.45 28.20
C THR C 6 -15.09 8.19 26.70
N LEU C 7 -16.34 8.15 26.23
CA LEU C 7 -16.71 7.88 24.81
C LEU C 7 -16.29 9.07 23.95
N ILE C 8 -15.62 8.81 22.82
CA ILE C 8 -15.53 9.72 21.64
C ILE C 8 -16.67 9.33 20.70
N LYS D 4 8.98 1.14 36.26
CA LYS D 4 7.53 0.80 36.29
C LYS D 4 7.30 -0.59 35.68
N THR D 5 8.14 -0.98 34.72
CA THR D 5 8.08 -2.29 34.00
C THR D 5 9.52 -2.70 33.64
N THR D 6 9.99 -3.83 34.16
CA THR D 6 11.39 -4.29 34.04
C THR D 6 11.44 -5.65 33.33
N GLN D 7 12.29 -5.76 32.31
CA GLN D 7 12.51 -6.99 31.50
C GLN D 7 14.00 -7.32 31.47
N PRO D 8 14.39 -8.52 30.99
CA PRO D 8 15.79 -8.78 30.64
C PRO D 8 16.28 -7.77 29.61
N PRO D 9 17.58 -7.40 29.60
CA PRO D 9 18.12 -6.53 28.56
C PRO D 9 18.13 -7.21 27.18
N SER D 10 18.32 -8.54 27.16
CA SER D 10 18.44 -9.36 25.93
C SER D 10 18.23 -10.85 26.24
N MET D 11 17.64 -11.58 25.29
CA MET D 11 17.28 -13.02 25.40
C MET D 11 17.50 -13.69 24.04
N ASP D 12 17.90 -14.97 24.04
CA ASP D 12 18.18 -15.78 22.81
C ASP D 12 17.14 -16.89 22.70
N VAL D 13 16.76 -17.25 21.47
CA VAL D 13 15.81 -18.37 21.16
C VAL D 13 16.21 -18.99 19.83
N ALA D 14 16.49 -20.31 19.82
CA ALA D 14 16.70 -21.10 18.60
C ALA D 14 15.38 -21.14 17.82
N GLU D 15 15.40 -20.71 16.56
CA GLU D 15 14.19 -20.55 15.71
C GLU D 15 13.45 -21.89 15.63
N GLY D 16 12.12 -21.85 15.48
CA GLY D 16 11.24 -23.03 15.51
C GLY D 16 10.62 -23.20 16.89
N ARG D 17 11.44 -23.12 17.94
CA ARG D 17 11.02 -23.27 19.36
C ARG D 17 10.44 -21.94 19.85
N ALA D 18 9.48 -22.01 20.77
CA ALA D 18 8.73 -20.86 21.35
C ALA D 18 9.70 -19.93 22.09
N ALA D 19 9.44 -18.62 22.05
CA ALA D 19 10.16 -17.57 22.80
C ALA D 19 9.27 -17.08 23.94
N ASN D 20 9.71 -17.26 25.19
CA ASN D 20 8.98 -16.83 26.40
C ASN D 20 9.65 -15.58 26.96
N LEU D 21 9.08 -14.41 26.66
CA LEU D 21 9.61 -13.07 27.03
C LEU D 21 9.02 -12.67 28.38
N PRO D 22 9.79 -12.70 29.49
CA PRO D 22 9.26 -12.34 30.80
C PRO D 22 9.21 -10.82 30.98
N CYS D 23 8.37 -10.35 31.91
CA CYS D 23 8.18 -8.93 32.26
C CYS D 23 7.68 -8.82 33.71
N ASN D 24 8.25 -7.87 34.46
CA ASN D 24 7.90 -7.60 35.88
C ASN D 24 7.23 -6.24 35.98
N HIS D 25 6.16 -6.18 36.79
CA HIS D 25 5.36 -4.97 37.10
C HIS D 25 4.57 -5.21 38.39
N SER D 26 5.29 -5.33 39.51
CA SER D 26 4.72 -5.51 40.87
C SER D 26 3.78 -4.36 41.22
N THR D 27 4.11 -3.13 40.77
CA THR D 27 3.46 -1.86 41.17
C THR D 27 2.23 -1.55 40.29
N ILE D 28 1.63 -2.56 39.66
CA ILE D 28 0.42 -2.38 38.79
C ILE D 28 -0.83 -2.32 39.66
N SER D 29 -1.83 -1.56 39.20
CA SER D 29 -3.19 -1.43 39.79
C SER D 29 -4.20 -2.23 38.96
N GLY D 30 -5.47 -2.20 39.34
CA GLY D 30 -6.59 -2.90 38.68
C GLY D 30 -7.10 -2.18 37.44
N ASN D 31 -6.70 -0.92 37.28
CA ASN D 31 -7.09 -0.11 36.13
C ASN D 31 -5.89 0.04 35.18
N GLU D 32 -4.84 -0.78 35.36
CA GLU D 32 -3.57 -0.75 34.56
C GLU D 32 -3.44 -2.05 33.76
N TYR D 33 -3.61 -1.95 32.43
CA TYR D 33 -3.47 -3.07 31.46
C TYR D 33 -1.98 -3.25 31.11
N VAL D 34 -1.57 -4.49 30.78
CA VAL D 34 -0.17 -4.81 30.36
C VAL D 34 -0.13 -4.97 28.83
N TYR D 35 0.56 -4.06 28.14
CA TYR D 35 0.68 -4.01 26.66
C TYR D 35 2.06 -4.54 26.25
N TRP D 36 2.13 -5.21 25.10
CA TRP D 36 3.38 -5.69 24.45
C TRP D 36 3.46 -5.13 23.03
N TYR D 37 4.50 -4.34 22.73
CA TYR D 37 4.87 -3.85 21.38
C TYR D 37 6.25 -4.40 21.02
N ARG D 38 6.66 -4.30 19.76
CA ARG D 38 8.04 -4.62 19.33
C ARG D 38 8.46 -3.69 18.20
N GLN D 39 9.76 -3.71 17.86
CA GLN D 39 10.41 -2.84 16.83
C GLN D 39 11.46 -3.69 16.09
N ILE D 40 11.21 -4.06 14.83
CA ILE D 40 12.13 -4.85 13.98
C ILE D 40 13.08 -3.89 13.25
N HIS D 41 14.35 -3.83 13.68
CA HIS D 41 15.32 -2.73 13.37
C HIS D 41 14.62 -1.42 13.70
N SER D 42 15.11 -0.27 13.25
CA SER D 42 14.46 1.04 13.52
C SER D 42 13.46 1.34 12.41
N GLN D 43 12.36 0.58 12.38
CA GLN D 43 11.08 0.92 11.68
C GLN D 43 9.99 1.08 12.75
N GLY D 44 8.75 1.33 12.34
CA GLY D 44 7.63 1.66 13.24
C GLY D 44 7.42 0.59 14.30
N PRO D 45 7.20 0.97 15.58
CA PRO D 45 6.76 0.00 16.60
C PRO D 45 5.48 -0.71 16.16
N GLN D 46 5.27 -1.95 16.61
CA GLN D 46 4.17 -2.85 16.18
C GLN D 46 3.49 -3.45 17.41
N TYR D 47 2.20 -3.17 17.58
CA TYR D 47 1.36 -3.79 18.65
C TYR D 47 1.37 -5.30 18.45
N ILE D 48 1.61 -6.07 19.51
CA ILE D 48 1.53 -7.56 19.51
C ILE D 48 0.21 -7.97 20.16
N ILE D 49 0.08 -7.72 21.46
CA ILE D 49 -1.04 -8.25 22.31
C ILE D 49 -1.07 -7.46 23.62
N HIS D 50 -2.19 -7.50 24.34
CA HIS D 50 -2.35 -6.92 25.69
C HIS D 50 -3.43 -7.66 26.47
N GLY D 51 -3.52 -7.39 27.78
CA GLY D 51 -4.48 -8.03 28.70
C GLY D 51 -4.55 -7.31 30.03
N LEU D 52 -5.51 -7.70 30.87
CA LEU D 52 -5.71 -7.13 32.23
C LEU D 52 -5.41 -8.20 33.28
N LYS D 53 -6.24 -9.25 33.37
CA LYS D 53 -6.20 -10.24 34.47
C LYS D 53 -6.26 -11.66 33.90
N ASN D 54 -7.19 -11.93 32.96
CA ASN D 54 -7.31 -13.26 32.41
C ASN D 54 -6.28 -13.40 31.29
N ASN D 55 -5.95 -14.65 30.90
CA ASN D 55 -5.00 -14.97 29.82
C ASN D 55 -5.63 -14.59 28.47
N GLU D 56 -4.79 -14.15 27.52
CA GLU D 56 -5.20 -13.69 26.18
C GLU D 56 -4.28 -14.35 25.14
N THR D 57 -4.86 -14.91 24.09
CA THR D 57 -4.15 -15.38 22.86
C THR D 57 -4.74 -14.62 21.66
N ASN D 58 -3.91 -14.35 20.65
CA ASN D 58 -4.34 -13.72 19.38
C ASN D 58 -3.52 -14.32 18.24
N GLU D 59 -3.75 -13.79 17.03
CA GLU D 59 -3.14 -14.31 15.82
C GLU D 59 -1.63 -14.53 16.05
N MET D 60 -0.94 -13.54 16.64
CA MET D 60 0.54 -13.53 16.80
C MET D 60 0.96 -14.40 17.98
N ALA D 61 0.58 -13.99 19.19
CA ALA D 61 1.19 -14.43 20.46
C ALA D 61 0.13 -14.71 21.53
N SER D 62 0.56 -15.18 22.69
CA SER D 62 -0.25 -15.37 23.91
C SER D 62 0.40 -14.60 25.06
N LEU D 63 -0.41 -13.94 25.89
CA LEU D 63 0.01 -13.19 27.09
C LEU D 63 -0.43 -13.99 28.32
N ILE D 64 0.52 -14.31 29.21
CA ILE D 64 0.27 -15.05 30.48
C ILE D 64 0.58 -14.10 31.64
N ILE D 65 -0.45 -13.52 32.25
CA ILE D 65 -0.36 -12.70 33.50
C ILE D 65 -0.52 -13.64 34.71
N THR D 66 0.29 -13.45 35.75
CA THR D 66 0.20 -14.19 37.03
C THR D 66 -1.09 -13.81 37.76
N GLU D 67 -1.56 -14.68 38.66
CA GLU D 67 -2.71 -14.43 39.56
C GLU D 67 -2.48 -13.10 40.29
N ASP D 68 -1.29 -12.91 40.87
CA ASP D 68 -0.91 -11.69 41.65
C ASP D 68 -0.69 -10.50 40.69
N ARG D 69 -0.59 -10.77 39.38
CA ARG D 69 -0.57 -9.76 38.28
C ARG D 69 0.74 -8.97 38.27
N LYS D 70 1.73 -9.36 39.09
CA LYS D 70 3.03 -8.65 39.22
C LYS D 70 3.93 -9.01 38.03
N SER D 71 3.83 -10.25 37.56
CA SER D 71 4.67 -10.84 36.48
C SER D 71 3.81 -11.12 35.25
N SER D 72 4.42 -11.10 34.06
CA SER D 72 3.79 -11.47 32.76
C SER D 72 4.83 -12.16 31.87
N THR D 73 4.34 -13.02 30.97
CA THR D 73 5.14 -13.72 29.92
C THR D 73 4.43 -13.62 28.58
N LEU D 74 5.14 -13.14 27.55
CA LEU D 74 4.69 -13.15 26.13
C LEU D 74 5.25 -14.41 25.46
N ILE D 75 4.39 -15.19 24.79
CA ILE D 75 4.75 -16.46 24.10
C ILE D 75 4.62 -16.25 22.59
N LEU D 76 5.75 -16.20 21.88
CA LEU D 76 5.82 -16.34 20.40
C LEU D 76 5.91 -17.82 20.08
N PRO D 77 4.84 -18.45 19.56
CA PRO D 77 4.69 -19.91 19.59
C PRO D 77 5.82 -20.66 18.87
N HIS D 78 6.19 -20.23 17.66
CA HIS D 78 7.32 -20.78 16.86
C HIS D 78 8.15 -19.63 16.29
N ALA D 79 9.28 -19.30 16.94
CA ALA D 79 10.13 -18.13 16.63
C ALA D 79 10.71 -18.26 15.22
N THR D 80 10.75 -17.14 14.49
CA THR D 80 11.30 -17.06 13.11
C THR D 80 12.34 -15.94 13.08
N LEU D 81 13.16 -15.88 12.03
CA LEU D 81 14.22 -14.84 11.85
C LEU D 81 13.57 -13.45 11.78
N ARG D 82 12.30 -13.37 11.34
CA ARG D 82 11.49 -12.13 11.35
C ARG D 82 11.33 -11.63 12.79
N ASP D 83 11.15 -12.55 13.75
CA ASP D 83 10.81 -12.24 15.16
C ASP D 83 12.02 -11.68 15.91
N THR D 84 13.23 -11.75 15.35
CA THR D 84 14.40 -11.00 15.86
C THR D 84 14.03 -9.52 15.89
N ALA D 85 13.98 -8.93 17.09
CA ALA D 85 13.54 -7.53 17.31
C ALA D 85 13.67 -7.16 18.80
N VAL D 86 13.42 -5.89 19.12
CA VAL D 86 13.31 -5.38 20.51
C VAL D 86 11.85 -5.55 20.94
N TYR D 87 11.61 -6.17 22.11
CA TYR D 87 10.26 -6.46 22.65
C TYR D 87 10.00 -5.59 23.88
N TYR D 88 9.12 -4.60 23.72
CA TYR D 88 8.74 -3.62 24.76
C TYR D 88 7.50 -4.13 25.52
N CYS D 89 7.62 -4.26 26.84
CA CYS D 89 6.52 -4.55 27.79
C CYS D 89 6.16 -3.23 28.50
N ILE D 90 4.94 -2.73 28.27
CA ILE D 90 4.48 -1.38 28.68
C ILE D 90 3.17 -1.50 29.45
N VAL D 91 3.09 -0.91 30.65
CA VAL D 91 1.81 -0.77 31.40
C VAL D 91 1.15 0.54 30.95
N VAL D 92 -0.16 0.48 30.66
CA VAL D 92 -1.00 1.64 30.24
C VAL D 92 -2.24 1.68 31.15
N ARG D 93 -2.26 2.67 32.07
CA ARG D 93 -3.43 2.98 32.93
C ARG D 93 -4.57 3.46 32.04
N SER D 94 -5.76 2.87 32.18
CA SER D 94 -6.96 3.22 31.39
C SER D 94 -7.15 4.74 31.45
N SER D 95 -6.95 5.43 30.33
CA SER D 95 -7.00 6.91 30.20
C SER D 95 -7.65 7.29 28.88
N ASN D 96 -7.65 8.58 28.54
CA ASN D 96 -8.29 9.05 27.33
C ASN D 96 -7.24 9.30 26.26
N THR D 97 -5.97 8.95 26.50
CA THR D 97 -4.91 8.96 25.46
C THR D 97 -4.23 7.59 25.41
N GLY D 98 -3.92 7.00 26.56
CA GLY D 98 -3.24 5.68 26.65
C GLY D 98 -1.87 5.74 25.99
N LYS D 99 -1.09 6.77 26.32
CA LYS D 99 0.27 6.97 25.75
C LYS D 99 1.15 5.81 26.19
N LEU D 100 2.11 5.45 25.35
CA LEU D 100 3.10 4.37 25.61
C LEU D 100 4.32 4.99 26.30
N ILE D 101 4.75 4.44 27.42
CA ILE D 101 6.10 4.71 27.98
C ILE D 101 6.95 3.48 27.63
N PHE D 102 7.98 3.68 26.81
CA PHE D 102 8.87 2.61 26.29
C PHE D 102 10.05 2.40 27.25
N GLY D 103 10.13 1.21 27.86
CA GLY D 103 11.27 0.76 28.66
C GLY D 103 12.46 0.44 27.75
N GLN D 104 13.56 -0.05 28.32
CA GLN D 104 14.76 -0.51 27.55
C GLN D 104 14.32 -1.64 26.61
N GLY D 105 13.58 -2.61 27.13
CA GLY D 105 13.01 -3.73 26.35
C GLY D 105 13.99 -4.88 26.21
N THR D 106 13.49 -6.09 26.01
CA THR D 106 14.28 -7.33 25.74
C THR D 106 14.62 -7.36 24.24
N THR D 107 15.91 -7.35 23.89
CA THR D 107 16.40 -7.57 22.49
C THR D 107 16.48 -9.07 22.25
N LEU D 108 15.59 -9.61 21.41
CA LEU D 108 15.48 -11.07 21.11
C LEU D 108 16.31 -11.41 19.87
N GLN D 109 17.34 -12.25 20.03
CA GLN D 109 18.12 -12.86 18.91
C GLN D 109 17.52 -14.25 18.62
N VAL D 110 16.92 -14.40 17.45
CA VAL D 110 16.41 -15.72 16.95
C VAL D 110 17.58 -16.42 16.25
N LYS D 111 18.22 -17.37 16.95
CA LYS D 111 19.42 -18.12 16.48
C LYS D 111 18.99 -19.06 15.36
N PRO D 112 19.61 -19.00 14.17
CA PRO D 112 19.21 -19.85 13.05
C PRO D 112 19.37 -21.37 13.27
N ASP D 113 20.33 -21.82 14.09
CA ASP D 113 20.73 -23.24 14.22
C ASP D 113 21.30 -23.72 12.88
N ILE D 114 22.63 -23.81 12.80
CA ILE D 114 23.39 -24.38 11.66
C ILE D 114 23.89 -25.77 12.08
N GLN D 115 23.05 -26.80 11.93
CA GLN D 115 23.30 -28.18 12.44
C GLN D 115 24.67 -28.71 11.97
N ASN D 116 25.09 -28.38 10.75
CA ASN D 116 26.40 -28.80 10.18
C ASN D 116 27.13 -27.58 9.63
N PRO D 117 27.95 -26.86 10.45
CA PRO D 117 28.55 -25.59 10.04
C PRO D 117 29.66 -25.76 9.00
N ASP D 118 30.94 -25.72 9.41
CA ASP D 118 32.13 -25.54 8.55
C ASP D 118 32.53 -24.07 8.53
N PRO D 119 32.98 -23.49 9.67
CA PRO D 119 33.58 -22.16 9.66
C PRO D 119 34.71 -22.08 8.62
N ALA D 120 34.87 -20.93 7.97
CA ALA D 120 35.97 -20.65 7.01
C ALA D 120 36.10 -19.14 6.81
N VAL D 121 37.31 -18.66 6.50
CA VAL D 121 37.58 -17.25 6.12
C VAL D 121 37.99 -17.23 4.65
N TYR D 122 37.25 -16.51 3.81
CA TYR D 122 37.55 -16.31 2.37
C TYR D 122 37.87 -14.84 2.15
N GLN D 123 38.44 -14.52 0.98
CA GLN D 123 38.86 -13.16 0.58
C GLN D 123 38.25 -12.86 -0.79
N LEU D 124 37.39 -11.82 -0.86
CA LEU D 124 36.72 -11.39 -2.11
C LEU D 124 37.56 -10.32 -2.79
N ARG D 125 37.68 -10.43 -4.12
CA ARG D 125 38.42 -9.48 -4.99
C ARG D 125 37.46 -8.38 -5.43
N ASP D 126 37.94 -7.14 -5.51
CA ASP D 126 37.14 -5.95 -5.92
C ASP D 126 37.03 -5.93 -7.44
N SER D 127 35.87 -5.51 -7.96
CA SER D 127 35.66 -5.15 -9.39
C SER D 127 36.23 -3.73 -9.61
N LYS D 128 37.30 -3.62 -10.39
CA LYS D 128 38.32 -2.53 -10.30
C LYS D 128 39.15 -2.82 -9.06
N SER D 129 40.29 -3.50 -9.24
CA SER D 129 40.94 -4.34 -8.20
C SER D 129 42.39 -3.88 -7.93
N SER D 130 43.20 -4.79 -7.37
CA SER D 130 44.57 -4.59 -6.81
C SER D 130 44.48 -4.25 -5.32
N ASP D 131 43.31 -3.80 -4.84
CA ASP D 131 43.03 -3.57 -3.39
C ASP D 131 42.47 -4.85 -2.77
N LYS D 132 41.64 -5.61 -3.49
CA LYS D 132 40.87 -6.81 -3.01
C LYS D 132 40.17 -6.53 -1.68
N SER D 133 40.12 -5.26 -1.24
CA SER D 133 40.05 -4.87 0.20
C SER D 133 38.77 -5.40 0.84
N VAL D 134 38.72 -6.72 1.12
CA VAL D 134 37.64 -7.32 1.97
C VAL D 134 37.91 -8.81 2.26
N CYS D 135 37.62 -9.22 3.51
CA CYS D 135 37.61 -10.61 4.01
C CYS D 135 36.18 -11.00 4.41
N LEU D 136 35.83 -12.27 4.26
CA LEU D 136 34.50 -12.83 4.63
C LEU D 136 34.73 -14.05 5.52
N PHE D 137 34.23 -14.01 6.76
CA PHE D 137 34.16 -15.16 7.71
C PHE D 137 32.70 -15.65 7.73
N THR D 138 32.46 -16.87 7.24
CA THR D 138 31.11 -17.38 6.90
C THR D 138 30.96 -18.84 7.33
N ASP D 139 29.71 -19.31 7.46
CA ASP D 139 29.31 -20.72 7.70
C ASP D 139 29.74 -21.20 9.09
N PHE D 140 29.91 -20.26 10.03
CA PHE D 140 30.18 -20.56 11.46
C PHE D 140 28.84 -20.71 12.19
N ASP D 141 28.81 -21.48 13.27
CA ASP D 141 27.61 -21.65 14.13
C ASP D 141 27.31 -20.30 14.81
N SER D 142 26.03 -20.02 15.06
CA SER D 142 25.52 -18.74 15.62
C SER D 142 26.00 -18.51 17.07
N GLN D 143 26.42 -19.56 17.77
CA GLN D 143 26.87 -19.51 19.18
C GLN D 143 28.30 -18.94 19.24
N THR D 144 28.98 -18.80 18.09
CA THR D 144 30.28 -18.08 18.03
C THR D 144 30.02 -16.55 18.03
N ASN D 145 30.94 -15.79 18.62
CA ASN D 145 30.88 -14.30 18.74
C ASN D 145 32.11 -13.69 18.05
N VAL D 146 31.88 -12.60 17.30
CA VAL D 146 32.89 -11.88 16.49
C VAL D 146 33.30 -10.60 17.25
N SER D 147 34.53 -10.55 17.77
CA SER D 147 35.12 -9.36 18.46
C SER D 147 35.40 -8.27 17.42
N GLN D 148 35.55 -7.02 17.88
CA GLN D 148 36.18 -5.92 17.08
C GLN D 148 37.69 -6.00 17.27
N SER D 149 38.44 -5.43 16.31
CA SER D 149 39.91 -5.60 16.14
C SER D 149 40.67 -5.15 17.40
N LYS D 150 40.38 -3.93 17.88
CA LYS D 150 41.21 -3.16 18.86
C LYS D 150 42.51 -2.72 18.15
N ASP D 151 42.47 -2.57 16.83
CA ASP D 151 43.55 -1.99 15.98
C ASP D 151 43.08 -0.61 15.49
N SER D 152 41.82 -0.48 15.10
CA SER D 152 41.16 0.74 14.57
C SER D 152 41.64 1.08 13.15
N ASP D 153 42.73 0.46 12.67
CA ASP D 153 43.17 0.50 11.25
C ASP D 153 42.33 -0.50 10.43
N VAL D 154 41.78 -1.51 11.10
CA VAL D 154 40.92 -2.58 10.51
C VAL D 154 39.47 -2.31 10.92
N TYR D 155 38.52 -2.79 10.11
CA TYR D 155 37.06 -2.75 10.37
C TYR D 155 36.49 -4.17 10.27
N ILE D 156 35.76 -4.57 11.31
CA ILE D 156 35.06 -5.90 11.40
C ILE D 156 33.58 -5.61 11.70
N THR D 157 32.66 -6.27 11.00
CA THR D 157 31.20 -6.05 11.16
C THR D 157 30.64 -6.99 12.25
N ASP D 158 29.41 -6.73 12.67
CA ASP D 158 28.60 -7.64 13.52
C ASP D 158 28.23 -8.85 12.66
N LYS D 159 28.03 -10.02 13.29
CA LYS D 159 27.58 -11.25 12.58
C LYS D 159 26.17 -11.00 12.03
N CYS D 160 25.87 -11.56 10.87
CA CYS D 160 24.64 -11.28 10.08
C CYS D 160 24.11 -12.58 9.45
N VAL D 161 22.94 -13.05 9.88
CA VAL D 161 22.29 -14.29 9.36
C VAL D 161 21.73 -13.99 7.97
N LEU D 162 21.79 -14.98 7.09
CA LEU D 162 21.47 -14.87 5.64
C LEU D 162 20.72 -16.15 5.26
N ASP D 163 19.67 -16.04 4.43
CA ASP D 163 18.71 -17.14 4.17
C ASP D 163 18.42 -17.22 2.66
N MET D 164 18.88 -18.28 2.01
CA MET D 164 18.56 -18.62 0.59
C MET D 164 17.37 -19.58 0.61
N ARG D 165 16.17 -19.05 0.85
CA ARG D 165 14.99 -19.81 1.36
C ARG D 165 14.56 -20.88 0.35
N SER D 166 14.56 -20.57 -0.95
CA SER D 166 14.17 -21.53 -2.01
C SER D 166 15.00 -22.81 -1.86
N MET D 167 16.31 -22.64 -1.64
CA MET D 167 17.32 -23.72 -1.49
C MET D 167 17.28 -24.26 -0.05
N ASP D 168 16.62 -23.53 0.86
CA ASP D 168 16.53 -23.85 2.31
C ASP D 168 17.96 -24.01 2.86
N PHE D 169 18.66 -22.89 3.00
CA PHE D 169 20.03 -22.78 3.54
C PHE D 169 20.16 -21.45 4.30
N LYS D 170 20.90 -21.46 5.41
CA LYS D 170 21.20 -20.26 6.23
C LYS D 170 22.67 -20.25 6.62
N SER D 171 23.39 -19.19 6.25
CA SER D 171 24.82 -18.98 6.58
C SER D 171 24.97 -17.76 7.48
N ASN D 172 25.78 -17.86 8.53
CA ASN D 172 26.22 -16.69 9.33
C ASN D 172 27.44 -16.09 8.63
N SER D 173 27.53 -14.75 8.61
CA SER D 173 28.53 -13.97 7.84
C SER D 173 29.03 -12.81 8.69
N ALA D 174 30.30 -12.44 8.51
CA ALA D 174 30.95 -11.26 9.13
C ALA D 174 32.06 -10.77 8.20
N VAL D 175 31.96 -9.51 7.76
CA VAL D 175 32.90 -8.87 6.79
C VAL D 175 33.99 -8.11 7.58
N ALA D 176 35.20 -8.08 7.04
CA ALA D 176 36.37 -7.35 7.61
C ALA D 176 37.22 -6.78 6.48
N TRP D 177 37.69 -5.54 6.63
CA TRP D 177 38.53 -4.82 5.63
C TRP D 177 39.41 -3.79 6.35
N SER D 178 40.56 -3.45 5.76
CA SER D 178 41.60 -2.55 6.35
C SER D 178 42.33 -1.80 5.23
N ASN D 179 42.37 -0.48 5.30
CA ASN D 179 43.07 0.40 4.33
C ASN D 179 44.55 0.51 4.72
N LYS D 180 45.06 -0.45 5.52
CA LYS D 180 46.41 -0.45 6.12
C LYS D 180 47.37 -1.22 5.20
N SER D 181 48.57 -0.66 4.98
CA SER D 181 49.76 -1.34 4.38
C SER D 181 49.74 -2.85 4.68
N ASP D 182 49.76 -3.21 5.96
CA ASP D 182 49.78 -4.61 6.48
C ASP D 182 48.35 -5.15 6.63
N PHE D 183 47.74 -5.54 5.50
CA PHE D 183 46.40 -6.18 5.40
C PHE D 183 46.60 -7.70 5.31
N ALA D 184 45.58 -8.48 5.66
CA ALA D 184 45.56 -9.97 5.59
C ALA D 184 44.38 -10.53 6.40
N CYS D 185 43.74 -11.58 5.88
CA CYS D 185 42.60 -12.28 6.54
C CYS D 185 43.18 -13.41 7.40
N ALA D 186 42.33 -14.19 8.09
CA ALA D 186 42.69 -15.25 9.06
C ALA D 186 43.11 -14.59 10.39
N ASN D 187 44.15 -13.75 10.35
CA ASN D 187 44.49 -12.75 11.40
C ASN D 187 43.33 -11.76 11.55
N ALA D 188 42.58 -11.48 10.47
CA ALA D 188 41.40 -10.58 10.44
C ALA D 188 40.49 -10.85 11.65
N PHE D 189 40.04 -12.10 11.86
CA PHE D 189 39.02 -12.48 12.87
C PHE D 189 39.68 -13.14 14.08
N ASN D 190 40.95 -12.84 14.34
CA ASN D 190 41.66 -13.12 15.64
C ASN D 190 40.81 -12.53 16.76
N ASN D 191 40.43 -13.37 17.75
CA ASN D 191 39.40 -13.10 18.80
C ASN D 191 38.00 -13.37 18.22
N SER D 192 37.79 -14.60 17.76
CA SER D 192 36.46 -15.22 17.49
C SER D 192 36.45 -16.64 18.11
N ILE D 193 35.91 -16.75 19.33
CA ILE D 193 35.94 -17.94 20.24
C ILE D 193 37.00 -18.95 19.75
N GLY E 4 -2.27 1.17 6.69
CA GLY E 4 -0.94 1.65 7.20
C GLY E 4 -0.87 3.16 7.31
N VAL E 5 -0.26 3.68 8.37
CA VAL E 5 0.05 5.12 8.55
C VAL E 5 1.19 5.49 7.61
N THR E 6 1.09 6.65 6.96
CA THR E 6 2.08 7.22 6.01
C THR E 6 2.76 8.42 6.67
N GLN E 7 4.09 8.54 6.55
CA GLN E 7 4.86 9.72 7.02
C GLN E 7 5.72 10.25 5.86
N PHE E 8 6.11 11.52 5.93
CA PHE E 8 6.91 12.24 4.91
C PHE E 8 7.65 13.40 5.58
N PRO E 9 8.97 13.59 5.31
CA PRO E 9 9.75 12.71 4.44
C PRO E 9 10.34 11.49 5.18
N SER E 10 10.83 10.49 4.44
CA SER E 10 11.46 9.25 4.99
C SER E 10 12.76 9.61 5.73
N HIS E 11 13.47 10.64 5.26
CA HIS E 11 14.76 11.13 5.81
C HIS E 11 14.81 12.66 5.71
N SER E 12 15.58 13.31 6.59
CA SER E 12 15.73 14.79 6.63
C SER E 12 17.07 15.18 7.28
N VAL E 13 17.83 16.03 6.60
CA VAL E 13 19.14 16.57 7.06
C VAL E 13 19.13 18.09 6.83
N ILE E 14 19.20 18.87 7.91
CA ILE E 14 19.02 20.35 7.91
C ILE E 14 20.15 21.00 8.73
N GLU E 15 20.40 22.29 8.51
CA GLU E 15 21.39 23.11 9.27
C GLU E 15 20.70 23.69 10.50
N LYS E 16 21.38 23.71 11.65
CA LYS E 16 20.91 24.33 12.92
C LYS E 16 20.44 25.76 12.60
N GLY E 17 19.25 26.14 13.09
CA GLY E 17 18.64 27.45 12.84
C GLY E 17 17.54 27.39 11.78
N GLN E 18 17.68 26.50 10.80
CA GLN E 18 16.71 26.33 9.68
C GLN E 18 15.41 25.70 10.19
N THR E 19 14.34 25.81 9.40
CA THR E 19 12.98 25.32 9.74
C THR E 19 12.66 24.07 8.92
N VAL E 20 12.35 22.96 9.60
CA VAL E 20 11.85 21.69 8.99
C VAL E 20 10.39 21.49 9.45
N THR E 21 9.56 20.86 8.62
CA THR E 21 8.18 20.44 8.98
C THR E 21 7.97 18.98 8.54
N LEU E 22 7.59 18.12 9.48
CA LEU E 22 7.26 16.69 9.27
C LEU E 22 5.75 16.55 9.02
N ARG E 23 5.36 15.61 8.15
CA ARG E 23 3.94 15.31 7.84
C ARG E 23 3.64 13.87 8.25
N CYS E 24 2.37 13.58 8.53
CA CYS E 24 1.84 12.23 8.84
C CYS E 24 0.38 12.12 8.38
N ASP E 25 0.06 11.09 7.60
CA ASP E 25 -1.32 10.72 7.21
C ASP E 25 -1.76 9.47 7.98
N PRO E 26 -2.73 9.57 8.91
CA PRO E 26 -3.19 8.41 9.66
C PRO E 26 -4.10 7.50 8.82
N ILE E 27 -4.19 6.23 9.20
CA ILE E 27 -5.17 5.24 8.64
C ILE E 27 -6.54 5.91 8.60
N SER E 28 -7.11 6.10 7.41
CA SER E 28 -8.36 6.88 7.17
C SER E 28 -9.48 6.37 8.09
N GLY E 29 -10.09 7.29 8.84
CA GLY E 29 -11.20 7.00 9.77
C GLY E 29 -10.79 7.20 11.21
N HIS E 30 -9.53 6.92 11.53
CA HIS E 30 -8.96 6.95 12.91
C HIS E 30 -9.04 8.36 13.49
N ASP E 31 -9.85 8.50 14.54
CA ASP E 31 -10.03 9.76 15.24
C ASP E 31 -8.72 10.17 15.94
N ASN E 32 -7.96 9.21 16.44
CA ASN E 32 -6.79 9.45 17.33
C ASN E 32 -5.49 9.44 16.51
N LEU E 33 -4.72 10.53 16.58
CA LEU E 33 -3.37 10.65 15.97
C LEU E 33 -2.36 11.01 17.06
N TYR E 34 -1.23 10.31 17.11
CA TYR E 34 -0.15 10.47 18.12
C TYR E 34 1.16 10.83 17.40
N TRP E 35 1.98 11.66 18.03
CA TRP E 35 3.42 11.86 17.72
C TRP E 35 4.26 11.31 18.88
N TYR E 36 5.18 10.41 18.58
CA TYR E 36 6.27 9.94 19.48
C TYR E 36 7.60 10.38 18.85
N ARG E 37 8.70 10.23 19.56
CA ARG E 37 10.06 10.41 18.98
C ARG E 37 11.11 9.72 19.85
N ARG E 38 12.24 9.39 19.24
CA ARG E 38 13.46 8.91 19.91
C ARG E 38 14.62 9.85 19.53
N VAL E 39 14.84 10.87 20.36
CA VAL E 39 16.08 11.70 20.32
C VAL E 39 17.26 10.76 20.60
N MET E 40 18.44 11.12 20.09
CA MET E 40 19.75 10.47 20.38
C MET E 40 19.83 10.17 21.88
N GLY E 41 20.23 8.93 22.22
CA GLY E 41 20.47 8.46 23.60
C GLY E 41 19.25 7.78 24.17
N LYS E 42 18.15 8.54 24.34
CA LYS E 42 16.94 8.13 25.09
C LYS E 42 16.13 7.12 24.28
N GLU E 43 15.08 6.56 24.89
CA GLU E 43 14.14 5.59 24.25
C GLU E 43 13.09 6.37 23.47
N ILE E 44 12.11 5.69 22.87
CA ILE E 44 10.93 6.31 22.19
C ILE E 44 10.09 6.99 23.28
N LYS E 45 9.72 8.25 23.09
CA LYS E 45 8.95 9.06 24.08
C LYS E 45 7.76 9.70 23.37
N PHE E 46 6.63 9.83 24.09
CA PHE E 46 5.37 10.42 23.61
C PHE E 46 5.53 11.94 23.51
N LEU E 47 5.13 12.53 22.38
CA LEU E 47 5.09 14.00 22.17
C LEU E 47 3.67 14.52 22.47
N LEU E 48 2.70 14.14 21.63
CA LEU E 48 1.39 14.82 21.52
C LEU E 48 0.32 13.80 21.11
N HIS E 49 -0.92 13.99 21.56
CA HIS E 49 -2.10 13.17 21.17
C HIS E 49 -3.23 14.08 20.69
N PHE E 50 -3.67 13.90 19.44
CA PHE E 50 -4.84 14.56 18.82
C PHE E 50 -6.05 13.63 18.90
N VAL E 51 -7.21 14.15 19.30
CA VAL E 51 -8.54 13.51 19.13
C VAL E 51 -9.30 14.36 18.09
N LYS E 52 -9.24 13.96 16.82
CA LYS E 52 -9.65 14.79 15.66
C LYS E 52 -8.77 16.03 15.65
N GLU E 53 -9.30 17.15 15.14
CA GLU E 53 -8.52 18.36 14.96
C GLU E 53 -7.97 18.87 16.30
N SER E 54 -8.57 18.46 17.43
CA SER E 54 -8.31 19.01 18.79
C SER E 54 -7.15 18.26 19.48
N LYS E 55 -6.18 19.02 20.01
CA LYS E 55 -5.09 18.49 20.88
C LYS E 55 -5.69 18.01 22.20
N GLN E 56 -5.32 16.82 22.64
CA GLN E 56 -5.85 16.16 23.87
C GLN E 56 -4.75 16.08 24.93
N ASP E 57 -3.51 15.81 24.53
CA ASP E 57 -2.35 15.69 25.45
C ASP E 57 -1.10 16.24 24.75
N GLU E 58 -0.55 17.35 25.25
CA GLU E 58 0.66 18.03 24.75
C GLU E 58 1.85 17.72 25.66
N SER E 59 1.65 16.95 26.72
CA SER E 59 2.57 16.82 27.89
C SER E 59 4.01 16.52 27.45
N GLY E 60 4.21 15.93 26.27
CA GLY E 60 5.53 15.47 25.80
C GLY E 60 6.20 16.43 24.83
N MET E 61 5.53 17.53 24.46
CA MET E 61 6.05 18.53 23.50
C MET E 61 7.16 19.32 24.17
N PRO E 62 8.40 19.34 23.61
CA PRO E 62 9.57 19.85 24.34
C PRO E 62 9.49 21.31 24.79
N ASN E 63 9.19 22.23 23.86
CA ASN E 63 9.40 23.68 24.05
C ASN E 63 8.58 24.45 23.00
N ASN E 64 8.78 25.78 22.91
CA ASN E 64 8.07 26.67 21.96
C ASN E 64 8.53 26.43 20.51
N ARG E 65 9.73 25.89 20.29
CA ARG E 65 10.32 25.71 18.92
C ARG E 65 9.53 24.65 18.14
N PHE E 66 8.90 23.70 18.84
CA PHE E 66 8.09 22.60 18.26
C PHE E 66 6.61 23.00 18.22
N LEU E 67 6.01 23.00 17.04
CA LEU E 67 4.57 23.34 16.81
C LEU E 67 3.94 22.26 15.93
N ALA E 68 2.80 21.70 16.38
CA ALA E 68 2.07 20.59 15.71
C ALA E 68 0.62 21.01 15.46
N GLU E 69 0.10 20.76 14.26
CA GLU E 69 -1.27 21.15 13.85
C GLU E 69 -1.93 19.99 13.09
N ARG E 70 -3.21 19.77 13.34
CA ARG E 70 -4.07 18.80 12.60
C ARG E 70 -5.47 19.42 12.43
N THR E 71 -5.52 20.66 11.94
CA THR E 71 -6.76 21.46 11.75
C THR E 71 -7.78 20.68 10.93
N GLY E 72 -7.34 20.10 9.81
CA GLY E 72 -8.21 19.31 8.95
C GLY E 72 -8.83 18.11 9.65
N GLY E 73 -8.28 17.68 10.78
CA GLY E 73 -8.78 16.53 11.56
C GLY E 73 -8.44 15.22 10.87
N THR E 74 -7.53 15.24 9.90
CA THR E 74 -7.08 14.08 9.09
C THR E 74 -5.55 13.93 9.22
N TYR E 75 -4.79 14.46 8.27
CA TYR E 75 -3.30 14.46 8.29
C TYR E 75 -2.83 15.52 9.27
N SER E 76 -1.62 15.36 9.81
CA SER E 76 -1.01 16.24 10.84
C SER E 76 0.37 16.72 10.37
N THR E 77 0.71 17.97 10.70
CA THR E 77 2.03 18.61 10.49
C THR E 77 2.76 18.69 11.83
N LEU E 78 4.10 18.78 11.80
CA LEU E 78 4.96 19.07 12.99
C LEU E 78 6.15 19.92 12.54
N LYS E 79 6.18 21.19 12.94
CA LYS E 79 7.18 22.19 12.48
C LYS E 79 8.16 22.49 13.62
N VAL E 80 9.45 22.21 13.40
CA VAL E 80 10.57 22.64 14.29
C VAL E 80 11.12 23.96 13.73
N GLN E 81 11.13 25.02 14.53
CA GLN E 81 11.51 26.39 14.08
C GLN E 81 11.95 27.21 15.29
N PRO E 82 13.25 27.52 15.45
CA PRO E 82 14.32 27.01 14.59
C PRO E 82 14.78 25.60 15.02
N ALA E 83 15.32 24.82 14.08
CA ALA E 83 15.85 23.45 14.31
C ALA E 83 17.19 23.56 15.06
N GLU E 84 17.40 22.69 16.05
CA GLU E 84 18.63 22.65 16.90
C GLU E 84 19.21 21.23 16.88
N LEU E 85 20.49 21.11 17.25
CA LEU E 85 21.30 19.86 17.23
C LEU E 85 20.58 18.76 18.02
N GLU E 86 20.16 19.08 19.26
CA GLU E 86 19.60 18.12 20.25
C GLU E 86 18.31 17.48 19.72
N ASP E 87 17.65 18.10 18.74
CA ASP E 87 16.38 17.59 18.14
C ASP E 87 16.64 16.31 17.33
N SER E 88 17.86 16.14 16.84
CA SER E 88 18.28 14.99 15.97
C SER E 88 17.80 13.67 16.58
N GLY E 89 16.90 12.98 15.88
CA GLY E 89 16.33 11.68 16.28
C GLY E 89 15.36 11.16 15.24
N VAL E 90 14.64 10.08 15.56
CA VAL E 90 13.56 9.52 14.71
C VAL E 90 12.21 9.96 15.28
N TYR E 91 11.32 10.47 14.43
CA TYR E 91 9.96 10.97 14.78
C TYR E 91 8.91 10.01 14.23
N PHE E 92 8.27 9.24 15.11
CA PHE E 92 7.25 8.22 14.78
C PHE E 92 5.85 8.78 15.02
N CYS E 93 5.04 8.83 13.97
CA CYS E 93 3.59 9.11 14.01
C CYS E 93 2.84 7.80 14.26
N ALA E 94 1.64 7.88 14.83
CA ALA E 94 0.72 6.73 15.00
C ALA E 94 -0.74 7.20 14.97
N SER E 95 -1.65 6.32 14.56
CA SER E 95 -3.13 6.51 14.60
C SER E 95 -3.76 5.31 15.30
N SER E 96 -4.95 5.48 15.84
CA SER E 96 -5.71 4.44 16.61
C SER E 96 -7.20 4.74 16.43
N GLN E 97 -8.02 3.70 16.29
CA GLN E 97 -9.50 3.80 16.26
C GLN E 97 -10.00 3.72 17.71
N ASP E 98 -9.45 2.77 18.47
CA ASP E 98 -9.93 2.39 19.83
C ASP E 98 -9.05 3.00 20.91
N ARG E 99 -7.86 3.52 20.55
CA ARG E 99 -6.91 4.09 21.50
C ARG E 99 -6.19 2.97 22.29
N ASP E 100 -6.37 1.70 21.90
CA ASP E 100 -5.70 0.55 22.55
C ASP E 100 -4.57 0.08 21.65
N THR E 101 -4.89 -0.30 20.40
CA THR E 101 -3.91 -0.60 19.33
C THR E 101 -3.53 0.72 18.64
N GLN E 102 -2.27 1.13 18.75
CA GLN E 102 -1.71 2.29 18.03
C GLN E 102 -0.93 1.76 16.83
N TYR E 103 -1.34 2.14 15.61
CA TYR E 103 -0.67 1.79 14.35
C TYR E 103 0.37 2.86 14.04
N PHE E 104 1.67 2.50 14.06
CA PHE E 104 2.80 3.43 13.84
C PHE E 104 3.19 3.45 12.37
N GLY E 105 3.62 4.60 11.87
CA GLY E 105 4.16 4.75 10.51
C GLY E 105 5.64 4.38 10.46
N PRO E 106 6.30 4.50 9.30
CA PRO E 106 7.71 4.11 9.15
C PRO E 106 8.68 5.08 9.85
N GLY E 107 8.22 6.30 10.17
CA GLY E 107 8.99 7.30 10.91
C GLY E 107 9.79 8.21 10.00
N THR E 108 9.81 9.51 10.29
CA THR E 108 10.70 10.53 9.68
C THR E 108 12.02 10.52 10.46
N ARG E 109 13.15 10.41 9.77
CA ARG E 109 14.50 10.37 10.41
C ARG E 109 15.18 11.72 10.19
N LEU E 110 15.38 12.47 11.28
CA LEU E 110 15.76 13.92 11.27
C LEU E 110 17.15 14.09 11.88
N THR E 111 18.08 14.71 11.13
CA THR E 111 19.46 15.03 11.55
C THR E 111 19.73 16.52 11.33
N VAL E 112 19.71 17.31 12.40
CA VAL E 112 20.07 18.77 12.40
C VAL E 112 21.58 18.88 12.61
N LEU E 113 22.28 19.57 11.70
CA LEU E 113 23.76 19.54 11.57
C LEU E 113 24.33 20.96 11.69
N GLU E 114 25.21 21.14 12.67
CA GLU E 114 26.10 22.30 12.70
C GLU E 114 26.95 22.26 11.43
N ASP E 115 26.58 23.08 10.42
CA ASP E 115 27.34 23.29 9.15
C ASP E 115 27.18 22.05 8.25
N LEU E 116 26.57 22.22 7.07
CA LEU E 116 26.25 21.12 6.12
C LEU E 116 27.49 20.68 5.32
N LYS E 117 28.67 21.25 5.62
CA LYS E 117 29.92 21.06 4.83
C LYS E 117 30.69 19.83 5.35
N ASN E 118 30.06 18.98 6.16
CA ASN E 118 30.62 17.69 6.63
C ASN E 118 29.73 16.53 6.15
N VAL E 119 28.67 16.83 5.39
CA VAL E 119 27.80 15.82 4.71
C VAL E 119 28.55 15.30 3.48
N PHE E 120 28.73 13.98 3.38
CA PHE E 120 29.35 13.28 2.24
C PHE E 120 28.45 12.12 1.80
N PRO E 121 28.37 11.81 0.50
CA PRO E 121 27.66 10.61 0.03
C PRO E 121 28.56 9.38 0.09
N PRO E 122 28.02 8.16 -0.11
CA PRO E 122 28.81 6.93 -0.02
C PRO E 122 29.58 6.60 -1.31
N GLU E 123 30.79 6.06 -1.17
CA GLU E 123 31.51 5.32 -2.24
C GLU E 123 31.20 3.84 -2.02
N VAL E 124 30.85 3.12 -3.10
CA VAL E 124 30.24 1.76 -3.04
C VAL E 124 30.98 0.83 -4.02
N ALA E 125 31.57 -0.26 -3.52
CA ALA E 125 32.27 -1.30 -4.31
C ALA E 125 31.64 -2.68 -4.04
N VAL E 126 31.44 -3.48 -5.09
CA VAL E 126 31.02 -4.91 -5.02
C VAL E 126 32.28 -5.76 -5.13
N PHE E 127 32.48 -6.70 -4.19
CA PHE E 127 33.62 -7.64 -4.17
C PHE E 127 33.11 -9.02 -4.59
N GLU E 128 33.81 -9.64 -5.55
CA GLU E 128 33.38 -10.87 -6.27
C GLU E 128 33.69 -12.09 -5.40
N PRO E 129 32.89 -13.19 -5.52
CA PRO E 129 33.05 -14.36 -4.65
C PRO E 129 34.46 -14.96 -4.71
N SER E 130 34.89 -15.59 -3.61
CA SER E 130 36.21 -16.27 -3.48
C SER E 130 36.13 -17.62 -4.18
N GLU E 131 37.08 -17.89 -5.10
CA GLU E 131 37.14 -19.16 -5.88
C GLU E 131 37.21 -20.34 -4.90
N ALA E 132 37.94 -20.15 -3.79
CA ALA E 132 38.07 -21.08 -2.66
C ALA E 132 36.68 -21.46 -2.13
N GLU E 133 35.82 -20.48 -1.85
CA GLU E 133 34.44 -20.68 -1.32
C GLU E 133 33.64 -21.56 -2.30
N ILE E 134 33.70 -21.24 -3.59
CA ILE E 134 32.82 -21.84 -4.64
C ILE E 134 33.08 -23.35 -4.69
N SER E 135 34.34 -23.79 -4.57
CA SER E 135 34.73 -25.22 -4.57
C SER E 135 34.43 -25.85 -3.21
N HIS E 136 34.71 -25.15 -2.11
CA HIS E 136 34.60 -25.64 -0.71
C HIS E 136 33.13 -25.87 -0.36
N THR E 137 32.30 -24.83 -0.49
CA THR E 137 30.82 -24.89 -0.51
C THR E 137 30.44 -25.07 -1.99
N GLN E 138 29.14 -25.11 -2.32
CA GLN E 138 28.67 -25.02 -3.72
C GLN E 138 28.00 -23.66 -3.91
N LYS E 139 28.62 -22.59 -3.42
CA LYS E 139 27.95 -21.27 -3.22
C LYS E 139 28.95 -20.12 -3.40
N ALA E 140 28.44 -18.94 -3.77
CA ALA E 140 29.22 -17.72 -4.04
C ALA E 140 28.59 -16.53 -3.31
N THR E 141 29.16 -16.14 -2.16
CA THR E 141 28.83 -14.87 -1.44
C THR E 141 29.52 -13.72 -2.18
N LEU E 142 28.73 -12.78 -2.71
CA LEU E 142 29.19 -11.41 -3.05
C LEU E 142 29.10 -10.56 -1.78
N VAL E 143 30.08 -9.69 -1.54
CA VAL E 143 29.99 -8.64 -0.49
C VAL E 143 29.99 -7.28 -1.20
N CYS E 144 29.21 -6.34 -0.66
CA CYS E 144 29.16 -4.92 -1.10
C CYS E 144 29.50 -4.00 0.08
N LEU E 145 30.26 -2.94 -0.16
CA LEU E 145 30.80 -2.04 0.89
C LEU E 145 30.58 -0.57 0.50
N ALA E 146 29.75 0.13 1.28
CA ALA E 146 29.48 1.58 1.14
C ALA E 146 30.25 2.32 2.25
N THR E 147 31.11 3.26 1.89
CA THR E 147 32.08 3.92 2.82
C THR E 147 32.06 5.44 2.65
N GLY E 148 32.44 6.15 3.72
CA GLY E 148 32.75 7.59 3.69
C GLY E 148 31.52 8.48 3.74
N PHE E 149 30.34 7.91 4.02
CA PHE E 149 29.03 8.63 3.98
C PHE E 149 28.71 9.20 5.36
N TYR E 150 28.02 10.35 5.37
CA TYR E 150 27.58 11.08 6.58
C TYR E 150 26.42 12.02 6.21
N PRO E 151 25.32 12.08 7.00
CA PRO E 151 25.11 11.20 8.15
C PRO E 151 24.70 9.78 7.71
N ASP E 152 24.44 8.88 8.67
CA ASP E 152 24.18 7.43 8.39
C ASP E 152 22.75 7.26 7.85
N HIS E 153 22.43 7.97 6.77
CA HIS E 153 21.12 7.94 6.06
C HIS E 153 21.28 7.21 4.73
N VAL E 154 21.37 5.87 4.77
CA VAL E 154 21.53 4.99 3.57
C VAL E 154 20.57 3.80 3.69
N GLU E 155 19.96 3.40 2.55
CA GLU E 155 19.20 2.13 2.39
C GLU E 155 19.87 1.32 1.28
N LEU E 156 20.34 0.11 1.61
CA LEU E 156 21.06 -0.79 0.67
C LEU E 156 20.07 -1.82 0.13
N SER E 157 20.16 -2.13 -1.17
CA SER E 157 19.32 -3.13 -1.86
C SER E 157 20.17 -3.87 -2.90
N TRP E 158 19.97 -5.18 -3.02
CA TRP E 158 20.64 -6.04 -4.03
C TRP E 158 19.70 -6.23 -5.22
N TRP E 159 20.20 -5.99 -6.43
CA TRP E 159 19.46 -6.17 -7.71
C TRP E 159 20.19 -7.19 -8.58
N VAL E 160 19.50 -8.26 -8.96
CA VAL E 160 19.98 -9.29 -9.93
C VAL E 160 19.29 -9.02 -11.29
N ASN E 161 20.12 -8.60 -12.25
CA ASN E 161 19.71 -7.98 -13.54
C ASN E 161 18.88 -6.75 -13.21
N GLY E 162 17.55 -6.82 -13.29
CA GLY E 162 16.65 -5.66 -13.15
C GLY E 162 15.72 -5.77 -11.96
N LYS E 163 15.61 -6.95 -11.34
CA LYS E 163 14.72 -7.24 -10.19
C LYS E 163 15.54 -7.18 -8.90
N GLU E 164 14.92 -6.64 -7.85
CA GLU E 164 15.51 -6.49 -6.49
C GLU E 164 15.43 -7.85 -5.77
N VAL E 165 16.57 -8.41 -5.36
CA VAL E 165 16.65 -9.73 -4.67
C VAL E 165 16.50 -9.50 -3.16
N HIS E 166 15.88 -10.48 -2.48
CA HIS E 166 15.62 -10.52 -1.01
C HIS E 166 16.20 -11.81 -0.43
N SER E 167 15.92 -12.97 -1.04
CA SER E 167 16.43 -14.29 -0.63
C SER E 167 17.95 -14.32 -0.80
N GLY E 168 18.66 -14.89 0.18
CA GLY E 168 20.12 -15.07 0.20
C GLY E 168 20.86 -13.76 0.44
N VAL E 169 20.16 -12.71 0.92
CA VAL E 169 20.76 -11.38 1.25
C VAL E 169 20.77 -11.25 2.77
N CYS E 170 21.67 -10.39 3.26
CA CYS E 170 21.65 -9.83 4.62
C CYS E 170 22.63 -8.65 4.69
N THR E 171 22.17 -7.51 5.20
CA THR E 171 22.97 -6.27 5.38
C THR E 171 23.12 -5.98 6.89
N ASP E 172 24.20 -5.33 7.30
CA ASP E 172 24.41 -4.86 8.70
C ASP E 172 23.21 -4.01 9.10
N PRO E 173 22.66 -4.14 10.33
CA PRO E 173 21.68 -3.18 10.81
C PRO E 173 22.36 -1.82 11.02
N GLN E 174 23.37 -1.78 11.89
CA GLN E 174 24.13 -0.56 12.26
C GLN E 174 25.34 -0.44 11.34
N PRO E 175 25.62 0.75 10.78
CA PRO E 175 26.86 0.98 10.05
C PRO E 175 28.04 1.20 11.01
N LEU E 176 29.26 0.89 10.56
CA LEU E 176 30.53 1.14 11.30
C LEU E 176 30.89 2.62 11.16
N LYS E 177 31.65 3.18 12.10
CA LYS E 177 31.90 4.65 12.19
C LYS E 177 33.25 5.05 11.57
N GLU E 178 34.08 4.09 11.14
CA GLU E 178 35.40 4.31 10.48
C GLU E 178 36.42 4.89 11.49
N GLN E 179 36.20 6.10 12.00
CA GLN E 179 37.10 6.76 12.99
C GLN E 179 36.35 6.83 14.33
N PRO E 180 36.27 5.70 15.08
CA PRO E 180 35.24 5.52 16.11
C PRO E 180 35.20 6.67 17.14
N ALA E 181 36.36 7.02 17.69
CA ALA E 181 36.55 8.04 18.75
C ALA E 181 35.86 9.36 18.36
N LEU E 182 36.23 9.88 17.18
CA LEU E 182 35.85 11.24 16.68
C LEU E 182 34.34 11.29 16.37
N ASN E 183 33.66 12.38 16.81
CA ASN E 183 32.29 12.77 16.40
C ASN E 183 32.41 13.72 15.21
N ASP E 184 31.42 13.73 14.31
CA ASP E 184 31.51 14.23 12.91
C ASP E 184 32.35 13.22 12.12
N SER E 185 32.20 11.93 12.46
CA SER E 185 32.86 10.78 11.80
C SER E 185 31.94 10.19 10.74
N ARG E 186 32.51 9.85 9.57
CA ARG E 186 31.78 9.31 8.42
C ARG E 186 31.64 7.80 8.60
N TYR E 187 30.56 7.21 8.10
CA TYR E 187 30.15 5.80 8.37
C TYR E 187 30.46 4.89 7.17
N ALA E 188 30.45 3.58 7.44
CA ALA E 188 30.62 2.48 6.46
C ALA E 188 29.57 1.40 6.72
N LEU E 189 29.13 0.71 5.67
CA LEU E 189 28.04 -0.31 5.72
C LEU E 189 28.32 -1.43 4.71
N SER E 190 28.17 -2.68 5.14
CA SER E 190 28.43 -3.90 4.32
C SER E 190 27.16 -4.71 4.18
N SER E 191 27.06 -5.48 3.10
CA SER E 191 25.97 -6.45 2.81
C SER E 191 26.56 -7.66 2.08
N ARG E 192 25.92 -8.84 2.23
CA ARG E 192 26.29 -10.06 1.46
C ARG E 192 25.06 -10.52 0.69
N LEU E 193 25.25 -10.90 -0.58
CA LEU E 193 24.27 -11.66 -1.41
C LEU E 193 24.92 -13.00 -1.74
N ARG E 194 24.38 -14.10 -1.20
CA ARG E 194 24.85 -15.48 -1.52
C ARG E 194 23.93 -16.08 -2.56
N VAL E 195 24.52 -16.71 -3.59
CA VAL E 195 23.81 -17.44 -4.68
C VAL E 195 24.49 -18.79 -4.86
N SER E 196 23.82 -19.73 -5.55
CA SER E 196 24.39 -21.02 -6.01
C SER E 196 25.64 -20.72 -6.84
N ALA E 197 26.71 -21.51 -6.67
CA ALA E 197 27.98 -21.40 -7.42
C ALA E 197 27.67 -21.29 -8.92
N THR E 198 26.81 -22.19 -9.42
CA THR E 198 26.35 -22.28 -10.83
C THR E 198 25.74 -20.93 -11.26
N PHE E 199 24.81 -20.37 -10.48
CA PHE E 199 24.12 -19.09 -10.77
C PHE E 199 25.15 -17.96 -10.92
N TRP E 200 26.18 -17.94 -10.06
CA TRP E 200 27.27 -16.93 -10.11
C TRP E 200 28.13 -17.15 -11.36
N GLN E 201 28.55 -18.40 -11.60
CA GLN E 201 29.65 -18.69 -12.56
C GLN E 201 29.07 -18.95 -13.95
N ASN E 202 27.88 -19.56 -14.02
CA ASN E 202 27.36 -20.25 -15.25
C ASN E 202 26.78 -19.22 -16.22
N PRO E 203 25.61 -18.60 -15.94
CA PRO E 203 25.20 -17.41 -16.69
C PRO E 203 26.18 -16.26 -16.44
N ARG E 204 26.25 -15.28 -17.35
CA ARG E 204 26.88 -13.95 -17.08
C ARG E 204 25.78 -12.99 -16.58
N ASN E 205 24.92 -13.49 -15.69
CA ASN E 205 24.02 -12.77 -14.76
C ASN E 205 24.69 -11.47 -14.29
N HIS E 206 23.92 -10.37 -14.21
CA HIS E 206 24.37 -9.03 -13.75
C HIS E 206 23.94 -8.80 -12.29
N PHE E 207 24.90 -8.51 -11.40
CA PHE E 207 24.66 -8.22 -9.96
C PHE E 207 24.95 -6.74 -9.70
N ARG E 208 24.01 -6.04 -9.05
CA ARG E 208 24.10 -4.61 -8.72
C ARG E 208 23.78 -4.40 -7.24
N CYS E 209 24.66 -3.68 -6.53
CA CYS E 209 24.48 -3.26 -5.12
C CYS E 209 24.10 -1.77 -5.08
N GLN E 210 22.80 -1.48 -4.93
CA GLN E 210 22.23 -0.11 -4.93
C GLN E 210 22.18 0.42 -3.49
N VAL E 211 22.75 1.61 -3.25
CA VAL E 211 22.70 2.32 -1.94
C VAL E 211 22.06 3.70 -2.15
N GLN E 212 20.83 3.88 -1.69
CA GLN E 212 20.14 5.20 -1.67
C GLN E 212 20.72 5.99 -0.48
N PHE E 213 21.31 7.16 -0.75
CA PHE E 213 21.83 8.11 0.26
C PHE E 213 20.92 9.34 0.31
N TYR E 214 20.67 9.85 1.52
CA TYR E 214 19.87 11.08 1.76
C TYR E 214 20.78 12.20 2.26
N GLY E 215 20.86 13.27 1.48
CA GLY E 215 21.67 14.48 1.76
C GLY E 215 20.88 15.75 1.49
N LEU E 216 21.53 16.74 0.90
CA LEU E 216 20.91 18.08 0.66
C LEU E 216 19.92 17.95 -0.50
N SER E 217 18.83 18.74 -0.48
CA SER E 217 17.99 19.00 -1.68
C SER E 217 18.64 20.15 -2.46
N GLU E 218 18.22 20.35 -3.72
CA GLU E 218 18.84 21.32 -4.67
C GLU E 218 18.79 22.73 -4.08
N ASN E 219 17.78 23.01 -3.25
CA ASN E 219 17.56 24.31 -2.55
C ASN E 219 18.83 24.73 -1.79
N ASP E 220 19.21 23.96 -0.76
CA ASP E 220 20.36 24.25 0.15
C ASP E 220 21.57 24.70 -0.67
N GLU E 221 22.11 25.89 -0.33
CA GLU E 221 23.32 26.45 -0.99
C GLU E 221 24.53 25.61 -0.56
N TRP E 222 25.69 25.88 -1.15
CA TRP E 222 26.90 25.04 -0.99
C TRP E 222 28.16 25.90 -1.00
N THR E 223 28.64 26.31 -2.19
CA THR E 223 29.84 27.16 -2.42
C THR E 223 31.13 26.33 -2.42
N GLN E 224 31.16 25.20 -1.71
CA GLN E 224 32.37 24.34 -1.53
C GLN E 224 32.82 23.83 -2.90
N ASP E 225 34.14 23.65 -3.06
CA ASP E 225 34.83 23.37 -4.35
C ASP E 225 34.45 21.97 -4.84
N ARG E 226 34.11 21.04 -3.94
CA ARG E 226 33.66 19.67 -4.29
C ARG E 226 32.20 19.73 -4.75
N ALA E 227 31.64 18.59 -5.19
CA ALA E 227 30.25 18.43 -5.68
C ALA E 227 29.28 18.52 -4.49
N LYS E 228 28.04 18.94 -4.75
CA LYS E 228 26.98 19.16 -3.72
C LYS E 228 26.43 17.80 -3.27
N PRO E 229 26.63 17.41 -1.98
CA PRO E 229 26.28 16.07 -1.50
C PRO E 229 24.99 15.44 -2.04
N VAL E 230 23.85 16.13 -1.91
CA VAL E 230 22.53 15.80 -2.51
C VAL E 230 22.08 14.35 -2.17
N THR E 231 20.77 14.14 -2.07
CA THR E 231 20.13 12.80 -2.06
C THR E 231 20.35 12.17 -3.44
N GLN E 232 20.78 10.91 -3.49
CA GLN E 232 21.23 10.24 -4.74
C GLN E 232 21.46 8.75 -4.52
N ILE E 233 21.43 7.96 -5.60
CA ILE E 233 21.72 6.50 -5.62
C ILE E 233 23.13 6.28 -6.17
N VAL E 234 24.07 5.93 -5.28
CA VAL E 234 25.41 5.39 -5.64
C VAL E 234 25.27 3.86 -5.72
N SER E 235 25.97 3.23 -6.67
CA SER E 235 25.81 1.79 -7.02
C SER E 235 27.15 1.22 -7.50
N ALA E 236 27.36 -0.08 -7.28
CA ALA E 236 28.49 -0.87 -7.85
C ALA E 236 27.92 -2.11 -8.53
N GLU E 237 28.60 -2.60 -9.57
CA GLU E 237 28.14 -3.71 -10.43
C GLU E 237 29.17 -4.83 -10.42
N ALA E 238 28.73 -6.05 -10.73
CA ALA E 238 29.58 -7.25 -10.95
C ALA E 238 28.84 -8.22 -11.88
N TRP E 239 29.55 -8.71 -12.91
CA TRP E 239 29.05 -9.75 -13.86
C TRP E 239 29.58 -11.12 -13.42
N GLY E 240 28.71 -12.13 -13.43
CA GLY E 240 29.09 -13.55 -13.24
C GLY E 240 30.25 -13.93 -14.14
N ARG E 241 31.05 -14.91 -13.76
CA ARG E 241 32.25 -15.34 -14.52
C ARG E 241 32.39 -16.86 -14.48
N ALA E 242 32.30 -17.52 -15.65
CA ALA E 242 32.60 -18.96 -15.87
C ALA E 242 34.10 -19.21 -15.73
N ASP E 243 34.93 -18.17 -15.91
CA ASP E 243 36.41 -18.24 -15.83
C ASP E 243 36.88 -17.52 -14.56
N SER F 3 33.17 -12.70 -45.14
CA SER F 3 32.44 -11.66 -44.37
C SER F 3 31.15 -11.27 -45.10
N HIS F 4 29.98 -11.62 -44.53
CA HIS F 4 28.64 -11.16 -44.97
C HIS F 4 27.93 -10.44 -43.82
N SER F 5 26.89 -9.66 -44.12
CA SER F 5 26.14 -8.81 -43.16
C SER F 5 24.64 -8.88 -43.45
N LEU F 6 23.81 -8.76 -42.41
CA LEU F 6 22.36 -8.46 -42.53
C LEU F 6 22.05 -7.23 -41.67
N LYS F 7 22.22 -6.04 -42.25
CA LYS F 7 21.94 -4.74 -41.59
C LYS F 7 20.57 -4.24 -42.05
N TYR F 8 19.84 -3.58 -41.15
CA TYR F 8 18.65 -2.73 -41.46
C TYR F 8 18.96 -1.29 -41.02
N PHE F 9 18.31 -0.31 -41.64
CA PHE F 9 18.47 1.14 -41.33
C PHE F 9 17.09 1.82 -41.24
N HIS F 10 16.64 2.06 -40.01
CA HIS F 10 15.33 2.68 -39.70
C HIS F 10 15.53 4.19 -39.46
N THR F 11 14.68 5.01 -40.09
CA THR F 11 14.62 6.50 -39.92
C THR F 11 13.20 6.90 -39.52
N SER F 12 13.04 7.66 -38.45
CA SER F 12 11.76 8.30 -38.05
C SER F 12 11.98 9.81 -37.99
N VAL F 13 11.07 10.60 -38.58
CA VAL F 13 11.17 12.09 -38.66
C VAL F 13 9.80 12.69 -38.28
N SER F 14 9.77 13.44 -37.17
CA SER F 14 8.56 14.18 -36.70
C SER F 14 8.24 15.31 -37.67
N ARG F 15 6.94 15.59 -37.87
CA ARG F 15 6.43 16.61 -38.83
C ARG F 15 5.29 17.36 -38.16
N PRO F 16 5.58 18.30 -37.23
CA PRO F 16 4.55 18.99 -36.44
C PRO F 16 3.41 19.57 -37.29
N GLY F 17 3.74 20.18 -38.44
CA GLY F 17 2.79 20.61 -39.47
C GLY F 17 1.82 19.49 -39.83
N ARG F 18 2.33 18.43 -40.47
CA ARG F 18 1.55 17.26 -40.97
C ARG F 18 1.07 16.42 -39.77
N GLY F 19 1.02 15.09 -39.91
CA GLY F 19 0.55 14.17 -38.86
C GLY F 19 1.68 13.31 -38.33
N GLU F 20 1.36 12.05 -38.00
CA GLU F 20 2.29 10.97 -37.58
C GLU F 20 3.67 11.21 -38.16
N PRO F 21 4.77 10.98 -37.41
CA PRO F 21 6.11 11.03 -37.98
C PRO F 21 6.25 10.13 -39.22
N ARG F 22 7.07 10.56 -40.18
CA ARG F 22 7.48 9.75 -41.35
C ARG F 22 8.47 8.68 -40.85
N PHE F 23 8.20 7.40 -41.13
CA PHE F 23 9.05 6.24 -40.74
C PHE F 23 9.42 5.41 -41.96
N ILE F 24 10.70 5.10 -42.14
CA ILE F 24 11.26 4.31 -43.27
C ILE F 24 12.22 3.26 -42.73
N SER F 25 12.10 2.01 -43.21
CA SER F 25 13.05 0.90 -42.96
C SER F 25 13.65 0.46 -44.29
N VAL F 26 14.94 0.13 -44.31
CA VAL F 26 15.61 -0.55 -45.47
C VAL F 26 16.45 -1.71 -44.91
N GLY F 27 16.41 -2.85 -45.59
CA GLY F 27 17.20 -4.05 -45.26
C GLY F 27 18.25 -4.33 -46.33
N TYR F 28 19.47 -4.69 -45.91
CA TYR F 28 20.62 -4.96 -46.79
C TYR F 28 21.27 -6.29 -46.40
N VAL F 29 21.40 -7.22 -47.36
CA VAL F 29 22.35 -8.37 -47.31
C VAL F 29 23.64 -7.91 -48.01
N ASP F 30 24.69 -7.61 -47.24
CA ASP F 30 25.94 -6.99 -47.74
C ASP F 30 25.59 -5.62 -48.33
N ASP F 31 25.86 -5.39 -49.62
CA ASP F 31 25.63 -4.08 -50.30
C ASP F 31 24.37 -4.15 -51.16
N THR F 32 23.57 -5.21 -51.01
CA THR F 32 22.32 -5.45 -51.77
C THR F 32 21.12 -5.16 -50.86
N GLN F 33 20.31 -4.14 -51.17
CA GLN F 33 19.00 -3.92 -50.51
C GLN F 33 18.03 -5.01 -51.01
N PHE F 34 17.16 -5.51 -50.13
CA PHE F 34 16.25 -6.64 -50.42
C PHE F 34 14.81 -6.36 -49.96
N VAL F 35 14.59 -5.50 -48.97
CA VAL F 35 13.22 -5.08 -48.52
C VAL F 35 13.24 -3.62 -48.08
N ARG F 36 12.05 -3.03 -47.94
CA ARG F 36 11.86 -1.68 -47.35
C ARG F 36 10.41 -1.48 -46.90
N PHE F 37 10.23 -0.66 -45.87
CA PHE F 37 8.91 -0.20 -45.34
C PHE F 37 8.89 1.32 -45.35
N ASP F 38 7.76 1.92 -45.74
CA ASP F 38 7.53 3.38 -45.77
C ASP F 38 6.05 3.64 -45.46
N ASN F 39 5.75 4.17 -44.27
CA ASN F 39 4.36 4.35 -43.75
C ASN F 39 3.59 5.34 -44.65
N ASP F 40 4.17 6.50 -44.96
CA ASP F 40 3.55 7.49 -45.87
C ASP F 40 3.75 7.01 -47.32
N ALA F 41 3.14 5.87 -47.66
CA ALA F 41 3.16 5.23 -49.00
C ALA F 41 1.86 4.44 -49.20
N ALA F 42 1.55 4.11 -50.48
CA ALA F 42 0.33 3.43 -50.97
C ALA F 42 0.05 2.17 -50.12
N SER F 43 1.07 1.31 -49.96
CA SER F 43 1.07 0.14 -49.05
C SER F 43 1.75 0.51 -47.72
N PRO F 44 0.99 0.71 -46.60
CA PRO F 44 1.62 0.89 -45.29
C PRO F 44 2.22 -0.43 -44.79
N ARG F 45 3.07 -1.07 -45.62
CA ARG F 45 3.52 -2.49 -45.50
C ARG F 45 4.95 -2.69 -45.99
N MET F 46 5.67 -3.65 -45.40
CA MET F 46 7.00 -4.13 -45.87
C MET F 46 6.82 -4.82 -47.22
N VAL F 47 7.75 -4.60 -48.16
CA VAL F 47 7.66 -5.09 -49.56
C VAL F 47 9.06 -5.49 -50.03
N PRO F 48 9.15 -6.39 -51.05
CA PRO F 48 10.45 -6.79 -51.61
C PRO F 48 11.11 -5.65 -52.38
N ARG F 49 12.45 -5.68 -52.44
CA ARG F 49 13.30 -4.71 -53.20
C ARG F 49 14.46 -5.44 -53.89
N ALA F 50 14.30 -6.75 -54.14
CA ALA F 50 15.29 -7.59 -54.83
C ALA F 50 14.57 -8.79 -55.44
N PRO F 51 14.87 -9.14 -56.72
CA PRO F 51 14.15 -10.20 -57.42
C PRO F 51 13.86 -11.45 -56.58
N TRP F 52 14.83 -11.87 -55.77
CA TRP F 52 14.89 -13.20 -55.09
C TRP F 52 14.02 -13.22 -53.83
N MET F 53 13.47 -12.07 -53.43
CA MET F 53 12.54 -11.94 -52.28
C MET F 53 11.08 -12.02 -52.75
N GLU F 54 10.83 -12.08 -54.06
CA GLU F 54 9.48 -11.81 -54.63
C GLU F 54 8.56 -13.04 -54.49
N GLN F 55 9.03 -14.13 -53.88
CA GLN F 55 8.27 -15.40 -53.76
C GLN F 55 8.05 -15.76 -52.29
N GLU F 56 8.33 -14.85 -51.35
CA GLU F 56 8.48 -15.20 -49.91
C GLU F 56 7.12 -15.56 -49.27
N GLY F 57 6.00 -15.11 -49.84
CA GLY F 57 4.65 -15.52 -49.40
C GLY F 57 4.17 -14.71 -48.20
N SER F 58 2.86 -14.73 -47.97
CA SER F 58 2.10 -13.72 -47.19
C SER F 58 2.55 -13.70 -45.73
N GLU F 59 2.75 -14.87 -45.12
CA GLU F 59 3.18 -15.02 -43.70
C GLU F 59 4.41 -14.14 -43.44
N TYR F 60 5.43 -14.20 -44.31
CA TYR F 60 6.70 -13.44 -44.16
C TYR F 60 6.37 -11.94 -44.14
N TRP F 61 5.65 -11.47 -45.16
CA TRP F 61 5.37 -10.03 -45.38
C TRP F 61 4.42 -9.51 -44.30
N ASP F 62 3.45 -10.32 -43.88
CA ASP F 62 2.45 -9.96 -42.83
C ASP F 62 3.20 -9.77 -41.50
N ARG F 63 4.15 -10.65 -41.18
CA ARG F 63 5.00 -10.56 -39.96
C ARG F 63 5.88 -9.32 -40.03
N GLU F 64 6.69 -9.21 -41.08
CA GLU F 64 7.72 -8.15 -41.22
C GLU F 64 7.05 -6.77 -41.30
N THR F 65 5.78 -6.71 -41.73
CA THR F 65 4.94 -5.48 -41.71
C THR F 65 4.62 -5.13 -40.26
N ARG F 66 4.11 -6.10 -39.49
CA ARG F 66 3.77 -5.94 -38.05
C ARG F 66 4.97 -5.37 -37.30
N SER F 67 6.18 -5.88 -37.58
CA SER F 67 7.45 -5.42 -36.97
C SER F 67 7.66 -3.93 -37.27
N ALA F 68 7.67 -3.56 -38.55
CA ALA F 68 7.92 -2.17 -39.03
C ALA F 68 6.88 -1.23 -38.44
N ARG F 69 5.59 -1.55 -38.58
CA ARG F 69 4.47 -0.71 -38.07
C ARG F 69 4.62 -0.50 -36.57
N ASP F 70 4.87 -1.57 -35.82
CA ASP F 70 5.05 -1.52 -34.34
C ASP F 70 6.26 -0.64 -34.02
N THR F 71 7.39 -0.83 -34.73
CA THR F 71 8.63 -0.04 -34.54
C THR F 71 8.33 1.44 -34.76
N ALA F 72 7.51 1.76 -35.77
CA ALA F 72 7.11 3.13 -36.10
C ALA F 72 6.29 3.72 -34.94
N GLN F 73 5.31 2.99 -34.40
CA GLN F 73 4.44 3.44 -33.29
C GLN F 73 5.31 3.75 -32.06
N ILE F 74 6.24 2.87 -31.69
CA ILE F 74 7.16 3.09 -30.52
C ILE F 74 7.97 4.37 -30.79
N PHE F 75 8.46 4.55 -32.01
CA PHE F 75 9.35 5.69 -32.39
C PHE F 75 8.55 7.00 -32.36
N ARG F 76 7.28 6.94 -32.75
CA ARG F 76 6.29 8.03 -32.59
C ARG F 76 6.38 8.56 -31.15
N VAL F 77 6.37 7.65 -30.17
CA VAL F 77 6.48 7.95 -28.71
C VAL F 77 7.87 8.50 -28.43
N ASN F 78 8.91 7.84 -28.94
CA ASN F 78 10.33 8.17 -28.67
C ASN F 78 10.65 9.61 -29.12
N LEU F 79 10.14 10.03 -30.28
CA LEU F 79 10.28 11.41 -30.83
C LEU F 79 9.81 12.41 -29.77
N ARG F 80 8.62 12.14 -29.19
CA ARG F 80 7.93 13.02 -28.19
C ARG F 80 8.65 12.92 -26.85
N THR F 81 9.09 11.72 -26.47
CA THR F 81 9.87 11.46 -25.22
C THR F 81 11.14 12.32 -25.23
N LEU F 82 12.00 12.14 -26.24
CA LEU F 82 13.32 12.84 -26.38
C LEU F 82 13.10 14.35 -26.49
N ARG F 83 11.98 14.80 -27.06
CA ARG F 83 11.61 16.24 -27.11
C ARG F 83 11.48 16.76 -25.68
N GLY F 84 10.77 16.02 -24.82
CA GLY F 84 10.63 16.32 -23.39
C GLY F 84 11.97 16.36 -22.69
N TYR F 85 12.79 15.33 -22.92
CA TYR F 85 14.14 15.17 -22.30
C TYR F 85 14.98 16.42 -22.57
N TYR F 86 15.08 16.81 -23.85
CA TYR F 86 15.95 17.93 -24.31
C TYR F 86 15.22 19.28 -24.19
N ASN F 87 13.93 19.25 -23.82
CA ASN F 87 13.11 20.45 -23.50
C ASN F 87 12.95 21.29 -24.78
N GLN F 88 12.63 20.64 -25.90
CA GLN F 88 12.46 21.26 -27.24
C GLN F 88 10.96 21.48 -27.49
N SER F 89 10.60 22.47 -28.30
CA SER F 89 9.20 22.84 -28.61
C SER F 89 8.61 21.86 -29.62
N GLU F 90 7.29 21.70 -29.59
CA GLU F 90 6.51 20.83 -30.50
C GLU F 90 6.67 21.29 -31.95
N ALA F 91 6.86 22.60 -32.17
CA ALA F 91 6.91 23.23 -33.50
C ALA F 91 8.11 22.72 -34.31
N GLY F 92 9.27 22.53 -33.67
CA GLY F 92 10.48 22.00 -34.31
C GLY F 92 10.34 20.54 -34.69
N SER F 93 10.82 20.17 -35.90
CA SER F 93 10.88 18.78 -36.41
C SER F 93 12.26 18.17 -36.10
N HIS F 94 12.27 16.93 -35.62
CA HIS F 94 13.50 16.20 -35.20
C HIS F 94 13.55 14.81 -35.87
N THR F 95 14.76 14.23 -35.94
CA THR F 95 15.06 12.92 -36.58
C THR F 95 15.47 11.90 -35.51
N LEU F 96 15.05 10.65 -35.67
CA LEU F 96 15.47 9.52 -34.81
C LEU F 96 15.84 8.35 -35.72
N GLN F 97 17.09 7.90 -35.68
CA GLN F 97 17.63 6.83 -36.55
C GLN F 97 18.02 5.64 -35.69
N TRP F 98 17.67 4.42 -36.12
CA TRP F 98 17.99 3.12 -35.47
C TRP F 98 18.58 2.19 -36.54
N MET F 99 19.78 1.69 -36.31
CA MET F 99 20.40 0.62 -37.16
C MET F 99 20.66 -0.60 -36.28
N HIS F 100 20.74 -1.77 -36.91
CA HIS F 100 21.14 -3.05 -36.27
C HIS F 100 21.67 -3.98 -37.36
N GLY F 101 22.77 -4.68 -37.08
CA GLY F 101 23.39 -5.60 -38.04
C GLY F 101 24.19 -6.69 -37.35
N CYS F 102 24.13 -7.90 -37.91
CA CYS F 102 25.00 -9.05 -37.56
C CYS F 102 25.99 -9.26 -38.70
N GLU F 103 27.13 -9.89 -38.40
CA GLU F 103 28.22 -10.18 -39.36
C GLU F 103 28.62 -11.65 -39.24
N LEU F 104 28.80 -12.33 -40.39
CA LEU F 104 29.36 -13.69 -40.49
C LEU F 104 30.87 -13.57 -40.74
N GLY F 105 31.64 -14.51 -40.17
CA GLY F 105 33.12 -14.46 -40.12
C GLY F 105 33.74 -15.02 -41.41
N PRO F 106 35.05 -15.33 -41.40
CA PRO F 106 35.65 -16.09 -42.50
C PRO F 106 34.84 -17.37 -42.78
N ASP F 107 34.58 -18.15 -41.72
CA ASP F 107 33.63 -19.28 -41.68
C ASP F 107 32.21 -18.72 -41.88
N GLY F 108 31.17 -19.52 -41.60
CA GLY F 108 29.77 -19.11 -41.71
C GLY F 108 29.18 -18.72 -40.36
N ARG F 109 30.02 -18.52 -39.33
CA ARG F 109 29.58 -18.34 -37.92
C ARG F 109 29.56 -16.85 -37.58
N PHE F 110 28.74 -16.47 -36.59
CA PHE F 110 28.54 -15.09 -36.05
C PHE F 110 29.91 -14.49 -35.68
N LEU F 111 30.30 -13.41 -36.35
CA LEU F 111 31.55 -12.64 -36.09
C LEU F 111 31.25 -11.59 -35.02
N ARG F 112 30.24 -10.74 -35.27
CA ARG F 112 29.90 -9.57 -34.43
C ARG F 112 28.48 -9.12 -34.73
N GLY F 113 27.87 -8.42 -33.76
CA GLY F 113 26.57 -7.74 -33.91
C GLY F 113 26.65 -6.34 -33.30
N TYR F 114 25.87 -5.41 -33.83
CA TYR F 114 25.85 -3.99 -33.38
C TYR F 114 24.45 -3.41 -33.56
N GLU F 115 24.11 -2.49 -32.67
CA GLU F 115 22.81 -1.80 -32.59
C GLU F 115 23.04 -0.42 -31.96
N GLN F 116 22.65 0.64 -32.66
CA GLN F 116 22.73 2.05 -32.17
C GLN F 116 21.49 2.80 -32.63
N CYS F 117 21.07 3.81 -31.87
CA CYS F 117 20.08 4.83 -32.30
C CYS F 117 20.67 6.22 -32.06
N ALA F 118 20.39 7.17 -32.97
CA ALA F 118 20.89 8.56 -32.93
C ALA F 118 19.72 9.54 -33.03
N TYR F 119 19.68 10.52 -32.12
CA TYR F 119 18.73 11.66 -32.13
C TYR F 119 19.40 12.85 -32.83
N ASP F 120 18.80 13.32 -33.92
CA ASP F 120 19.23 14.54 -34.66
C ASP F 120 20.67 14.35 -35.16
N GLY F 121 20.96 13.19 -35.77
CA GLY F 121 22.18 12.92 -36.54
C GLY F 121 23.42 12.79 -35.69
N LYS F 122 23.25 12.62 -34.37
CA LYS F 122 24.37 12.44 -33.40
C LYS F 122 24.04 11.23 -32.52
N ASP F 123 25.01 10.34 -32.28
CA ASP F 123 24.86 9.16 -31.38
C ASP F 123 24.02 9.58 -30.17
N TYR F 124 23.10 8.72 -29.73
CA TYR F 124 22.29 8.86 -28.48
C TYR F 124 22.62 7.70 -27.54
N LEU F 125 22.27 6.47 -27.93
CA LEU F 125 22.43 5.24 -27.12
C LEU F 125 23.01 4.12 -27.99
N THR F 126 24.06 3.44 -27.50
CA THR F 126 24.86 2.45 -28.27
C THR F 126 24.95 1.14 -27.48
N LEU F 127 24.61 0.02 -28.12
CA LEU F 127 24.88 -1.34 -27.59
C LEU F 127 26.38 -1.63 -27.78
N ASN F 128 27.08 -1.95 -26.69
CA ASN F 128 28.56 -2.14 -26.68
C ASN F 128 28.92 -3.46 -27.34
N GLU F 129 30.23 -3.69 -27.55
CA GLU F 129 30.81 -4.90 -28.19
C GLU F 129 30.23 -6.16 -27.54
N ASP F 130 30.28 -6.22 -26.20
CA ASP F 130 29.92 -7.41 -25.37
C ASP F 130 28.43 -7.75 -25.49
N LEU F 131 27.63 -6.86 -26.10
CA LEU F 131 26.18 -7.05 -26.40
C LEU F 131 25.37 -7.21 -25.11
N ARG F 132 25.84 -6.69 -23.97
CA ARG F 132 25.15 -6.81 -22.65
C ARG F 132 25.02 -5.47 -21.94
N SER F 133 25.72 -4.42 -22.37
CA SER F 133 25.73 -3.08 -21.73
C SER F 133 25.61 -1.99 -22.80
N TRP F 134 24.97 -0.87 -22.45
CA TRP F 134 24.71 0.28 -23.35
C TRP F 134 25.67 1.44 -23.00
N THR F 135 25.96 2.28 -23.99
CA THR F 135 26.76 3.53 -23.86
C THR F 135 25.84 4.71 -24.17
N ALA F 136 25.55 5.53 -23.16
CA ALA F 136 24.75 6.78 -23.27
C ALA F 136 25.69 7.93 -23.62
N VAL F 137 25.41 8.65 -24.70
CA VAL F 137 26.25 9.76 -25.23
C VAL F 137 26.11 10.98 -24.29
N ASP F 138 24.98 11.06 -23.58
CA ASP F 138 24.37 12.32 -23.12
C ASP F 138 23.63 12.11 -21.80
N THR F 139 23.46 13.18 -21.03
CA THR F 139 22.69 13.25 -19.76
C THR F 139 21.33 12.57 -19.95
N ALA F 140 20.64 12.86 -21.06
CA ALA F 140 19.27 12.39 -21.38
C ALA F 140 19.29 10.88 -21.66
N ALA F 141 20.24 10.42 -22.49
CA ALA F 141 20.39 9.02 -22.92
C ALA F 141 20.52 8.10 -21.69
N GLN F 142 21.01 8.62 -20.56
CA GLN F 142 21.15 7.86 -19.29
C GLN F 142 19.76 7.46 -18.76
N ILE F 143 18.79 8.37 -18.84
CA ILE F 143 17.38 8.13 -18.41
C ILE F 143 16.79 7.00 -19.26
N SER F 144 16.95 7.10 -20.58
CA SER F 144 16.59 6.04 -21.56
C SER F 144 17.31 4.75 -21.15
N GLU F 145 18.65 4.82 -21.06
CA GLU F 145 19.54 3.69 -20.67
C GLU F 145 18.99 3.02 -19.39
N GLN F 146 18.54 3.82 -18.41
CA GLN F 146 18.05 3.34 -17.09
C GLN F 146 16.93 2.32 -17.30
N LYS F 147 16.07 2.54 -18.30
CA LYS F 147 14.95 1.62 -18.64
C LYS F 147 15.50 0.42 -19.41
N SER F 148 16.37 0.67 -20.41
CA SER F 148 17.03 -0.34 -21.29
C SER F 148 17.86 -1.33 -20.44
N ASN F 149 18.68 -0.81 -19.51
CA ASN F 149 19.40 -1.63 -18.51
C ASN F 149 18.38 -2.43 -17.71
N ASP F 150 17.53 -1.74 -16.92
CA ASP F 150 16.54 -2.34 -15.99
C ASP F 150 15.66 -3.33 -16.75
N ALA F 151 15.35 -3.05 -18.02
CA ALA F 151 14.56 -3.93 -18.91
C ALA F 151 15.35 -5.20 -19.24
N SER F 152 16.66 -5.07 -19.52
CA SER F 152 17.49 -6.06 -20.24
C SER F 152 16.97 -6.15 -21.68
N GLU F 153 16.97 -5.01 -22.36
CA GLU F 153 16.86 -4.92 -23.83
C GLU F 153 18.08 -5.65 -24.43
N ALA F 154 19.26 -5.37 -23.88
CA ALA F 154 20.54 -6.07 -24.16
C ALA F 154 20.25 -7.53 -24.51
N GLU F 155 19.57 -8.24 -23.60
CA GLU F 155 19.15 -9.65 -23.77
C GLU F 155 18.39 -9.81 -25.10
N HIS F 156 17.27 -9.10 -25.25
CA HIS F 156 16.37 -9.22 -26.43
C HIS F 156 17.15 -8.93 -27.73
N GLN F 157 18.01 -7.91 -27.73
CA GLN F 157 18.76 -7.47 -28.93
C GLN F 157 19.89 -8.47 -29.22
N ARG F 158 20.58 -8.96 -28.18
CA ARG F 158 21.59 -10.04 -28.29
C ARG F 158 20.93 -11.25 -28.96
N ALA F 159 19.74 -11.64 -28.49
CA ALA F 159 18.96 -12.79 -28.98
C ALA F 159 18.69 -12.65 -30.48
N TYR F 160 18.32 -11.44 -30.93
CA TYR F 160 18.12 -11.13 -32.37
C TYR F 160 19.45 -11.25 -33.12
N LEU F 161 20.46 -10.48 -32.71
CA LEU F 161 21.77 -10.33 -33.40
C LEU F 161 22.48 -11.69 -33.52
N GLU F 162 22.50 -12.50 -32.45
CA GLU F 162 23.31 -13.75 -32.39
C GLU F 162 22.55 -14.90 -33.04
N ASP F 163 21.26 -15.08 -32.74
CA ASP F 163 20.45 -16.22 -33.25
C ASP F 163 19.74 -15.83 -34.56
N THR F 164 18.69 -15.01 -34.47
CA THR F 164 17.70 -14.84 -35.56
C THR F 164 18.35 -14.10 -36.75
N CYS F 165 19.10 -13.02 -36.50
CA CYS F 165 19.76 -12.21 -37.55
C CYS F 165 20.61 -13.10 -38.45
N VAL F 166 21.44 -13.98 -37.85
CA VAL F 166 22.39 -14.85 -38.62
C VAL F 166 21.59 -15.96 -39.30
N GLU F 167 20.62 -16.58 -38.61
CA GLU F 167 19.73 -17.62 -39.19
C GLU F 167 19.14 -17.08 -40.50
N TRP F 168 18.67 -15.83 -40.50
CA TRP F 168 17.94 -15.23 -41.65
C TRP F 168 18.94 -14.70 -42.69
N LEU F 169 20.11 -14.19 -42.26
CA LEU F 169 21.22 -13.81 -43.17
C LEU F 169 21.55 -15.03 -44.05
N HIS F 170 21.76 -16.19 -43.40
CA HIS F 170 22.04 -17.49 -44.05
C HIS F 170 20.94 -17.80 -45.09
N LYS F 171 19.68 -17.73 -44.68
CA LYS F 171 18.51 -18.07 -45.54
C LYS F 171 18.50 -17.17 -46.78
N TYR F 172 18.80 -15.87 -46.62
CA TYR F 172 18.81 -14.87 -47.72
C TYR F 172 19.98 -15.19 -48.67
N LEU F 173 21.18 -15.44 -48.14
CA LEU F 173 22.38 -15.78 -48.95
C LEU F 173 22.05 -16.96 -49.87
N GLU F 174 21.28 -17.94 -49.38
CA GLU F 174 20.87 -19.14 -50.17
C GLU F 174 19.76 -18.74 -51.16
N LYS F 175 18.73 -18.00 -50.69
CA LYS F 175 17.57 -17.57 -51.51
C LYS F 175 18.05 -16.77 -52.73
N GLY F 176 19.01 -15.86 -52.53
CA GLY F 176 19.55 -15.00 -53.59
C GLY F 176 20.97 -15.38 -54.00
N LYS F 177 21.33 -16.66 -53.86
CA LYS F 177 22.71 -17.18 -54.11
C LYS F 177 23.16 -16.83 -55.55
N GLU F 178 22.26 -16.97 -56.52
CA GLU F 178 22.51 -16.69 -57.97
C GLU F 178 23.14 -15.30 -58.11
N THR F 179 22.62 -14.32 -57.36
CA THR F 179 22.97 -12.87 -57.50
C THR F 179 23.99 -12.48 -56.42
N LEU F 180 23.69 -12.79 -55.14
CA LEU F 180 24.44 -12.33 -53.94
C LEU F 180 25.87 -12.90 -53.93
N LEU F 181 26.00 -14.23 -54.02
CA LEU F 181 27.28 -14.96 -53.82
C LEU F 181 28.21 -14.80 -55.04
N HIS F 182 27.81 -14.00 -56.05
CA HIS F 182 28.66 -13.67 -57.23
C HIS F 182 29.52 -12.44 -56.94
N LEU F 183 30.80 -12.48 -57.31
CA LEU F 183 31.73 -11.31 -57.28
C LEU F 183 31.90 -10.80 -58.71
N GLU F 184 31.50 -9.55 -58.96
CA GLU F 184 31.75 -8.84 -60.25
C GLU F 184 32.94 -7.92 -60.06
N PRO F 185 34.05 -8.10 -60.82
CA PRO F 185 35.23 -7.25 -60.66
C PRO F 185 35.03 -5.93 -61.41
N PRO F 186 35.87 -4.91 -61.15
CA PRO F 186 35.74 -3.62 -61.83
C PRO F 186 36.31 -3.65 -63.26
N LYS F 187 35.63 -2.98 -64.20
CA LYS F 187 36.15 -2.64 -65.55
C LYS F 187 36.94 -1.33 -65.41
N THR F 188 38.26 -1.39 -65.55
CA THR F 188 39.20 -0.29 -65.20
C THR F 188 39.78 0.33 -66.48
N HIS F 189 39.75 1.65 -66.57
CA HIS F 189 40.42 2.44 -67.65
C HIS F 189 40.95 3.75 -67.06
N VAL F 190 41.71 4.52 -67.86
CA VAL F 190 42.42 5.75 -67.43
C VAL F 190 42.16 6.86 -68.46
N THR F 191 41.57 7.97 -68.03
CA THR F 191 41.21 9.16 -68.86
C THR F 191 42.33 10.19 -68.74
N HIS F 192 42.39 11.12 -69.69
CA HIS F 192 43.29 12.30 -69.72
C HIS F 192 42.55 13.47 -70.36
N HIS F 193 42.65 14.66 -69.77
CA HIS F 193 42.11 15.93 -70.33
C HIS F 193 43.11 17.06 -70.08
N PRO F 194 43.61 17.73 -71.15
CA PRO F 194 44.58 18.83 -71.00
C PRO F 194 43.95 20.05 -70.31
N ILE F 195 43.97 20.03 -68.97
CA ILE F 195 43.49 21.12 -68.05
C ILE F 195 44.34 22.38 -68.22
N SER F 196 44.53 22.84 -69.46
CA SER F 196 45.46 23.92 -69.92
C SER F 196 46.42 23.32 -70.95
N ASP F 197 47.59 23.95 -71.18
CA ASP F 197 48.68 23.41 -72.02
C ASP F 197 49.76 22.80 -71.12
N HIS F 198 50.27 23.55 -70.14
CA HIS F 198 51.36 23.14 -69.22
C HIS F 198 50.84 22.14 -68.19
N GLU F 199 49.58 22.26 -67.75
CA GLU F 199 48.95 21.36 -66.75
C GLU F 199 48.30 20.17 -67.47
N ALA F 200 47.92 19.12 -66.73
CA ALA F 200 47.20 17.92 -67.22
C ALA F 200 46.67 17.05 -66.08
N THR F 201 45.45 16.52 -66.24
CA THR F 201 44.73 15.67 -65.24
C THR F 201 44.73 14.21 -65.74
N LEU F 202 44.70 13.26 -64.80
CA LEU F 202 44.84 11.79 -65.04
C LEU F 202 43.87 11.02 -64.11
N ARG F 203 42.74 10.57 -64.66
CA ARG F 203 41.61 9.98 -63.90
C ARG F 203 41.60 8.46 -64.12
N CYS F 204 41.66 7.69 -63.03
CA CYS F 204 41.57 6.21 -63.01
C CYS F 204 40.13 5.80 -62.68
N TRP F 205 39.46 5.12 -63.63
CA TRP F 205 38.05 4.67 -63.51
C TRP F 205 38.01 3.20 -63.09
N ALA F 206 37.08 2.85 -62.19
CA ALA F 206 36.67 1.47 -61.86
C ALA F 206 35.14 1.39 -61.88
N LEU F 207 34.58 0.59 -62.78
CA LEU F 207 33.12 0.55 -63.08
C LEU F 207 32.59 -0.88 -62.93
N GLY F 208 31.34 -1.00 -62.50
CA GLY F 208 30.53 -2.24 -62.61
C GLY F 208 30.97 -3.34 -61.65
N PHE F 209 31.44 -2.98 -60.46
CA PHE F 209 31.99 -3.92 -59.45
C PHE F 209 31.02 -4.07 -58.27
N TYR F 210 30.82 -5.32 -57.82
CA TYR F 210 30.14 -5.67 -56.55
C TYR F 210 31.04 -6.70 -55.83
N PRO F 211 31.23 -6.62 -54.50
CA PRO F 211 30.66 -5.55 -53.66
C PRO F 211 31.38 -4.19 -53.80
N ALA F 212 30.96 -3.19 -53.02
CA ALA F 212 31.32 -1.76 -53.16
C ALA F 212 32.68 -1.48 -52.53
N GLU F 213 33.19 -2.39 -51.69
CA GLU F 213 34.55 -2.31 -51.08
C GLU F 213 35.57 -2.30 -52.23
N ILE F 214 36.43 -1.28 -52.26
CA ILE F 214 37.42 -1.04 -53.35
C ILE F 214 38.51 -0.10 -52.80
N THR F 215 39.74 -0.26 -53.30
CA THR F 215 40.88 0.65 -53.01
C THR F 215 41.56 1.03 -54.33
N LEU F 216 41.20 2.22 -54.85
CA LEU F 216 41.89 2.89 -55.99
C LEU F 216 42.95 3.82 -55.42
N THR F 217 44.20 3.64 -55.85
CA THR F 217 45.38 4.40 -55.37
C THR F 217 46.25 4.77 -56.58
N TRP F 218 46.68 6.03 -56.67
CA TRP F 218 47.64 6.54 -57.69
C TRP F 218 49.03 6.59 -57.06
N GLN F 219 49.98 5.83 -57.61
CA GLN F 219 51.39 5.78 -57.12
C GLN F 219 52.33 6.21 -58.26
N GLN F 220 53.39 6.93 -57.91
CA GLN F 220 54.52 7.31 -58.80
C GLN F 220 55.80 6.67 -58.24
N ASP F 221 56.77 6.39 -59.11
CA ASP F 221 58.00 5.60 -58.81
C ASP F 221 58.81 6.32 -57.72
N GLN F 227 51.03 10.54 -52.84
CA GLN F 227 51.20 11.68 -53.78
C GLN F 227 49.82 12.29 -54.08
N ASP F 228 49.13 12.77 -53.03
CA ASP F 228 48.03 13.77 -53.06
C ASP F 228 47.12 13.57 -54.28
N THR F 229 46.16 12.65 -54.19
CA THR F 229 45.25 12.23 -55.29
C THR F 229 43.79 12.51 -54.91
N GLU F 230 42.99 12.96 -55.87
CA GLU F 230 41.56 13.37 -55.68
C GLU F 230 40.64 12.14 -55.77
N LEU F 231 39.77 11.97 -54.77
CA LEU F 231 38.83 10.82 -54.62
C LEU F 231 37.39 11.36 -54.70
N VAL F 232 36.45 10.55 -55.21
CA VAL F 232 34.98 10.81 -55.14
C VAL F 232 34.31 9.59 -54.51
N GLU F 233 33.56 9.79 -53.42
CA GLU F 233 32.85 8.71 -52.68
C GLU F 233 32.30 7.70 -53.68
N THR F 234 32.64 6.41 -53.54
CA THR F 234 32.08 5.28 -54.32
C THR F 234 30.57 5.53 -54.50
N ARG F 235 30.08 5.52 -55.74
CA ARG F 235 28.68 5.85 -56.08
C ARG F 235 27.97 4.62 -56.62
N PRO F 236 26.62 4.55 -56.47
CA PRO F 236 25.84 3.45 -57.05
C PRO F 236 25.63 3.64 -58.56
N ALA F 237 25.81 2.57 -59.33
CA ALA F 237 25.58 2.57 -60.80
C ALA F 237 24.08 2.67 -61.09
N GLY F 238 23.24 2.18 -60.17
CA GLY F 238 21.78 2.12 -60.35
C GLY F 238 21.38 0.84 -61.07
N ASP F 239 22.02 -0.28 -60.72
CA ASP F 239 21.71 -1.64 -61.23
C ASP F 239 22.46 -2.68 -60.39
N GLY F 240 22.54 -2.48 -59.07
CA GLY F 240 23.21 -3.39 -58.12
C GLY F 240 24.70 -3.11 -57.99
N THR F 241 25.35 -2.73 -59.10
CA THR F 241 26.83 -2.53 -59.18
C THR F 241 27.19 -1.09 -58.77
N PHE F 242 28.49 -0.82 -58.59
CA PHE F 242 29.05 0.46 -58.08
C PHE F 242 30.17 0.94 -59.02
N GLN F 243 30.53 2.22 -58.86
CA GLN F 243 31.61 2.88 -59.65
C GLN F 243 32.35 3.88 -58.75
N LYS F 244 33.65 4.04 -59.00
CA LYS F 244 34.54 5.01 -58.31
C LYS F 244 35.58 5.50 -59.32
N TRP F 245 36.05 6.75 -59.16
CA TRP F 245 37.27 7.23 -59.84
C TRP F 245 38.17 7.97 -58.84
N ALA F 246 39.48 7.84 -59.03
CA ALA F 246 40.54 8.65 -58.38
C ALA F 246 41.27 9.42 -59.50
N ALA F 247 41.72 10.64 -59.21
CA ALA F 247 42.42 11.53 -60.16
C ALA F 247 43.71 12.06 -59.53
N VAL F 248 44.63 12.54 -60.38
CA VAL F 248 45.89 13.25 -59.98
C VAL F 248 46.19 14.31 -61.06
N VAL F 249 46.57 15.52 -60.66
CA VAL F 249 47.10 16.55 -61.60
C VAL F 249 48.62 16.36 -61.69
N VAL F 250 49.13 16.10 -62.90
CA VAL F 250 50.52 15.58 -63.15
C VAL F 250 51.18 16.47 -64.20
N PRO F 251 52.54 16.50 -64.27
CA PRO F 251 53.24 17.39 -65.18
C PRO F 251 52.87 17.13 -66.65
N SER F 252 52.70 18.21 -67.43
CA SER F 252 52.48 18.26 -68.91
C SER F 252 52.68 16.88 -69.58
N GLY F 253 53.90 16.51 -69.97
CA GLY F 253 54.29 15.11 -70.23
C GLY F 253 54.75 14.45 -68.94
N GLU F 254 55.06 13.15 -68.96
CA GLU F 254 55.51 12.38 -67.78
C GLU F 254 54.29 11.79 -67.05
N GLU F 255 53.21 11.50 -67.79
CA GLU F 255 52.01 10.77 -67.30
C GLU F 255 52.39 9.32 -66.99
N GLN F 256 53.36 8.77 -67.72
CA GLN F 256 53.72 7.32 -67.71
C GLN F 256 54.42 6.94 -66.40
N ARG F 257 54.97 7.92 -65.68
CA ARG F 257 55.59 7.72 -64.34
C ARG F 257 54.51 7.39 -63.31
N TYR F 258 53.26 7.75 -63.57
CA TYR F 258 52.08 7.54 -62.69
C TYR F 258 51.33 6.28 -63.13
N THR F 259 51.14 5.34 -62.20
CA THR F 259 50.40 4.06 -62.40
C THR F 259 49.29 3.97 -61.36
N CYS F 260 48.09 3.51 -61.76
CA CYS F 260 46.88 3.35 -60.90
C CYS F 260 46.79 1.89 -60.42
N HIS F 261 46.56 1.70 -59.11
CA HIS F 261 46.45 0.37 -58.45
C HIS F 261 45.01 0.16 -57.95
N VAL F 262 44.29 -0.78 -58.57
CA VAL F 262 42.87 -1.14 -58.27
C VAL F 262 42.86 -2.47 -57.50
N GLN F 263 42.43 -2.43 -56.23
CA GLN F 263 42.22 -3.63 -55.37
C GLN F 263 40.71 -3.87 -55.20
N HIS F 264 40.23 -5.04 -55.61
CA HIS F 264 38.82 -5.51 -55.45
C HIS F 264 38.78 -6.99 -55.06
N GLU F 265 37.80 -7.39 -54.25
CA GLU F 265 37.60 -8.78 -53.76
C GLU F 265 37.40 -9.72 -54.95
N GLY F 266 36.83 -9.23 -56.05
CA GLY F 266 36.44 -10.03 -57.23
C GLY F 266 37.53 -10.11 -58.30
N LEU F 267 38.72 -9.56 -58.02
CA LEU F 267 39.92 -9.65 -58.91
C LEU F 267 40.84 -10.75 -58.39
N PRO F 268 41.41 -11.61 -59.26
CA PRO F 268 42.42 -12.57 -58.82
C PRO F 268 43.54 -11.89 -58.03
N GLU F 269 44.20 -10.90 -58.66
CA GLU F 269 45.33 -10.11 -58.09
C GLU F 269 45.09 -8.63 -58.40
N PRO F 270 45.38 -7.71 -57.45
CA PRO F 270 45.28 -6.27 -57.69
C PRO F 270 45.79 -5.83 -59.07
N VAL F 271 44.95 -5.11 -59.82
CA VAL F 271 45.20 -4.68 -61.23
C VAL F 271 45.91 -3.32 -61.23
N THR F 272 46.86 -3.13 -62.15
CA THR F 272 47.68 -1.90 -62.30
C THR F 272 47.43 -1.31 -63.69
N LEU F 273 47.19 0.01 -63.78
CA LEU F 273 46.84 0.75 -65.02
C LEU F 273 47.85 1.88 -65.29
N ARG F 274 47.96 2.30 -66.54
CA ARG F 274 48.63 3.55 -66.99
C ARG F 274 47.79 4.19 -68.11
N TRP F 275 47.98 5.48 -68.37
CA TRP F 275 47.27 6.21 -69.46
C TRP F 275 47.77 5.70 -70.81
N LYS F 276 46.86 5.18 -71.64
CA LYS F 276 47.20 4.45 -72.90
C LYS F 276 47.81 5.44 -73.90
N PRO F 277 47.04 6.36 -74.52
CA PRO F 277 47.61 7.30 -75.49
C PRO F 277 48.41 8.41 -74.80
N ILE G 2 22.16 19.20 -35.75
CA ILE G 2 23.59 19.02 -36.17
C ILE G 2 23.81 19.60 -37.58
N GLN G 3 23.10 19.10 -38.60
CA GLN G 3 23.10 19.59 -40.01
C GLN G 3 24.42 19.32 -40.73
N ARG G 4 24.33 18.68 -41.89
CA ARG G 4 25.45 18.43 -42.85
C ARG G 4 24.95 18.76 -44.27
N THR G 5 25.76 19.47 -45.05
CA THR G 5 25.43 19.84 -46.45
C THR G 5 25.57 18.60 -47.34
N PRO G 6 24.72 18.44 -48.39
CA PRO G 6 24.81 17.28 -49.28
C PRO G 6 26.08 17.27 -50.16
N LYS G 7 26.36 16.13 -50.77
CA LYS G 7 27.38 15.97 -51.84
C LYS G 7 26.71 15.35 -53.06
N ILE G 8 26.86 15.98 -54.23
CA ILE G 8 26.08 15.69 -55.47
C ILE G 8 27.03 15.18 -56.55
N GLN G 9 26.97 13.89 -56.88
CA GLN G 9 27.62 13.31 -58.08
C GLN G 9 26.52 13.09 -59.14
N VAL G 10 26.74 13.57 -60.36
CA VAL G 10 25.81 13.41 -61.52
C VAL G 10 26.57 12.72 -62.66
N TYR G 11 26.02 11.60 -63.14
CA TYR G 11 26.71 10.65 -64.05
C TYR G 11 25.67 9.77 -64.76
N SER G 12 26.14 8.88 -65.65
CA SER G 12 25.30 7.90 -66.39
C SER G 12 25.66 6.47 -65.97
N ARG G 13 24.65 5.60 -65.86
CA ARG G 13 24.78 4.19 -65.41
C ARG G 13 25.83 3.46 -66.27
N HIS G 14 25.78 3.66 -67.58
CA HIS G 14 26.70 3.08 -68.59
C HIS G 14 27.45 4.22 -69.30
N PRO G 15 28.66 3.96 -69.85
CA PRO G 15 29.42 5.01 -70.55
C PRO G 15 28.60 5.71 -71.63
N ALA G 16 28.61 7.06 -71.62
CA ALA G 16 27.79 7.93 -72.50
C ALA G 16 28.11 7.68 -73.98
N GLU G 17 27.06 7.52 -74.80
CA GLU G 17 27.10 7.34 -76.27
C GLU G 17 25.91 8.09 -76.90
N ASN G 18 26.19 9.16 -77.66
CA ASN G 18 25.15 10.04 -78.25
C ASN G 18 24.34 9.24 -79.27
N GLY G 19 23.49 8.34 -78.78
CA GLY G 19 22.61 7.49 -79.61
C GLY G 19 21.93 6.41 -78.80
N LYS G 20 22.67 5.75 -77.90
CA LYS G 20 22.21 4.56 -77.14
C LYS G 20 21.47 5.01 -75.87
N SER G 21 20.36 4.34 -75.56
CA SER G 21 19.54 4.52 -74.33
C SER G 21 20.44 4.31 -73.11
N ASN G 22 20.15 5.02 -72.03
CA ASN G 22 21.01 5.08 -70.82
C ASN G 22 20.14 5.45 -69.61
N PHE G 23 20.78 5.71 -68.46
CA PHE G 23 20.13 6.25 -67.23
C PHE G 23 21.01 7.37 -66.68
N LEU G 24 20.42 8.56 -66.49
CA LEU G 24 21.05 9.71 -65.80
C LEU G 24 20.84 9.53 -64.30
N ASN G 25 21.94 9.54 -63.54
CA ASN G 25 21.97 9.35 -62.06
C ASN G 25 22.38 10.67 -61.41
N CYS G 26 21.65 11.09 -60.37
CA CYS G 26 22.07 12.14 -59.42
C CYS G 26 22.10 11.53 -58.01
N TYR G 27 23.30 11.24 -57.51
CA TYR G 27 23.56 10.60 -56.21
C TYR G 27 23.91 11.67 -55.17
N VAL G 28 22.97 11.95 -54.28
CA VAL G 28 23.10 12.93 -53.16
C VAL G 28 23.35 12.13 -51.87
N SER G 29 24.34 12.55 -51.09
CA SER G 29 24.89 11.77 -49.93
C SER G 29 25.46 12.71 -48.85
N GLY G 30 25.63 12.18 -47.64
CA GLY G 30 26.32 12.85 -46.54
C GLY G 30 25.55 14.02 -45.96
N PHE G 31 24.24 14.08 -46.19
CA PHE G 31 23.37 15.23 -45.79
C PHE G 31 22.54 14.88 -44.54
N HIS G 32 22.08 15.92 -43.84
CA HIS G 32 21.26 15.83 -42.60
C HIS G 32 20.61 17.17 -42.31
N PRO G 33 19.30 17.26 -42.01
CA PRO G 33 18.43 16.08 -41.89
C PRO G 33 17.99 15.52 -43.25
N SER G 34 17.00 14.62 -43.25
CA SER G 34 16.48 13.86 -44.43
C SER G 34 15.91 14.83 -45.48
N ASP G 35 14.96 15.69 -45.10
CA ASP G 35 14.25 16.65 -46.00
C ASP G 35 15.23 17.24 -47.03
N ILE G 36 15.20 16.72 -48.26
CA ILE G 36 16.00 17.21 -49.41
C ILE G 36 15.08 17.30 -50.64
N GLU G 37 15.41 18.21 -51.56
CA GLU G 37 14.76 18.37 -52.90
C GLU G 37 15.79 18.08 -53.98
N VAL G 38 15.49 17.15 -54.89
CA VAL G 38 16.41 16.72 -55.98
C VAL G 38 15.60 16.62 -57.28
N ASP G 39 16.05 17.31 -58.33
CA ASP G 39 15.42 17.30 -59.68
C ASP G 39 16.51 17.00 -60.73
N LEU G 40 16.14 16.23 -61.75
CA LEU G 40 16.95 16.00 -62.97
C LEU G 40 16.48 16.98 -64.04
N LEU G 41 17.39 17.81 -64.54
CA LEU G 41 17.10 18.85 -65.58
C LEU G 41 17.40 18.26 -66.97
N LYS G 42 16.57 18.62 -67.95
CA LYS G 42 16.88 18.49 -69.40
C LYS G 42 16.70 19.87 -70.03
N ASN G 43 17.80 20.62 -70.17
CA ASN G 43 17.83 21.97 -70.78
C ASN G 43 17.04 22.94 -69.88
N GLY G 44 17.41 23.01 -68.61
CA GLY G 44 16.90 24.00 -67.65
C GLY G 44 15.43 23.79 -67.29
N GLU G 45 14.89 22.61 -67.59
CA GLU G 45 13.50 22.21 -67.22
C GLU G 45 13.57 20.99 -66.30
N ARG G 46 12.82 20.99 -65.20
CA ARG G 46 12.77 19.83 -64.25
C ARG G 46 11.99 18.68 -64.91
N ILE G 47 12.48 17.45 -64.73
CA ILE G 47 11.82 16.20 -65.23
C ILE G 47 10.84 15.72 -64.14
N GLU G 48 9.61 15.38 -64.54
CA GLU G 48 8.52 14.94 -63.61
C GLU G 48 8.74 13.47 -63.19
N LYS G 49 8.80 12.54 -64.16
CA LYS G 49 8.95 11.08 -63.87
C LYS G 49 10.42 10.77 -63.58
N VAL G 50 10.83 10.90 -62.32
CA VAL G 50 12.23 10.65 -61.84
C VAL G 50 12.18 9.79 -60.57
N GLU G 51 12.54 8.50 -60.68
CA GLU G 51 12.58 7.53 -59.55
C GLU G 51 13.80 7.82 -58.67
N HIS G 52 13.79 7.31 -57.44
CA HIS G 52 14.82 7.55 -56.40
C HIS G 52 14.90 6.37 -55.44
N SER G 53 16.11 6.03 -54.99
CA SER G 53 16.37 4.94 -54.00
C SER G 53 15.54 5.19 -52.75
N ASP G 54 15.32 4.15 -51.94
CA ASP G 54 14.68 4.27 -50.59
C ASP G 54 15.70 4.93 -49.65
N LEU G 55 15.22 5.75 -48.72
CA LEU G 55 16.09 6.50 -47.78
C LEU G 55 16.94 5.51 -46.96
N SER G 56 18.26 5.73 -46.98
CA SER G 56 19.26 4.99 -46.17
C SER G 56 20.30 6.00 -45.63
N PHE G 57 21.16 5.55 -44.72
CA PHE G 57 22.24 6.37 -44.11
C PHE G 57 23.49 5.50 -43.91
N SER G 58 24.65 6.16 -43.86
CA SER G 58 25.97 5.50 -43.61
C SER G 58 26.26 5.53 -42.10
N LYS G 59 27.40 4.97 -41.69
CA LYS G 59 27.84 4.80 -40.28
C LYS G 59 27.66 6.11 -39.49
N ASP G 60 28.01 7.26 -40.09
CA ASP G 60 28.06 8.58 -39.41
C ASP G 60 26.66 9.23 -39.39
N TRP G 61 25.61 8.48 -39.74
CA TRP G 61 24.17 8.86 -39.62
C TRP G 61 23.73 9.77 -40.78
N SER G 62 24.65 10.16 -41.66
CA SER G 62 24.39 11.04 -42.83
C SER G 62 23.69 10.22 -43.93
N PHE G 63 22.63 10.77 -44.51
CA PHE G 63 21.72 10.10 -45.48
C PHE G 63 22.33 10.09 -46.88
N TYR G 64 21.81 9.22 -47.74
CA TYR G 64 22.14 9.17 -49.19
C TYR G 64 20.92 8.66 -49.97
N LEU G 65 20.64 9.32 -51.11
CA LEU G 65 19.57 8.93 -52.07
C LEU G 65 20.18 8.89 -53.48
N LEU G 66 19.73 7.95 -54.31
CA LEU G 66 20.01 7.92 -55.76
C LEU G 66 18.74 8.34 -56.51
N TYR G 67 18.80 9.46 -57.22
CA TYR G 67 17.77 9.92 -58.19
C TYR G 67 18.26 9.56 -59.60
N TYR G 68 17.37 9.03 -60.44
CA TYR G 68 17.70 8.48 -61.79
C TYR G 68 16.46 8.44 -62.68
N THR G 69 16.66 8.67 -63.98
CA THR G 69 15.63 8.52 -65.05
C THR G 69 16.31 7.98 -66.32
N GLU G 70 15.61 7.12 -67.06
CA GLU G 70 16.03 6.66 -68.41
C GLU G 70 16.20 7.91 -69.29
N PHE G 71 17.32 8.00 -70.01
CA PHE G 71 17.60 9.12 -70.95
C PHE G 71 18.53 8.62 -72.08
N THR G 72 18.49 9.32 -73.22
CA THR G 72 19.35 9.08 -74.41
C THR G 72 20.19 10.34 -74.62
N PRO G 73 21.51 10.30 -74.28
CA PRO G 73 22.36 11.49 -74.39
C PRO G 73 22.58 11.93 -75.85
N THR G 74 22.65 13.25 -76.09
CA THR G 74 22.81 13.87 -77.44
C THR G 74 23.84 15.01 -77.37
N GLU G 75 24.43 15.35 -78.53
CA GLU G 75 25.55 16.31 -78.68
C GLU G 75 25.21 17.66 -78.04
N LYS G 76 23.95 18.11 -78.18
CA LYS G 76 23.50 19.48 -77.81
C LYS G 76 22.76 19.47 -76.46
N ASP G 77 21.91 18.47 -76.21
CA ASP G 77 21.04 18.40 -75.00
C ASP G 77 21.91 18.50 -73.74
N GLU G 78 21.57 19.45 -72.85
CA GLU G 78 22.22 19.67 -71.53
C GLU G 78 21.39 18.99 -70.44
N TYR G 79 22.03 18.21 -69.56
CA TYR G 79 21.42 17.55 -68.38
C TYR G 79 22.16 18.01 -67.12
N ALA G 80 21.41 18.32 -66.06
CA ALA G 80 21.93 18.78 -64.76
C ALA G 80 21.12 18.16 -63.61
N CYS G 81 21.56 18.39 -62.36
CA CYS G 81 20.83 17.98 -61.14
C CYS G 81 20.67 19.18 -60.20
N ARG G 82 19.42 19.54 -59.88
CA ARG G 82 19.07 20.70 -59.02
C ARG G 82 18.73 20.19 -57.62
N VAL G 83 19.67 20.34 -56.68
CA VAL G 83 19.53 19.91 -55.25
C VAL G 83 19.32 21.15 -54.38
N ASN G 84 18.25 21.16 -53.57
CA ASN G 84 18.06 22.14 -52.46
C ASN G 84 18.01 21.37 -51.13
N HIS G 85 18.52 21.98 -50.07
CA HIS G 85 18.57 21.41 -48.69
C HIS G 85 18.42 22.54 -47.68
N VAL G 86 18.18 22.21 -46.41
CA VAL G 86 18.02 23.22 -45.31
C VAL G 86 19.38 23.88 -45.05
N THR G 87 20.47 23.32 -45.59
CA THR G 87 21.86 23.83 -45.46
C THR G 87 22.24 24.71 -46.66
N LEU G 88 21.59 24.53 -47.81
CA LEU G 88 21.86 25.28 -49.07
C LEU G 88 21.07 26.61 -49.07
N SER G 89 21.77 27.74 -48.95
CA SER G 89 21.22 29.12 -48.95
C SER G 89 20.42 29.38 -50.23
N GLN G 90 20.81 28.75 -51.34
CA GLN G 90 20.02 28.76 -52.61
C GLN G 90 20.25 27.42 -53.32
N PRO G 91 19.32 26.99 -54.21
CA PRO G 91 19.43 25.67 -54.82
C PRO G 91 20.77 25.54 -55.57
N LYS G 92 21.47 24.41 -55.37
CA LYS G 92 22.74 24.08 -56.06
C LYS G 92 22.42 23.21 -57.28
N ILE G 93 22.85 23.65 -58.46
CA ILE G 93 22.75 22.88 -59.74
C ILE G 93 24.14 22.30 -60.04
N VAL G 94 24.21 21.06 -60.51
CA VAL G 94 25.47 20.37 -60.91
C VAL G 94 25.26 19.78 -62.32
N LYS G 95 26.02 20.29 -63.29
CA LYS G 95 25.89 19.97 -64.75
C LYS G 95 26.55 18.62 -65.01
N TRP G 96 25.88 17.74 -65.76
CA TRP G 96 26.44 16.44 -66.21
C TRP G 96 27.54 16.70 -67.24
N ASP G 97 28.77 16.28 -66.95
CA ASP G 97 29.82 16.08 -67.97
C ASP G 97 30.16 14.58 -68.01
N ARG G 98 30.20 14.01 -69.22
CA ARG G 98 30.45 12.57 -69.47
C ARG G 98 31.90 12.18 -69.12
N ASP G 99 32.71 13.09 -68.56
CA ASP G 99 34.14 12.88 -68.22
C ASP G 99 34.31 12.69 -66.70
N MET G 100 33.22 12.81 -65.93
CA MET G 100 33.18 12.77 -64.44
C MET G 100 31.90 12.06 -63.96
N VAL H 1 15.29 -10.63 -41.73
CA VAL H 1 14.21 -10.23 -40.79
C VAL H 1 14.74 -9.09 -39.92
N MET H 2 13.89 -8.10 -39.63
CA MET H 2 14.26 -6.93 -38.78
C MET H 2 14.03 -7.30 -37.32
N ALA H 3 14.71 -6.61 -36.40
CA ALA H 3 14.64 -6.81 -34.94
C ALA H 3 13.17 -6.80 -34.51
N PRO H 4 12.64 -7.91 -33.94
CA PRO H 4 11.23 -7.98 -33.57
C PRO H 4 10.79 -7.00 -32.47
N ARG H 5 11.75 -6.46 -31.71
CA ARG H 5 11.53 -5.57 -30.54
C ARG H 5 12.56 -4.44 -30.54
N THR H 6 12.15 -3.23 -30.15
CA THR H 6 13.01 -2.01 -30.18
C THR H 6 12.97 -1.28 -28.84
N LEU H 7 13.87 -0.32 -28.67
CA LEU H 7 14.04 0.49 -27.42
C LEU H 7 12.82 1.39 -27.25
N ILE H 8 12.32 1.51 -26.02
CA ILE H 8 11.44 2.64 -25.59
C ILE H 8 12.30 3.57 -24.74
N ALA I 3 -3.52 -24.60 -30.91
CA ALA I 3 -2.60 -25.11 -29.86
C ALA I 3 -1.56 -24.04 -29.53
N LYS I 4 -0.39 -24.44 -29.01
CA LYS I 4 0.89 -23.68 -28.88
C LYS I 4 1.60 -24.09 -27.58
N THR I 5 0.83 -24.43 -26.55
CA THR I 5 1.31 -24.94 -25.23
C THR I 5 0.23 -25.87 -24.66
N THR I 6 0.57 -27.13 -24.38
CA THR I 6 -0.35 -28.13 -23.77
C THR I 6 0.19 -28.57 -22.41
N GLN I 7 -0.66 -28.53 -21.38
CA GLN I 7 -0.35 -28.93 -19.99
C GLN I 7 -1.38 -29.95 -19.52
N PRO I 8 -1.14 -30.65 -18.40
CA PRO I 8 -2.19 -31.41 -17.73
C PRO I 8 -3.37 -30.49 -17.37
N PRO I 9 -4.62 -31.00 -17.34
CA PRO I 9 -5.75 -30.18 -16.89
C PRO I 9 -5.66 -29.87 -15.39
N SER I 10 -5.08 -30.76 -14.59
CA SER I 10 -5.00 -30.66 -13.11
C SER I 10 -3.96 -31.65 -12.55
N MET I 11 -3.31 -31.26 -11.45
CA MET I 11 -2.22 -32.02 -10.79
C MET I 11 -2.36 -31.84 -9.26
N ASP I 12 -2.00 -32.85 -8.47
CA ASP I 12 -2.02 -32.81 -6.99
C ASP I 12 -0.60 -32.91 -6.46
N VAL I 13 -0.33 -32.22 -5.34
CA VAL I 13 1.00 -32.22 -4.65
C VAL I 13 0.76 -32.07 -3.14
N ALA I 14 1.22 -33.02 -2.33
CA ALA I 14 1.21 -32.93 -0.84
C ALA I 14 2.19 -31.83 -0.45
N GLU I 15 1.72 -30.84 0.32
CA GLU I 15 2.51 -29.62 0.67
C GLU I 15 3.82 -30.05 1.33
N GLY I 16 4.88 -29.25 1.16
CA GLY I 16 6.25 -29.56 1.60
C GLY I 16 7.08 -30.13 0.46
N ARG I 17 6.51 -31.09 -0.29
CA ARG I 17 7.19 -31.75 -1.43
C ARG I 17 7.04 -30.90 -2.70
N ALA I 18 8.04 -30.96 -3.57
CA ALA I 18 8.16 -30.16 -4.81
C ALA I 18 7.00 -30.50 -5.77
N ALA I 19 6.53 -29.50 -6.52
CA ALA I 19 5.52 -29.64 -7.59
C ALA I 19 6.21 -29.43 -8.94
N ASN I 20 6.20 -30.44 -9.81
CA ASN I 20 6.82 -30.41 -11.16
C ASN I 20 5.70 -30.28 -12.20
N LEU I 21 5.45 -29.06 -12.68
CA LEU I 21 4.38 -28.73 -13.66
C LEU I 21 4.93 -28.85 -15.07
N PRO I 22 4.59 -29.90 -15.84
CA PRO I 22 5.10 -30.04 -17.21
C PRO I 22 4.33 -29.14 -18.19
N CYS I 23 4.95 -28.84 -19.33
CA CYS I 23 4.38 -28.05 -20.44
C CYS I 23 5.04 -28.45 -21.76
N ASN I 24 4.23 -28.62 -22.81
CA ASN I 24 4.66 -29.09 -24.15
C ASN I 24 4.50 -27.96 -25.17
N HIS I 25 5.50 -27.78 -26.04
CA HIS I 25 5.55 -26.74 -27.10
C HIS I 25 6.59 -27.13 -28.15
N SER I 26 6.34 -28.22 -28.89
CA SER I 26 7.19 -28.72 -30.00
C SER I 26 7.39 -27.63 -31.06
N THR I 27 6.35 -26.82 -31.32
CA THR I 27 6.26 -25.86 -32.47
C THR I 27 6.88 -24.50 -32.12
N ILE I 28 7.79 -24.45 -31.12
CA ILE I 28 8.45 -23.20 -30.66
C ILE I 28 9.60 -22.86 -31.60
N SER I 29 9.86 -21.56 -31.76
CA SER I 29 11.00 -20.98 -32.53
C SER I 29 12.07 -20.48 -31.55
N GLY I 30 13.15 -19.91 -32.08
CA GLY I 30 14.34 -19.48 -31.32
C GLY I 30 14.14 -18.11 -30.68
N ASN I 31 13.19 -17.34 -31.19
CA ASN I 31 12.88 -16.04 -30.61
C ASN I 31 11.49 -16.09 -29.98
N GLU I 32 11.07 -17.28 -29.53
CA GLU I 32 9.87 -17.53 -28.69
C GLU I 32 10.33 -17.96 -27.29
N TYR I 33 10.14 -17.10 -26.29
CA TYR I 33 10.43 -17.35 -24.87
C TYR I 33 9.26 -18.13 -24.23
N VAL I 34 9.55 -18.95 -23.22
CA VAL I 34 8.56 -19.75 -22.45
C VAL I 34 8.27 -19.03 -21.12
N TYR I 35 7.06 -18.49 -20.96
CA TYR I 35 6.62 -17.73 -19.76
C TYR I 35 5.72 -18.63 -18.91
N TRP I 36 5.80 -18.49 -17.58
CA TRP I 36 4.89 -19.14 -16.59
C TRP I 36 4.23 -18.06 -15.72
N TYR I 37 2.89 -17.99 -15.76
CA TYR I 37 2.05 -17.16 -14.85
C TYR I 37 1.15 -18.09 -14.04
N ARG I 38 0.50 -17.58 -13.00
CA ARG I 38 -0.52 -18.34 -12.23
C ARG I 38 -1.61 -17.37 -11.76
N GLN I 39 -2.73 -17.92 -11.28
CA GLN I 39 -3.92 -17.19 -10.80
C GLN I 39 -4.43 -17.90 -9.53
N ILE I 40 -4.26 -17.28 -8.35
CA ILE I 40 -4.70 -17.84 -7.03
C ILE I 40 -6.15 -17.39 -6.78
N HIS I 41 -7.11 -18.32 -6.92
CA HIS I 41 -8.56 -18.02 -7.08
C HIS I 41 -8.70 -17.00 -8.20
N SER I 42 -9.84 -16.31 -8.37
CA SER I 42 -10.00 -15.32 -9.46
C SER I 42 -9.58 -13.94 -8.95
N GLN I 43 -8.27 -13.78 -8.69
CA GLN I 43 -7.58 -12.47 -8.52
C GLN I 43 -6.55 -12.35 -9.65
N GLY I 44 -5.78 -11.26 -9.67
CA GLY I 44 -4.86 -10.91 -10.78
C GLY I 44 -3.89 -12.05 -11.08
N PRO I 45 -3.65 -12.38 -12.37
CA PRO I 45 -2.55 -13.26 -12.74
C PRO I 45 -1.21 -12.74 -12.18
N GLN I 46 -0.29 -13.65 -11.88
CA GLN I 46 1.01 -13.36 -11.22
C GLN I 46 2.14 -14.02 -12.02
N TYR I 47 3.08 -13.21 -12.53
CA TYR I 47 4.31 -13.69 -13.20
C TYR I 47 5.09 -14.55 -12.20
N ILE I 48 5.53 -15.74 -12.61
CA ILE I 48 6.40 -16.64 -11.80
C ILE I 48 7.82 -16.50 -12.31
N ILE I 49 8.08 -16.98 -13.53
CA ILE I 49 9.44 -17.12 -14.12
C ILE I 49 9.31 -17.30 -15.64
N HIS I 50 10.38 -17.07 -16.38
CA HIS I 50 10.47 -17.33 -17.84
C HIS I 50 11.92 -17.58 -18.24
N GLY I 51 12.11 -18.05 -19.47
CA GLY I 51 13.43 -18.39 -20.04
C GLY I 51 13.34 -18.65 -21.53
N LEU I 52 14.49 -18.87 -22.18
CA LEU I 52 14.59 -19.09 -23.64
C LEU I 52 15.04 -20.53 -23.91
N LYS I 53 16.27 -20.89 -23.55
CA LYS I 53 16.85 -22.23 -23.85
C LYS I 53 17.51 -22.84 -22.62
N ASN I 54 18.29 -22.03 -21.89
CA ASN I 54 19.02 -22.53 -20.74
C ASN I 54 18.06 -22.61 -19.54
N ASN I 55 18.47 -23.30 -18.48
CA ASN I 55 17.74 -23.37 -17.19
C ASN I 55 17.82 -22.00 -16.49
N GLU I 56 16.75 -21.61 -15.79
CA GLU I 56 16.72 -20.41 -14.92
C GLU I 56 15.99 -20.75 -13.61
N THR I 57 16.49 -20.21 -12.51
CA THR I 57 15.88 -20.23 -11.15
C THR I 57 15.68 -18.79 -10.68
N ASN I 58 14.66 -18.56 -9.84
CA ASN I 58 14.43 -17.27 -9.14
C ASN I 58 13.85 -17.56 -7.77
N GLU I 59 13.50 -16.49 -7.05
CA GLU I 59 13.05 -16.59 -5.68
C GLU I 59 11.97 -17.67 -5.55
N MET I 60 11.00 -17.67 -6.48
CA MET I 60 9.79 -18.53 -6.42
C MET I 60 10.12 -19.94 -6.89
N ALA I 61 10.47 -20.09 -8.17
CA ALA I 61 10.51 -21.38 -8.88
C ALA I 61 11.75 -21.50 -9.76
N SER I 62 11.92 -22.67 -10.40
CA SER I 62 12.95 -22.98 -11.42
C SER I 62 12.25 -23.46 -12.68
N LEU I 63 12.74 -23.02 -13.85
CA LEU I 63 12.23 -23.43 -15.18
C LEU I 63 13.27 -24.35 -15.82
N ILE I 64 12.88 -25.56 -16.21
CA ILE I 64 13.76 -26.56 -16.90
C ILE I 64 13.23 -26.73 -18.33
N ILE I 65 13.90 -26.11 -19.30
CA ILE I 65 13.64 -26.25 -20.76
C ILE I 65 14.54 -27.39 -21.28
N THR I 66 13.98 -28.29 -22.10
CA THR I 66 14.72 -29.43 -22.69
C THR I 66 15.72 -28.91 -23.72
N GLU I 67 16.77 -29.69 -24.03
CA GLU I 67 17.75 -29.39 -25.09
C GLU I 67 17.01 -29.12 -26.40
N ASP I 68 16.06 -29.98 -26.77
CA ASP I 68 15.25 -29.88 -28.01
C ASP I 68 14.24 -28.74 -27.89
N ARG I 69 14.02 -28.21 -26.68
CA ARG I 69 13.22 -27.00 -26.37
C ARG I 69 11.72 -27.24 -26.58
N LYS I 70 11.31 -28.48 -26.86
CA LYS I 70 9.90 -28.85 -27.14
C LYS I 70 9.11 -28.92 -25.83
N SER I 71 9.77 -29.35 -24.74
CA SER I 71 9.17 -29.56 -23.39
C SER I 71 9.75 -28.55 -22.39
N SER I 72 8.99 -28.23 -21.34
CA SER I 72 9.43 -27.44 -20.17
C SER I 72 8.77 -27.96 -18.88
N THR I 73 9.45 -27.78 -17.74
CA THR I 73 8.96 -28.13 -16.39
C THR I 73 9.20 -26.97 -15.43
N LEU I 74 8.16 -26.51 -14.75
CA LEU I 74 8.23 -25.50 -13.66
C LEU I 74 8.30 -26.25 -12.32
N ILE I 75 9.30 -25.94 -11.48
CA ILE I 75 9.50 -26.62 -10.18
C ILE I 75 9.25 -25.61 -9.06
N LEU I 76 8.16 -25.81 -8.31
CA LEU I 76 7.92 -25.16 -6.99
C LEU I 76 8.62 -26.01 -5.92
N PRO I 77 9.74 -25.53 -5.35
CA PRO I 77 10.67 -26.39 -4.62
C PRO I 77 10.04 -27.10 -3.41
N HIS I 78 9.29 -26.36 -2.60
CA HIS I 78 8.50 -26.86 -1.44
C HIS I 78 7.11 -26.22 -1.47
N ALA I 79 6.12 -26.97 -1.96
CA ALA I 79 4.73 -26.51 -2.20
C ALA I 79 4.10 -26.05 -0.88
N THR I 80 3.36 -24.94 -0.92
CA THR I 80 2.62 -24.38 0.23
C THR I 80 1.15 -24.21 -0.16
N LEU I 81 0.28 -23.97 0.81
CA LEU I 81 -1.18 -23.79 0.58
C LEU I 81 -1.41 -22.55 -0.30
N ARG I 82 -0.49 -21.58 -0.25
CA ARG I 82 -0.50 -20.40 -1.16
C ARG I 82 -0.38 -20.84 -2.61
N ASP I 83 0.44 -21.87 -2.87
CA ASP I 83 0.80 -22.33 -4.25
C ASP I 83 -0.37 -23.06 -4.91
N THR I 84 -1.43 -23.43 -4.17
CA THR I 84 -2.71 -23.88 -4.78
C THR I 84 -3.20 -22.78 -5.71
N ALA I 85 -3.27 -23.05 -7.01
CA ALA I 85 -3.66 -22.07 -8.06
C ALA I 85 -3.71 -22.76 -9.43
N VAL I 86 -4.18 -22.01 -10.43
CA VAL I 86 -4.11 -22.39 -11.87
C VAL I 86 -2.75 -21.91 -12.40
N TYR I 87 -1.99 -22.79 -13.05
CA TYR I 87 -0.63 -22.51 -13.57
C TYR I 87 -0.64 -22.49 -15.09
N TYR I 88 -0.49 -21.28 -15.66
CA TYR I 88 -0.53 -21.01 -17.12
C TYR I 88 0.92 -21.02 -17.65
N CYS I 89 1.16 -21.89 -18.64
CA CYS I 89 2.40 -21.97 -19.45
C CYS I 89 2.13 -21.32 -20.82
N ILE I 90 2.81 -20.21 -21.11
CA ILE I 90 2.52 -19.30 -22.25
C ILE I 90 3.81 -19.04 -23.03
N VAL I 91 3.78 -19.25 -24.35
CA VAL I 91 4.88 -18.83 -25.25
C VAL I 91 4.62 -17.38 -25.69
N VAL I 92 5.66 -16.55 -25.63
CA VAL I 92 5.63 -15.12 -26.07
C VAL I 92 6.79 -14.90 -27.05
N ARG I 93 6.45 -14.77 -28.33
CA ARG I 93 7.39 -14.40 -29.43
C ARG I 93 7.88 -12.98 -29.16
N SER I 94 9.20 -12.77 -29.17
CA SER I 94 9.84 -11.45 -28.97
C SER I 94 9.17 -10.42 -29.88
N SER I 95 8.42 -9.49 -29.29
CA SER I 95 7.65 -8.44 -30.00
C SER I 95 7.73 -7.14 -29.20
N ASN I 96 6.98 -6.11 -29.63
CA ASN I 96 6.99 -4.83 -28.96
C ASN I 96 5.76 -4.70 -28.05
N THR I 97 4.98 -5.77 -27.91
CA THR I 97 3.77 -5.82 -27.04
C THR I 97 3.90 -7.01 -26.08
N GLY I 98 4.28 -8.18 -26.58
CA GLY I 98 4.49 -9.40 -25.78
C GLY I 98 3.22 -9.80 -25.05
N LYS I 99 2.08 -9.82 -25.75
CA LYS I 99 0.76 -10.13 -25.16
C LYS I 99 0.77 -11.59 -24.69
N LEU I 100 0.03 -11.88 -23.63
CA LEU I 100 -0.11 -13.24 -23.07
C LEU I 100 -1.31 -13.93 -23.72
N ILE I 101 -1.12 -15.12 -24.27
CA ILE I 101 -2.24 -16.01 -24.68
C ILE I 101 -2.36 -17.09 -23.62
N PHE I 102 -3.47 -17.13 -22.90
CA PHE I 102 -3.71 -18.00 -21.72
C PHE I 102 -4.37 -19.31 -22.18
N GLY I 103 -3.64 -20.43 -22.04
CA GLY I 103 -4.16 -21.80 -22.25
C GLY I 103 -5.11 -22.19 -21.13
N GLN I 104 -5.60 -23.43 -21.14
CA GLN I 104 -6.50 -23.97 -20.08
C GLN I 104 -5.75 -23.93 -18.74
N GLY I 105 -4.50 -24.39 -18.73
CA GLY I 105 -3.60 -24.36 -17.55
C GLY I 105 -3.81 -25.56 -16.65
N THR I 106 -2.76 -25.92 -15.88
CA THR I 106 -2.78 -26.98 -14.85
C THR I 106 -3.34 -26.39 -13.54
N THR I 107 -4.48 -26.90 -13.03
CA THR I 107 -5.02 -26.53 -11.70
C THR I 107 -4.32 -27.39 -10.64
N LEU I 108 -3.47 -26.78 -9.81
CA LEU I 108 -2.63 -27.46 -8.79
C LEU I 108 -3.35 -27.42 -7.44
N GLN I 109 -3.73 -28.58 -6.90
CA GLN I 109 -4.23 -28.74 -5.50
C GLN I 109 -3.04 -29.11 -4.59
N VAL I 110 -2.65 -28.20 -3.69
CA VAL I 110 -1.63 -28.48 -2.64
C VAL I 110 -2.35 -29.13 -1.46
N LYS I 111 -2.27 -30.45 -1.33
CA LYS I 111 -2.97 -31.24 -0.27
C LYS I 111 -2.33 -30.93 1.09
N PRO I 112 -3.10 -30.39 2.06
CA PRO I 112 -2.54 -29.98 3.35
C PRO I 112 -2.04 -31.19 4.17
N ASP I 113 -0.78 -31.15 4.61
CA ASP I 113 -0.19 -32.24 5.44
C ASP I 113 -0.83 -32.21 6.83
N ILE I 114 -1.78 -33.13 7.06
CA ILE I 114 -2.57 -33.27 8.33
C ILE I 114 -2.03 -34.47 9.10
N GLN I 115 -0.98 -34.24 9.89
CA GLN I 115 -0.21 -35.26 10.65
C GLN I 115 -1.15 -36.14 11.48
N ASN I 116 -2.20 -35.56 12.07
CA ASN I 116 -3.16 -36.29 12.96
C ASN I 116 -4.58 -36.00 12.50
N PRO I 117 -5.16 -36.82 11.59
CA PRO I 117 -6.54 -36.61 11.15
C PRO I 117 -7.51 -37.09 12.25
N ASP I 118 -8.71 -36.52 12.29
CA ASP I 118 -9.75 -36.79 13.32
C ASP I 118 -11.13 -36.54 12.73
N PRO I 119 -11.54 -37.27 11.67
CA PRO I 119 -12.77 -36.95 10.96
C PRO I 119 -13.96 -36.94 11.93
N ALA I 120 -14.92 -36.04 11.72
CA ALA I 120 -16.17 -35.96 12.50
C ALA I 120 -17.20 -35.12 11.74
N VAL I 121 -18.48 -35.38 11.97
CA VAL I 121 -19.61 -34.52 11.53
C VAL I 121 -20.22 -33.88 12.78
N TYR I 122 -20.27 -32.55 12.83
CA TYR I 122 -20.93 -31.76 13.90
C TYR I 122 -22.11 -31.01 13.29
N GLN I 123 -23.02 -30.53 14.13
CA GLN I 123 -24.23 -29.78 13.71
C GLN I 123 -24.28 -28.46 14.49
N LEU I 124 -24.20 -27.34 13.77
CA LEU I 124 -24.11 -25.98 14.36
C LEU I 124 -25.53 -25.36 14.36
N ARG I 125 -25.89 -24.71 15.46
CA ARG I 125 -27.22 -24.09 15.70
C ARG I 125 -27.15 -22.61 15.30
N ASP I 126 -28.24 -22.03 14.79
CA ASP I 126 -28.34 -20.58 14.44
C ASP I 126 -28.51 -19.75 15.72
N SER I 127 -27.89 -18.58 15.80
CA SER I 127 -28.17 -17.53 16.82
C SER I 127 -29.46 -16.80 16.42
N LYS I 128 -30.53 -16.97 17.21
CA LYS I 128 -31.95 -16.83 16.77
C LYS I 128 -32.25 -18.06 15.90
N SER I 129 -32.85 -19.10 16.49
CA SER I 129 -32.69 -20.51 16.06
C SER I 129 -34.05 -21.17 15.74
N SER I 130 -34.08 -22.51 15.80
CA SER I 130 -35.12 -23.45 15.27
C SER I 130 -34.76 -23.87 13.84
N ASP I 131 -33.88 -23.12 13.17
CA ASP I 131 -33.27 -23.46 11.85
C ASP I 131 -31.78 -23.79 12.06
N LYS I 132 -31.51 -24.74 12.96
CA LYS I 132 -30.20 -25.43 13.17
C LYS I 132 -29.49 -25.64 11.82
N SER I 133 -30.29 -25.88 10.78
CA SER I 133 -29.95 -25.85 9.33
C SER I 133 -28.60 -26.53 9.03
N VAL I 134 -27.48 -26.01 9.56
CA VAL I 134 -26.10 -26.26 9.03
C VAL I 134 -25.43 -27.46 9.72
N CYS I 135 -24.72 -28.26 8.93
CA CYS I 135 -23.83 -29.38 9.33
C CYS I 135 -22.39 -29.03 8.95
N LEU I 136 -21.42 -29.51 9.75
CA LEU I 136 -19.96 -29.31 9.50
C LEU I 136 -19.30 -30.69 9.52
N PHE I 137 -18.68 -31.08 8.41
CA PHE I 137 -17.75 -32.24 8.30
C PHE I 137 -16.32 -31.68 8.29
N THR I 138 -15.54 -31.93 9.34
CA THR I 138 -14.27 -31.23 9.64
C THR I 138 -13.21 -32.23 10.15
N ASP I 139 -11.94 -31.80 10.12
CA ASP I 139 -10.76 -32.52 10.68
C ASP I 139 -10.47 -33.83 9.94
N PHE I 140 -10.93 -33.98 8.69
CA PHE I 140 -10.69 -35.19 7.86
C PHE I 140 -9.38 -35.00 7.07
N ASP I 141 -8.72 -36.10 6.70
CA ASP I 141 -7.48 -36.10 5.88
C ASP I 141 -7.81 -35.53 4.50
N SER I 142 -6.85 -34.87 3.86
CA SER I 142 -7.02 -34.17 2.55
C SER I 142 -7.19 -35.15 1.39
N GLN I 143 -6.84 -36.43 1.59
CA GLN I 143 -6.98 -37.50 0.58
C GLN I 143 -8.46 -37.91 0.48
N THR I 144 -9.30 -37.45 1.41
CA THR I 144 -10.79 -37.55 1.38
C THR I 144 -11.35 -36.60 0.30
N ASN I 145 -12.40 -37.04 -0.39
CA ASN I 145 -13.14 -36.26 -1.42
C ASN I 145 -14.60 -36.15 -1.00
N VAL I 146 -15.17 -34.95 -1.14
CA VAL I 146 -16.55 -34.58 -0.69
C VAL I 146 -17.48 -34.63 -1.89
N SER I 147 -18.41 -35.59 -1.92
CA SER I 147 -19.41 -35.78 -3.01
C SER I 147 -20.44 -34.65 -2.99
N GLN I 148 -21.07 -34.41 -4.14
CA GLN I 148 -22.11 -33.37 -4.34
C GLN I 148 -23.47 -34.01 -4.03
N SER I 149 -24.49 -33.18 -3.79
CA SER I 149 -25.70 -33.51 -2.99
C SER I 149 -26.49 -34.68 -3.60
N LYS I 150 -26.88 -34.57 -4.87
CA LYS I 150 -27.84 -35.48 -5.57
C LYS I 150 -29.26 -35.33 -5.00
N ASP I 151 -29.40 -34.76 -3.79
CA ASP I 151 -30.69 -34.36 -3.16
C ASP I 151 -30.72 -32.82 -3.20
N SER I 152 -31.31 -32.24 -4.25
CA SER I 152 -31.20 -30.80 -4.63
C SER I 152 -31.91 -29.89 -3.61
N ASP I 153 -32.65 -30.47 -2.65
CA ASP I 153 -33.19 -29.78 -1.45
C ASP I 153 -32.07 -29.65 -0.40
N VAL I 154 -31.05 -30.50 -0.49
CA VAL I 154 -29.84 -30.49 0.39
C VAL I 154 -28.67 -29.85 -0.39
N TYR I 155 -27.79 -29.12 0.32
CA TYR I 155 -26.64 -28.37 -0.26
C TYR I 155 -25.37 -28.72 0.49
N ILE I 156 -24.30 -29.08 -0.24
CA ILE I 156 -22.94 -29.42 0.28
C ILE I 156 -21.92 -28.52 -0.42
N THR I 157 -20.96 -27.96 0.32
CA THR I 157 -19.88 -27.09 -0.20
C THR I 157 -18.68 -27.95 -0.62
N ASP I 158 -17.74 -27.34 -1.33
CA ASP I 158 -16.42 -27.95 -1.63
C ASP I 158 -15.61 -27.93 -0.33
N LYS I 159 -14.63 -28.83 -0.19
CA LYS I 159 -13.71 -28.87 0.98
C LYS I 159 -12.89 -27.58 0.98
N CYS I 160 -12.57 -27.06 2.17
CA CYS I 160 -11.93 -25.75 2.41
C CYS I 160 -10.88 -25.87 3.52
N VAL I 161 -9.60 -25.67 3.21
CA VAL I 161 -8.47 -25.74 4.19
C VAL I 161 -8.50 -24.49 5.06
N LEU I 162 -8.16 -24.65 6.33
CA LEU I 162 -8.24 -23.63 7.40
C LEU I 162 -6.98 -23.77 8.26
N ASP I 163 -6.37 -22.66 8.68
CA ASP I 163 -5.04 -22.64 9.35
C ASP I 163 -5.07 -21.68 10.53
N MET I 164 -5.00 -22.21 11.75
CA MET I 164 -4.87 -21.43 13.00
C MET I 164 -3.37 -21.37 13.33
N ARG I 165 -2.63 -20.50 12.62
CA ARG I 165 -1.16 -20.61 12.47
C ARG I 165 -0.47 -20.41 13.83
N SER I 166 -0.97 -19.49 14.66
CA SER I 166 -0.44 -19.26 16.04
C SER I 166 -0.36 -20.59 16.78
N MET I 167 -1.43 -21.39 16.70
CA MET I 167 -1.59 -22.72 17.38
C MET I 167 -0.91 -23.81 16.53
N ASP I 168 -0.54 -23.47 15.29
CA ASP I 168 0.12 -24.38 14.31
C ASP I 168 -0.77 -25.61 14.12
N PHE I 169 -1.90 -25.40 13.43
CA PHE I 169 -3.00 -26.39 13.30
C PHE I 169 -3.76 -26.14 11.99
N LYS I 170 -4.16 -27.20 11.28
CA LYS I 170 -4.87 -27.09 9.98
C LYS I 170 -5.98 -28.14 9.92
N SER I 171 -7.22 -27.70 9.68
CA SER I 171 -8.41 -28.58 9.55
C SER I 171 -9.00 -28.42 8.16
N ASN I 172 -9.37 -29.53 7.52
CA ASN I 172 -10.24 -29.52 6.31
C ASN I 172 -11.69 -29.46 6.78
N SER I 173 -12.52 -28.70 6.05
CA SER I 173 -13.93 -28.38 6.44
C SER I 173 -14.82 -28.44 5.20
N ALA I 174 -16.06 -28.86 5.36
CA ALA I 174 -17.10 -28.90 4.32
C ALA I 174 -18.47 -28.73 4.98
N VAL I 175 -19.20 -27.68 4.59
CA VAL I 175 -20.51 -27.28 5.18
C VAL I 175 -21.63 -27.90 4.35
N ALA I 176 -22.72 -28.29 5.00
CA ALA I 176 -23.93 -28.87 4.36
C ALA I 176 -25.17 -28.38 5.11
N TRP I 177 -26.24 -28.07 4.39
CA TRP I 177 -27.53 -27.60 4.98
C TRP I 177 -28.68 -28.00 4.04
N SER I 178 -29.88 -28.16 4.61
CA SER I 178 -31.14 -28.46 3.88
C SER I 178 -32.31 -27.80 4.61
N ASN I 179 -33.11 -26.99 3.88
CA ASN I 179 -34.32 -26.32 4.45
C ASN I 179 -35.51 -27.29 4.33
N LYS I 180 -35.23 -28.60 4.30
CA LYS I 180 -36.23 -29.70 4.28
C LYS I 180 -36.53 -30.12 5.73
N SER I 181 -35.84 -29.48 6.70
CA SER I 181 -36.27 -29.32 8.12
C SER I 181 -35.90 -30.55 8.95
N ASP I 182 -36.44 -31.71 8.58
CA ASP I 182 -36.36 -32.99 9.34
C ASP I 182 -35.14 -33.80 8.86
N PHE I 183 -34.05 -33.12 8.50
CA PHE I 183 -32.86 -33.67 7.81
C PHE I 183 -31.76 -33.90 8.86
N ALA I 184 -30.84 -34.83 8.59
CA ALA I 184 -29.79 -35.32 9.53
C ALA I 184 -28.40 -35.06 8.96
N CYS I 185 -27.46 -34.64 9.82
CA CYS I 185 -26.05 -34.30 9.48
C CYS I 185 -25.22 -35.57 9.29
N ALA I 186 -25.20 -36.43 10.31
CA ALA I 186 -24.63 -37.80 10.28
C ALA I 186 -24.72 -38.36 8.85
N ASN I 187 -25.95 -38.43 8.31
CA ASN I 187 -26.28 -39.12 7.03
C ASN I 187 -25.66 -38.34 5.86
N ALA I 188 -25.63 -37.01 5.93
CA ALA I 188 -25.01 -36.10 4.92
C ALA I 188 -23.52 -36.45 4.78
N PHE I 189 -22.91 -36.07 3.66
CA PHE I 189 -21.55 -36.51 3.27
C PHE I 189 -21.55 -38.06 3.24
N ASN I 190 -22.47 -38.62 2.44
CA ASN I 190 -22.73 -40.08 2.27
C ASN I 190 -21.44 -40.88 2.13
N ASN I 191 -21.33 -42.00 2.88
CA ASN I 191 -20.20 -42.96 2.85
C ASN I 191 -20.76 -44.39 2.80
N ALA J 3 3.54 -1.75 -3.53
CA ALA J 3 3.47 -1.55 -5.03
C ALA J 3 2.03 -1.79 -5.52
N GLY J 4 1.90 -2.40 -6.71
CA GLY J 4 0.65 -3.01 -7.17
C GLY J 4 -0.17 -2.09 -8.08
N VAL J 5 -0.71 -2.65 -9.16
CA VAL J 5 -1.71 -2.00 -10.06
C VAL J 5 -3.04 -1.93 -9.30
N THR J 6 -3.73 -0.79 -9.39
CA THR J 6 -5.06 -0.55 -8.77
C THR J 6 -6.10 -0.45 -9.88
N GLN J 7 -7.28 -1.05 -9.66
CA GLN J 7 -8.46 -0.97 -10.57
C GLN J 7 -9.68 -0.50 -9.78
N PHE J 8 -10.67 0.08 -10.48
CA PHE J 8 -11.93 0.62 -9.90
C PHE J 8 -13.00 0.62 -10.99
N PRO J 9 -14.24 0.17 -10.74
CA PRO J 9 -14.65 -0.37 -9.45
C PRO J 9 -14.33 -1.86 -9.30
N SER J 10 -14.34 -2.35 -8.06
CA SER J 10 -14.07 -3.79 -7.72
C SER J 10 -15.18 -4.67 -8.32
N HIS J 11 -16.40 -4.14 -8.43
CA HIS J 11 -17.60 -4.84 -8.98
C HIS J 11 -18.46 -3.87 -9.79
N SER J 12 -19.24 -4.41 -10.72
CA SER J 12 -20.22 -3.64 -11.54
C SER J 12 -21.35 -4.56 -11.99
N VAL J 13 -22.59 -4.14 -11.74
CA VAL J 13 -23.83 -4.85 -12.15
C VAL J 13 -24.77 -3.80 -12.77
N ILE J 14 -25.03 -3.91 -14.08
CA ILE J 14 -25.77 -2.89 -14.87
C ILE J 14 -26.82 -3.59 -15.75
N GLU J 15 -27.77 -2.81 -16.28
CA GLU J 15 -28.80 -3.26 -17.26
C GLU J 15 -28.22 -3.12 -18.66
N LYS J 16 -28.53 -4.07 -19.54
CA LYS J 16 -28.18 -4.02 -20.99
C LYS J 16 -28.63 -2.67 -21.55
N GLY J 17 -27.76 -1.98 -22.29
CA GLY J 17 -28.02 -0.64 -22.85
C GLY J 17 -27.30 0.46 -22.08
N GLN J 18 -27.12 0.28 -20.76
CA GLN J 18 -26.48 1.29 -19.86
C GLN J 18 -24.99 1.42 -20.18
N THR J 19 -24.37 2.53 -19.77
CA THR J 19 -22.93 2.85 -20.00
C THR J 19 -22.15 2.70 -18.68
N VAL J 20 -21.15 1.82 -18.68
CA VAL J 20 -20.16 1.66 -17.56
C VAL J 20 -18.79 2.11 -18.08
N THR J 21 -17.95 2.64 -17.19
CA THR J 21 -16.52 2.97 -17.46
C THR J 21 -15.65 2.37 -16.36
N LEU J 22 -14.67 1.56 -16.74
CA LEU J 22 -13.65 0.94 -15.84
C LEU J 22 -12.42 1.84 -15.80
N ARG J 23 -11.77 1.95 -14.64
CA ARG J 23 -10.50 2.69 -14.46
C ARG J 23 -9.40 1.71 -14.04
N CYS J 24 -8.16 2.07 -14.34
CA CYS J 24 -6.94 1.35 -13.92
C CYS J 24 -5.78 2.32 -13.72
N ASP J 25 -5.14 2.26 -12.55
CA ASP J 25 -3.90 3.03 -12.21
C ASP J 25 -2.72 2.09 -12.21
N PRO J 26 -1.77 2.21 -13.17
CA PRO J 26 -0.60 1.33 -13.21
C PRO J 26 0.44 1.69 -12.14
N ILE J 27 1.28 0.71 -11.77
CA ILE J 27 2.49 0.91 -10.93
C ILE J 27 3.24 2.13 -11.45
N SER J 28 3.37 3.18 -10.64
CA SER J 28 3.95 4.50 -11.02
C SER J 28 5.31 4.31 -11.70
N GLY J 29 5.47 4.86 -12.91
CA GLY J 29 6.72 4.80 -13.68
C GLY J 29 6.59 3.94 -14.93
N HIS J 30 5.76 2.90 -14.86
CA HIS J 30 5.57 1.88 -15.94
C HIS J 30 4.99 2.54 -17.20
N ASP J 31 5.79 2.56 -18.27
CA ASP J 31 5.39 3.12 -19.54
C ASP J 31 4.28 2.26 -20.17
N ASN J 32 4.30 0.94 -19.95
CA ASN J 32 3.39 -0.03 -20.64
C ASN J 32 2.18 -0.34 -19.77
N LEU J 33 0.97 -0.13 -20.31
CA LEU J 33 -0.32 -0.50 -19.67
C LEU J 33 -1.10 -1.41 -20.61
N TYR J 34 -1.64 -2.51 -20.08
CA TYR J 34 -2.40 -3.56 -20.83
C TYR J 34 -3.80 -3.70 -20.24
N TRP J 35 -4.79 -3.98 -21.10
CA TRP J 35 -6.13 -4.49 -20.73
C TRP J 35 -6.27 -5.93 -21.25
N TYR J 36 -6.62 -6.87 -20.37
CA TYR J 36 -7.07 -8.25 -20.68
C TYR J 36 -8.51 -8.39 -20.20
N ARG J 37 -9.19 -9.48 -20.53
CA ARG J 37 -10.51 -9.82 -19.95
C ARG J 37 -10.82 -11.31 -20.12
N ARG J 38 -11.69 -11.81 -19.24
CA ARG J 38 -12.22 -13.20 -19.25
C ARG J 38 -13.74 -13.10 -19.22
N VAL J 39 -14.38 -13.15 -20.40
CA VAL J 39 -15.84 -13.40 -20.53
C VAL J 39 -16.15 -14.75 -19.89
N MET J 40 -17.36 -14.93 -19.36
CA MET J 40 -17.81 -16.23 -18.77
C MET J 40 -17.50 -17.36 -19.77
N GLY J 41 -16.93 -18.47 -19.29
CA GLY J 41 -16.65 -19.66 -20.09
C GLY J 41 -15.22 -19.68 -20.62
N LYS J 42 -14.87 -18.70 -21.46
CA LYS J 42 -13.55 -18.60 -22.16
C LYS J 42 -12.44 -18.27 -21.15
N GLU J 43 -11.19 -18.33 -21.59
CA GLU J 43 -10.00 -18.02 -20.77
C GLU J 43 -9.77 -16.49 -20.77
N ILE J 44 -8.70 -16.03 -20.11
CA ILE J 44 -8.26 -14.61 -20.15
C ILE J 44 -7.78 -14.31 -21.58
N LYS J 45 -8.24 -13.21 -22.18
CA LYS J 45 -7.81 -12.77 -23.54
C LYS J 45 -7.31 -11.32 -23.50
N PHE J 46 -6.31 -11.00 -24.32
CA PHE J 46 -5.70 -9.66 -24.46
C PHE J 46 -6.68 -8.72 -25.18
N LEU J 47 -6.89 -7.52 -24.65
CA LEU J 47 -7.70 -6.45 -25.29
C LEU J 47 -6.77 -5.48 -26.02
N LEU J 48 -5.96 -4.74 -25.27
CA LEU J 48 -5.28 -3.50 -25.76
C LEU J 48 -3.94 -3.33 -25.04
N HIS J 49 -2.94 -2.74 -25.70
CA HIS J 49 -1.62 -2.38 -25.11
C HIS J 49 -1.31 -0.91 -25.41
N PHE J 50 -1.11 -0.10 -24.35
CA PHE J 50 -0.65 1.31 -24.40
C PHE J 50 0.85 1.35 -24.12
N VAL J 51 1.60 2.12 -24.91
CA VAL J 51 3.00 2.56 -24.59
C VAL J 51 2.93 4.08 -24.34
N LYS J 52 2.82 4.46 -23.07
CA LYS J 52 2.45 5.83 -22.63
C LYS J 52 1.06 6.14 -23.18
N GLU J 53 0.77 7.42 -23.47
CA GLU J 53 -0.56 7.84 -23.89
C GLU J 53 -0.98 7.15 -25.18
N SER J 54 -0.03 6.63 -25.96
CA SER J 54 -0.23 6.10 -27.34
C SER J 54 -0.61 4.62 -27.33
N LYS J 55 -1.69 4.27 -28.04
CA LYS J 55 -2.11 2.87 -28.29
C LYS J 55 -1.08 2.18 -29.19
N GLN J 56 -0.65 0.98 -28.83
CA GLN J 56 0.39 0.20 -29.53
C GLN J 56 -0.23 -1.03 -30.19
N ASP J 57 -1.20 -1.68 -29.53
CA ASP J 57 -1.88 -2.89 -30.05
C ASP J 57 -3.35 -2.87 -29.58
N GLU J 58 -4.28 -2.73 -30.53
CA GLU J 58 -5.76 -2.72 -30.31
C GLU J 58 -6.37 -4.08 -30.69
N SER J 59 -5.55 -5.01 -31.18
CA SER J 59 -5.97 -6.21 -31.94
C SER J 59 -7.06 -7.01 -31.20
N GLY J 60 -7.16 -6.88 -29.88
CA GLY J 60 -8.06 -7.67 -29.02
C GLY J 60 -9.34 -6.95 -28.64
N MET J 61 -9.48 -5.67 -29.03
CA MET J 61 -10.67 -4.84 -28.70
C MET J 61 -11.86 -5.32 -29.52
N PRO J 62 -12.99 -5.72 -28.87
CA PRO J 62 -14.06 -6.43 -29.56
C PRO J 62 -14.72 -5.69 -30.74
N ASN J 63 -15.16 -4.45 -30.52
CA ASN J 63 -16.09 -3.73 -31.43
C ASN J 63 -16.05 -2.23 -31.11
N ASN J 64 -16.95 -1.45 -31.71
CA ASN J 64 -17.05 0.03 -31.53
C ASN J 64 -17.61 0.37 -30.15
N ARG J 65 -18.35 -0.53 -29.48
CA ARG J 65 -19.00 -0.27 -28.17
C ARG J 65 -17.96 -0.10 -27.06
N PHE J 66 -16.78 -0.71 -27.22
CA PHE J 66 -15.63 -0.65 -26.27
C PHE J 66 -14.67 0.45 -26.70
N LEU J 67 -14.44 1.45 -25.83
CA LEU J 67 -13.51 2.59 -26.07
C LEU J 67 -12.58 2.74 -24.87
N ALA J 68 -11.27 2.79 -25.11
CA ALA J 68 -10.20 2.86 -24.08
C ALA J 68 -9.31 4.07 -24.36
N GLU J 69 -8.99 4.84 -23.32
CA GLU J 69 -8.19 6.08 -23.42
C GLU J 69 -7.19 6.13 -22.26
N ARG J 70 -5.97 6.58 -22.53
CA ARG J 70 -4.91 6.85 -21.52
C ARG J 70 -4.16 8.13 -21.93
N THR J 71 -4.90 9.18 -22.27
CA THR J 71 -4.39 10.48 -22.79
C THR J 71 -3.34 11.05 -21.84
N GLY J 72 -3.68 11.12 -20.56
CA GLY J 72 -2.71 11.46 -19.53
C GLY J 72 -1.87 10.24 -19.21
N GLY J 73 -0.85 9.95 -20.04
CA GLY J 73 -0.15 8.66 -20.13
C GLY J 73 0.17 7.98 -18.80
N THR J 74 -0.78 7.97 -17.86
CA THR J 74 -0.66 7.40 -16.49
C THR J 74 -1.79 6.38 -16.28
N TYR J 75 -2.91 6.79 -15.68
CA TYR J 75 -4.11 5.95 -15.46
C TYR J 75 -4.86 5.83 -16.79
N SER J 76 -5.62 4.76 -16.96
CA SER J 76 -6.37 4.42 -18.20
C SER J 76 -7.85 4.21 -17.87
N THR J 77 -8.74 4.66 -18.76
CA THR J 77 -10.20 4.43 -18.73
C THR J 77 -10.58 3.38 -19.77
N LEU J 78 -11.71 2.70 -19.57
CA LEU J 78 -12.32 1.76 -20.56
C LEU J 78 -13.85 1.87 -20.45
N LYS J 79 -14.49 2.44 -21.48
CA LYS J 79 -15.94 2.73 -21.50
C LYS J 79 -16.65 1.72 -22.41
N VAL J 80 -17.58 0.95 -21.86
CA VAL J 80 -18.55 0.10 -22.63
C VAL J 80 -19.83 0.92 -22.80
N GLN J 81 -20.24 1.17 -24.05
CA GLN J 81 -21.39 2.05 -24.37
C GLN J 81 -21.93 1.68 -25.76
N PRO J 82 -23.13 1.07 -25.86
CA PRO J 82 -23.88 0.60 -24.69
C PRO J 82 -23.42 -0.79 -24.22
N ALA J 83 -23.63 -1.10 -22.94
CA ALA J 83 -23.29 -2.41 -22.32
C ALA J 83 -24.27 -3.49 -22.80
N GLU J 84 -23.75 -4.68 -23.13
CA GLU J 84 -24.53 -5.84 -23.64
C GLU J 84 -24.23 -7.08 -22.77
N LEU J 85 -25.10 -8.09 -22.85
CA LEU J 85 -25.08 -9.30 -21.98
C LEU J 85 -23.74 -10.02 -22.13
N GLU J 86 -23.30 -10.24 -23.36
CA GLU J 86 -22.09 -11.04 -23.73
C GLU J 86 -20.82 -10.43 -23.13
N ASP J 87 -20.85 -9.14 -22.76
CA ASP J 87 -19.70 -8.42 -22.15
C ASP J 87 -19.39 -8.95 -20.74
N SER J 88 -20.39 -9.51 -20.07
CA SER J 88 -20.30 -10.05 -18.68
C SER J 88 -19.04 -10.92 -18.53
N GLY J 89 -18.10 -10.47 -17.69
CA GLY J 89 -16.84 -11.17 -17.36
C GLY J 89 -15.99 -10.34 -16.42
N VAL J 90 -14.74 -10.77 -16.19
CA VAL J 90 -13.74 -10.02 -15.37
C VAL J 90 -12.77 -9.31 -16.32
N TYR J 91 -12.51 -8.02 -16.06
CA TYR J 91 -11.61 -7.14 -16.84
C TYR J 91 -10.35 -6.86 -16.01
N PHE J 92 -9.23 -7.47 -16.41
CA PHE J 92 -7.91 -7.39 -15.74
C PHE J 92 -7.03 -6.37 -16.46
N CYS J 93 -6.61 -5.33 -15.74
CA CYS J 93 -5.57 -4.36 -16.16
C CYS J 93 -4.20 -4.90 -15.77
N ALA J 94 -3.15 -4.48 -16.46
CA ALA J 94 -1.73 -4.78 -16.11
C ALA J 94 -0.82 -3.64 -16.56
N SER J 95 0.31 -3.47 -15.88
CA SER J 95 1.41 -2.53 -16.24
C SER J 95 2.73 -3.32 -16.26
N SER J 96 3.76 -2.84 -16.96
CA SER J 96 5.03 -3.62 -17.08
C SER J 96 6.32 -2.81 -16.88
N GLN J 97 6.62 -1.82 -17.72
CA GLN J 97 7.95 -1.13 -17.76
C GLN J 97 8.94 -1.91 -18.64
N ASP J 98 9.16 -3.22 -18.42
CA ASP J 98 10.12 -4.03 -19.22
C ASP J 98 9.40 -4.80 -20.33
N ARG J 99 8.07 -4.96 -20.20
CA ARG J 99 7.23 -5.64 -21.17
C ARG J 99 7.44 -7.17 -21.10
N ASP J 100 8.19 -7.67 -20.11
CA ASP J 100 8.44 -9.12 -19.92
C ASP J 100 7.57 -9.62 -18.76
N THR J 101 7.75 -9.04 -17.59
CA THR J 101 6.90 -9.26 -16.39
C THR J 101 5.74 -8.26 -16.47
N GLN J 102 4.51 -8.74 -16.56
CA GLN J 102 3.30 -7.89 -16.51
C GLN J 102 2.68 -8.01 -15.13
N TYR J 103 2.55 -6.89 -14.41
CA TYR J 103 1.93 -6.82 -13.07
C TYR J 103 0.43 -6.55 -13.24
N PHE J 104 -0.42 -7.51 -12.86
CA PHE J 104 -1.90 -7.44 -13.02
C PHE J 104 -2.54 -6.85 -11.76
N GLY J 105 -3.63 -6.10 -11.94
CA GLY J 105 -4.46 -5.57 -10.85
C GLY J 105 -5.47 -6.61 -10.38
N PRO J 106 -6.34 -6.28 -9.40
CA PRO J 106 -7.29 -7.26 -8.85
C PRO J 106 -8.44 -7.57 -9.79
N GLY J 107 -8.67 -6.72 -10.81
CA GLY J 107 -9.70 -6.91 -11.84
C GLY J 107 -11.02 -6.26 -11.46
N THR J 108 -11.67 -5.58 -12.41
CA THR J 108 -13.07 -5.11 -12.33
C THR J 108 -14.00 -6.26 -12.77
N ARG J 109 -15.00 -6.59 -11.97
CA ARG J 109 -15.93 -7.71 -12.25
C ARG J 109 -17.27 -7.13 -12.73
N LEU J 110 -17.61 -7.38 -14.00
CA LEU J 110 -18.75 -6.75 -14.73
C LEU J 110 -19.82 -7.80 -15.05
N THR J 111 -21.08 -7.55 -14.63
CA THR J 111 -22.28 -8.37 -14.95
C THR J 111 -23.37 -7.46 -15.55
N VAL J 112 -23.55 -7.54 -16.86
CA VAL J 112 -24.63 -6.84 -17.61
C VAL J 112 -25.87 -7.75 -17.62
N LEU J 113 -27.02 -7.24 -17.17
CA LEU J 113 -28.23 -8.05 -16.85
C LEU J 113 -29.43 -7.56 -17.66
N GLU J 114 -30.09 -8.52 -18.32
CA GLU J 114 -31.30 -8.27 -19.10
C GLU J 114 -32.23 -7.30 -18.35
N ASP J 115 -32.52 -7.61 -17.09
CA ASP J 115 -33.58 -6.97 -16.27
C ASP J 115 -33.13 -6.97 -14.80
N LEU J 116 -33.03 -5.79 -14.18
CA LEU J 116 -32.47 -5.60 -12.82
C LEU J 116 -33.46 -6.05 -11.73
N LYS J 117 -34.65 -6.54 -12.10
CA LYS J 117 -35.72 -6.94 -11.13
C LYS J 117 -35.53 -8.39 -10.68
N ASN J 118 -34.37 -8.99 -10.96
CA ASN J 118 -33.97 -10.36 -10.53
C ASN J 118 -32.72 -10.28 -9.64
N VAL J 119 -32.20 -9.07 -9.41
CA VAL J 119 -31.10 -8.78 -8.45
C VAL J 119 -31.68 -8.84 -7.04
N PHE J 120 -31.08 -9.67 -6.18
CA PHE J 120 -31.42 -9.82 -4.75
C PHE J 120 -30.14 -9.72 -3.93
N PRO J 121 -30.18 -9.09 -2.72
CA PRO J 121 -29.05 -9.10 -1.80
C PRO J 121 -29.05 -10.38 -0.96
N PRO J 122 -27.98 -10.67 -0.19
CA PRO J 122 -27.90 -11.88 0.61
C PRO J 122 -28.59 -11.78 1.98
N GLU J 123 -29.23 -12.87 2.41
CA GLU J 123 -29.60 -13.11 3.83
C GLU J 123 -28.45 -13.92 4.45
N VAL J 124 -27.99 -13.51 5.64
CA VAL J 124 -26.73 -13.99 6.27
C VAL J 124 -27.01 -14.40 7.71
N ALA J 125 -26.73 -15.66 8.07
CA ALA J 125 -26.85 -16.21 9.43
C ALA J 125 -25.51 -16.80 9.89
N VAL J 126 -25.13 -16.53 11.14
CA VAL J 126 -23.96 -17.13 11.84
C VAL J 126 -24.49 -18.30 12.68
N PHE J 127 -23.89 -19.49 12.53
CA PHE J 127 -24.25 -20.71 13.29
C PHE J 127 -23.15 -20.96 14.34
N GLU J 128 -23.58 -21.21 15.58
CA GLU J 128 -22.73 -21.32 16.78
C GLU J 128 -22.05 -22.68 16.80
N PRO J 129 -20.83 -22.79 17.39
CA PRO J 129 -20.08 -24.04 17.41
C PRO J 129 -20.86 -25.19 18.06
N SER J 130 -20.58 -26.43 17.63
CA SER J 130 -21.18 -27.68 18.19
C SER J 130 -20.52 -28.00 19.53
N GLU J 131 -21.32 -28.19 20.59
CA GLU J 131 -20.82 -28.47 21.96
C GLU J 131 -19.97 -29.75 21.93
N ALA J 132 -20.37 -30.71 21.09
CA ALA J 132 -19.64 -31.97 20.78
C ALA J 132 -18.21 -31.66 20.35
N GLU J 133 -18.04 -30.77 19.37
CA GLU J 133 -16.72 -30.34 18.82
C GLU J 133 -15.85 -29.80 19.95
N ILE J 134 -16.40 -28.91 20.78
CA ILE J 134 -15.65 -28.12 21.78
C ILE J 134 -15.00 -29.08 22.80
N SER J 135 -15.71 -30.13 23.19
CA SER J 135 -15.21 -31.15 24.16
C SER J 135 -14.24 -32.11 23.45
N HIS J 136 -14.53 -32.51 22.21
CA HIS J 136 -13.69 -33.45 21.42
C HIS J 136 -12.34 -32.80 21.09
N THR J 137 -12.36 -31.63 20.45
CA THR J 137 -11.16 -30.98 19.83
C THR J 137 -10.57 -29.86 20.71
N GLN J 138 -11.32 -29.29 21.66
CA GLN J 138 -10.94 -28.05 22.40
C GLN J 138 -10.82 -26.88 21.41
N LYS J 139 -11.72 -26.86 20.42
CA LYS J 139 -11.83 -25.81 19.38
C LYS J 139 -13.30 -25.63 19.00
N ALA J 140 -13.65 -24.45 18.49
CA ALA J 140 -15.02 -24.05 18.13
C ALA J 140 -15.02 -23.42 16.73
N THR J 141 -15.43 -24.19 15.72
CA THR J 141 -15.73 -23.69 14.35
C THR J 141 -17.09 -23.00 14.39
N LEU J 142 -17.12 -21.69 14.12
CA LEU J 142 -18.35 -20.96 13.70
C LEU J 142 -18.49 -21.11 12.19
N VAL J 143 -19.71 -21.32 11.71
CA VAL J 143 -20.03 -21.29 10.25
C VAL J 143 -20.94 -20.09 10.01
N CYS J 144 -20.76 -19.42 8.88
CA CYS J 144 -21.61 -18.31 8.39
C CYS J 144 -22.14 -18.68 7.00
N LEU J 145 -23.40 -18.37 6.72
CA LEU J 145 -24.10 -18.78 5.47
C LEU J 145 -24.85 -17.57 4.88
N ALA J 146 -24.44 -17.12 3.69
CA ALA J 146 -25.08 -16.05 2.90
C ALA J 146 -25.87 -16.70 1.76
N THR J 147 -27.17 -16.44 1.68
CA THR J 147 -28.11 -17.16 0.77
C THR J 147 -29.01 -16.17 0.02
N GLY J 148 -29.50 -16.59 -1.15
CA GLY J 148 -30.57 -15.93 -1.92
C GLY J 148 -30.09 -14.72 -2.70
N PHE J 149 -28.76 -14.53 -2.83
CA PHE J 149 -28.15 -13.34 -3.49
C PHE J 149 -27.91 -13.61 -4.97
N TYR J 150 -28.03 -12.55 -5.79
CA TYR J 150 -27.86 -12.58 -7.26
C TYR J 150 -27.55 -11.17 -7.76
N PRO J 151 -26.56 -10.97 -8.65
CA PRO J 151 -25.62 -12.01 -9.08
C PRO J 151 -24.58 -12.33 -8.00
N ASP J 152 -23.65 -13.25 -8.26
CA ASP J 152 -22.69 -13.77 -7.25
C ASP J 152 -21.58 -12.74 -7.00
N HIS J 153 -21.97 -11.51 -6.62
CA HIS J 153 -21.06 -10.39 -6.29
C HIS J 153 -21.11 -10.13 -4.78
N VAL J 154 -20.41 -10.96 -4.01
CA VAL J 154 -20.26 -10.86 -2.53
C VAL J 154 -18.78 -11.03 -2.16
N GLU J 155 -18.31 -10.27 -1.17
CA GLU J 155 -17.05 -10.52 -0.43
C GLU J 155 -17.38 -10.73 1.05
N LEU J 156 -17.02 -11.90 1.60
CA LEU J 156 -17.26 -12.29 3.01
C LEU J 156 -15.99 -12.00 3.82
N SER J 157 -16.16 -11.47 5.04
CA SER J 157 -15.07 -11.17 6.00
C SER J 157 -15.55 -11.49 7.41
N TRP J 158 -14.65 -12.04 8.24
CA TRP J 158 -14.92 -12.35 9.67
C TRP J 158 -14.35 -11.23 10.54
N TRP J 159 -15.17 -10.68 11.45
CA TRP J 159 -14.79 -9.61 12.40
C TRP J 159 -14.98 -10.11 13.84
N VAL J 160 -13.89 -10.16 14.62
CA VAL J 160 -13.92 -10.49 16.07
C VAL J 160 -13.65 -9.20 16.84
N ASN J 161 -14.67 -8.66 17.51
CA ASN J 161 -14.57 -7.42 18.34
C ASN J 161 -14.00 -6.28 17.48
N GLY J 162 -14.67 -5.97 16.36
CA GLY J 162 -14.43 -4.75 15.57
C GLY J 162 -13.19 -4.82 14.71
N LYS J 163 -12.28 -5.77 14.96
CA LYS J 163 -11.10 -6.03 14.09
C LYS J 163 -11.42 -7.22 13.17
N GLU J 164 -10.99 -7.16 11.91
CA GLU J 164 -11.20 -8.21 10.88
C GLU J 164 -10.20 -9.35 11.12
N VAL J 165 -10.69 -10.57 11.34
CA VAL J 165 -9.83 -11.78 11.59
C VAL J 165 -9.48 -12.42 10.24
N HIS J 166 -8.28 -13.00 10.16
CA HIS J 166 -7.74 -13.71 8.97
C HIS J 166 -7.32 -15.14 9.36
N SER J 167 -6.56 -15.30 10.45
CA SER J 167 -6.12 -16.62 10.98
C SER J 167 -7.35 -17.44 11.42
N GLY J 168 -7.36 -18.73 11.10
CA GLY J 168 -8.41 -19.69 11.46
C GLY J 168 -9.68 -19.48 10.66
N VAL J 169 -9.62 -18.74 9.54
CA VAL J 169 -10.76 -18.50 8.61
C VAL J 169 -10.52 -19.30 7.34
N CYS J 170 -11.60 -19.63 6.65
CA CYS J 170 -11.60 -20.06 5.22
C CYS J 170 -13.04 -19.99 4.69
N THR J 171 -13.24 -19.37 3.53
CA THR J 171 -14.55 -19.25 2.84
C THR J 171 -14.48 -19.98 1.50
N ASP J 172 -15.61 -20.50 1.01
CA ASP J 172 -15.72 -21.19 -0.30
C ASP J 172 -15.15 -20.29 -1.40
N PRO J 173 -14.36 -20.82 -2.36
CA PRO J 173 -14.01 -20.05 -3.55
C PRO J 173 -15.25 -19.77 -4.40
N GLN J 174 -15.95 -20.82 -4.84
CA GLN J 174 -17.19 -20.74 -5.67
C GLN J 174 -18.39 -20.73 -4.72
N PRO J 175 -19.39 -19.83 -4.93
CA PRO J 175 -20.67 -19.97 -4.25
C PRO J 175 -21.54 -21.05 -4.94
N LEU J 176 -22.43 -21.70 -4.17
CA LEU J 176 -23.39 -22.72 -4.68
C LEU J 176 -24.55 -22.00 -5.37
N LYS J 177 -25.16 -22.64 -6.36
CA LYS J 177 -26.41 -22.21 -7.01
C LYS J 177 -27.58 -22.93 -6.32
N GLU J 178 -28.44 -22.20 -5.61
CA GLU J 178 -29.77 -22.71 -5.20
C GLU J 178 -30.58 -22.94 -6.48
N GLN J 179 -31.40 -24.00 -6.54
CA GLN J 179 -32.06 -24.46 -7.80
C GLN J 179 -30.97 -24.68 -8.85
N PRO J 180 -30.11 -25.72 -8.71
CA PRO J 180 -28.92 -25.86 -9.56
C PRO J 180 -29.24 -25.83 -11.06
N ALA J 181 -30.26 -26.61 -11.46
CA ALA J 181 -30.72 -26.78 -12.86
C ALA J 181 -30.93 -25.40 -13.53
N LEU J 182 -31.77 -24.57 -12.91
CA LEU J 182 -32.28 -23.28 -13.46
C LEU J 182 -31.13 -22.26 -13.58
N ASN J 183 -31.04 -21.56 -14.73
CA ASN J 183 -30.19 -20.36 -14.95
C ASN J 183 -31.06 -19.12 -14.65
N ASP J 184 -30.44 -18.02 -14.20
CA ASP J 184 -31.11 -16.92 -13.44
C ASP J 184 -31.42 -17.44 -12.03
N SER J 185 -30.53 -18.29 -11.50
CA SER J 185 -30.62 -18.90 -10.15
C SER J 185 -29.80 -18.07 -9.15
N ARG J 186 -30.33 -17.90 -7.94
CA ARG J 186 -29.71 -17.11 -6.84
C ARG J 186 -28.71 -18.01 -6.11
N TYR J 187 -27.63 -17.42 -5.60
CA TYR J 187 -26.45 -18.15 -5.08
C TYR J 187 -26.44 -18.17 -3.54
N ALA J 188 -25.62 -19.08 -3.00
CA ALA J 188 -25.34 -19.25 -1.55
C ALA J 188 -23.82 -19.41 -1.36
N LEU J 189 -23.30 -18.96 -0.21
CA LEU J 189 -21.85 -18.96 0.11
C LEU J 189 -21.66 -19.18 1.61
N SER J 190 -20.74 -20.08 1.98
CA SER J 190 -20.43 -20.47 3.39
C SER J 190 -18.99 -20.13 3.72
N SER J 191 -18.71 -19.90 5.01
CA SER J 191 -17.37 -19.63 5.59
C SER J 191 -17.29 -20.26 6.98
N ARG J 192 -16.08 -20.62 7.43
CA ARG J 192 -15.83 -21.10 8.80
C ARG J 192 -14.77 -20.19 9.43
N LEU J 193 -14.99 -19.78 10.68
CA LEU J 193 -13.97 -19.19 11.58
C LEU J 193 -13.78 -20.15 12.75
N ARG J 194 -12.61 -20.77 12.86
CA ARG J 194 -12.27 -21.67 14.00
C ARG J 194 -11.43 -20.87 15.00
N VAL J 195 -11.76 -21.00 16.29
CA VAL J 195 -11.06 -20.38 17.44
C VAL J 195 -10.86 -21.46 18.50
N SER J 196 -9.96 -21.23 19.47
CA SER J 196 -9.80 -22.07 20.68
C SER J 196 -11.14 -22.11 21.42
N ALA J 197 -11.50 -23.27 21.97
CA ALA J 197 -12.74 -23.49 22.74
C ALA J 197 -12.88 -22.38 23.80
N THR J 198 -11.79 -22.12 24.54
CA THR J 198 -11.68 -21.09 25.61
C THR J 198 -12.10 -19.72 25.07
N PHE J 199 -11.53 -19.31 23.94
CA PHE J 199 -11.80 -17.99 23.29
C PHE J 199 -13.29 -17.87 22.95
N TRP J 200 -13.91 -18.95 22.47
CA TRP J 200 -15.36 -18.99 22.12
C TRP J 200 -16.19 -18.92 23.39
N GLN J 201 -15.86 -19.72 24.40
CA GLN J 201 -16.61 -19.86 25.68
C GLN J 201 -16.65 -18.55 26.47
N ASN J 202 -15.79 -17.58 26.12
CA ASN J 202 -15.77 -16.21 26.71
C ASN J 202 -16.98 -15.42 26.23
N PRO J 203 -17.97 -15.11 27.11
CA PRO J 203 -19.17 -14.37 26.72
C PRO J 203 -18.88 -12.93 26.25
N ARG J 204 -17.72 -12.39 26.61
CA ARG J 204 -17.31 -11.01 26.25
C ARG J 204 -17.02 -10.91 24.74
N ASN J 205 -16.68 -12.02 24.07
CA ASN J 205 -16.23 -11.98 22.64
C ASN J 205 -17.43 -11.91 21.69
N HIS J 206 -17.41 -10.91 20.80
CA HIS J 206 -18.41 -10.65 19.73
C HIS J 206 -17.84 -11.16 18.39
N PHE J 207 -18.59 -12.04 17.72
CA PHE J 207 -18.26 -12.57 16.37
C PHE J 207 -19.26 -12.00 15.36
N ARG J 208 -18.75 -11.39 14.29
CA ARG J 208 -19.57 -10.80 13.19
C ARG J 208 -19.09 -11.39 11.86
N CYS J 209 -20.03 -11.88 11.06
CA CYS J 209 -19.81 -12.35 9.67
C CYS J 209 -20.34 -11.29 8.70
N GLN J 210 -19.45 -10.47 8.15
CA GLN J 210 -19.78 -9.34 7.23
C GLN J 210 -19.73 -9.84 5.79
N VAL J 211 -20.80 -9.61 5.03
CA VAL J 211 -20.89 -9.92 3.57
C VAL J 211 -21.21 -8.61 2.83
N GLN J 212 -20.23 -8.07 2.12
CA GLN J 212 -20.44 -6.91 1.20
C GLN J 212 -21.06 -7.45 -0.08
N PHE J 213 -22.25 -6.96 -0.43
CA PHE J 213 -22.99 -7.32 -1.68
C PHE J 213 -22.97 -6.11 -2.62
N TYR J 214 -22.79 -6.38 -3.92
CA TYR J 214 -22.75 -5.34 -4.98
C TYR J 214 -24.01 -5.49 -5.86
N GLY J 215 -24.87 -4.46 -5.84
CA GLY J 215 -26.14 -4.38 -6.60
C GLY J 215 -26.30 -3.04 -7.29
N LEU J 216 -27.52 -2.50 -7.28
CA LEU J 216 -27.90 -1.24 -7.97
C LEU J 216 -27.26 -0.05 -7.24
N SER J 217 -26.91 1.01 -7.97
CA SER J 217 -26.61 2.35 -7.42
C SER J 217 -27.93 3.10 -7.25
N GLU J 218 -27.91 4.22 -6.52
CA GLU J 218 -29.11 5.06 -6.24
C GLU J 218 -29.73 5.52 -7.57
N ASN J 219 -28.90 5.67 -8.61
CA ASN J 219 -29.31 6.09 -9.98
C ASN J 219 -30.42 5.18 -10.50
N ASP J 220 -30.12 3.89 -10.71
CA ASP J 220 -31.04 2.88 -11.30
C ASP J 220 -32.43 3.01 -10.68
N GLU J 221 -33.48 3.16 -11.50
CA GLU J 221 -34.89 3.21 -11.05
C GLU J 221 -35.29 1.81 -10.54
N TRP J 222 -36.46 1.67 -9.92
CA TRP J 222 -36.89 0.39 -9.30
C TRP J 222 -38.40 0.17 -9.52
N THR J 223 -39.26 0.80 -8.70
CA THR J 223 -40.75 0.73 -8.76
C THR J 223 -41.28 -0.51 -8.02
N GLN J 224 -40.50 -1.59 -7.93
CA GLN J 224 -40.92 -2.89 -7.32
C GLN J 224 -41.26 -2.67 -5.85
N ASP J 225 -42.23 -3.42 -5.33
CA ASP J 225 -42.86 -3.20 -4.00
C ASP J 225 -41.86 -3.56 -2.88
N ARG J 226 -40.88 -4.44 -3.16
CA ARG J 226 -39.79 -4.79 -2.20
C ARG J 226 -38.77 -3.64 -2.19
N ALA J 227 -37.77 -3.73 -1.30
CA ALA J 227 -36.68 -2.75 -1.14
C ALA J 227 -35.71 -2.83 -2.32
N LYS J 228 -35.00 -1.75 -2.61
CA LYS J 228 -34.08 -1.62 -3.78
C LYS J 228 -32.79 -2.38 -3.49
N PRO J 229 -32.48 -3.46 -4.25
CA PRO J 229 -31.31 -4.29 -3.98
C PRO J 229 -29.94 -3.62 -4.23
N VAL J 230 -29.70 -2.44 -3.64
CA VAL J 230 -28.48 -1.62 -3.86
C VAL J 230 -27.25 -2.38 -3.36
N THR J 231 -26.06 -1.84 -3.58
CA THR J 231 -24.80 -2.27 -2.94
C THR J 231 -24.91 -1.98 -1.44
N GLN J 232 -24.58 -2.93 -0.58
CA GLN J 232 -24.85 -2.85 0.88
C GLN J 232 -24.15 -3.98 1.63
N ILE J 233 -23.94 -3.77 2.94
CA ILE J 233 -23.32 -4.76 3.88
C ILE J 233 -24.44 -5.40 4.70
N VAL J 234 -24.77 -6.66 4.40
CA VAL J 234 -25.59 -7.55 5.26
C VAL J 234 -24.64 -8.30 6.18
N SER J 235 -25.04 -8.56 7.42
CA SER J 235 -24.18 -9.10 8.49
C SER J 235 -25.02 -9.92 9.48
N ALA J 236 -24.40 -10.94 10.07
CA ALA J 236 -24.96 -11.73 11.20
C ALA J 236 -23.95 -11.71 12.36
N GLU J 237 -24.46 -11.80 13.58
CA GLU J 237 -23.66 -11.68 14.83
C GLU J 237 -23.84 -12.97 15.65
N ALA J 238 -22.84 -13.26 16.50
CA ALA J 238 -22.89 -14.30 17.55
C ALA J 238 -21.98 -13.86 18.70
N TRP J 239 -22.48 -13.97 19.93
CA TRP J 239 -21.72 -13.75 21.18
C TRP J 239 -21.26 -15.10 21.73
N GLY J 240 -20.00 -15.17 22.17
CA GLY J 240 -19.45 -16.31 22.92
C GLY J 240 -20.37 -16.71 24.06
N ARG J 241 -20.32 -17.97 24.49
CA ARG J 241 -21.19 -18.52 25.56
C ARG J 241 -20.37 -19.49 26.43
N ALA J 242 -20.23 -19.17 27.72
CA ALA J 242 -19.70 -20.09 28.76
C ALA J 242 -20.74 -21.19 29.00
N ASP J 243 -21.98 -20.96 28.53
CA ASP J 243 -23.17 -21.83 28.69
C ASP J 243 -23.51 -21.91 30.18
#